data_3JZV
# 
_entry.id   3JZV 
# 
_audit_conform.dict_name       mmcif_pdbx.dic 
_audit_conform.dict_version    5.397 
_audit_conform.dict_location   http://mmcif.pdb.org/dictionaries/ascii/mmcif_pdbx.dic 
# 
loop_
_database_2.database_id 
_database_2.database_code 
_database_2.pdbx_database_accession 
_database_2.pdbx_DOI 
PDB   3JZV         pdb_00003jzv 10.2210/pdb3jzv/pdb 
RCSB  RCSB055368   ?            ?                   
WWPDB D_1000055368 ?            ?                   
# 
loop_
_pdbx_audit_revision_history.ordinal 
_pdbx_audit_revision_history.data_content_type 
_pdbx_audit_revision_history.major_revision 
_pdbx_audit_revision_history.minor_revision 
_pdbx_audit_revision_history.revision_date 
1 'Structure model' 1 0 2009-10-13 
2 'Structure model' 1 1 2011-07-13 
3 'Structure model' 1 2 2017-11-01 
4 'Structure model' 1 3 2021-02-10 
5 'Structure model' 1 4 2024-10-30 
# 
_pdbx_audit_revision_details.ordinal             1 
_pdbx_audit_revision_details.revision_ordinal    1 
_pdbx_audit_revision_details.data_content_type   'Structure model' 
_pdbx_audit_revision_details.provider            repository 
_pdbx_audit_revision_details.type                'Initial release' 
_pdbx_audit_revision_details.description         ? 
_pdbx_audit_revision_details.details             ? 
# 
loop_
_pdbx_audit_revision_group.ordinal 
_pdbx_audit_revision_group.revision_ordinal 
_pdbx_audit_revision_group.data_content_type 
_pdbx_audit_revision_group.group 
1 2 'Structure model' 'Source and taxonomy'       
2 2 'Structure model' 'Version format compliance' 
3 3 'Structure model' 'Refinement description'    
4 4 'Structure model' 'Database references'       
5 4 'Structure model' 'Derived calculations'      
6 4 'Structure model' 'Structure summary'         
7 5 'Structure model' 'Data collection'           
8 5 'Structure model' 'Database references'       
9 5 'Structure model' 'Structure summary'         
# 
loop_
_pdbx_audit_revision_category.ordinal 
_pdbx_audit_revision_category.revision_ordinal 
_pdbx_audit_revision_category.data_content_type 
_pdbx_audit_revision_category.category 
1  3 'Structure model' software                  
2  4 'Structure model' audit_author              
3  4 'Structure model' citation_author           
4  4 'Structure model' struct_conn               
5  4 'Structure model' struct_site               
6  5 'Structure model' chem_comp_atom            
7  5 'Structure model' chem_comp_bond            
8  5 'Structure model' database_2                
9  5 'Structure model' pdbx_entry_details        
10 5 'Structure model' pdbx_modification_feature 
# 
loop_
_pdbx_audit_revision_item.ordinal 
_pdbx_audit_revision_item.revision_ordinal 
_pdbx_audit_revision_item.data_content_type 
_pdbx_audit_revision_item.item 
1  3 'Structure model' '_software.classification'            
2  3 'Structure model' '_software.contact_author'            
3  3 'Structure model' '_software.contact_author_email'      
4  3 'Structure model' '_software.date'                      
5  3 'Structure model' '_software.language'                  
6  3 'Structure model' '_software.location'                  
7  3 'Structure model' '_software.name'                      
8  3 'Structure model' '_software.type'                      
9  3 'Structure model' '_software.version'                   
10 4 'Structure model' '_audit_author.identifier_ORCID'      
11 4 'Structure model' '_citation_author.identifier_ORCID'   
12 4 'Structure model' '_struct_conn.pdbx_leaving_atom_flag' 
13 4 'Structure model' '_struct_site.pdbx_auth_asym_id'      
14 4 'Structure model' '_struct_site.pdbx_auth_comp_id'      
15 4 'Structure model' '_struct_site.pdbx_auth_seq_id'       
16 5 'Structure model' '_database_2.pdbx_DOI'                
17 5 'Structure model' '_database_2.pdbx_database_accession' 
# 
_pdbx_database_status.entry_id                        3JZV 
_pdbx_database_status.status_code                     REL 
_pdbx_database_status.deposit_site                    RCSB 
_pdbx_database_status.process_site                    RCSB 
_pdbx_database_status.recvd_initial_deposition_date   2009-09-24 
_pdbx_database_status.status_code_sf                  REL 
_pdbx_database_status.status_code_mr                  ? 
_pdbx_database_status.SG_entry                        Y 
_pdbx_database_status.pdb_format_compatible           Y 
_pdbx_database_status.status_code_cs                  ? 
_pdbx_database_status.methods_development_category    ? 
_pdbx_database_status.status_code_nmr_data            ? 
# 
_pdbx_database_related.db_name        TargetDB 
_pdbx_database_related.db_id          NYSGXRC-9492b 
_pdbx_database_related.details        . 
_pdbx_database_related.content_type   unspecified 
# 
loop_
_audit_author.name 
_audit_author.pdbx_ordinal 
_audit_author.identifier_ORCID 
'Ramagopal, U.A.'                                                1 ?                   
'Toro, R.'                                                       2 ?                   
'Burley, S.K.'                                                   3 0000-0002-2487-9713 
'Almo, S.C.'                                                     4 ?                   
'New York SGX Research Center for Structural Genomics (NYSGXRC)' 5 ?                   
# 
_citation.id                        primary 
_citation.title                     'Crystal structure of Rru_A2000 from Rhodospirillum rubrum: A cupin-2 domain.' 
_citation.journal_abbrev            'To be Published' 
_citation.journal_volume            ? 
_citation.page_first                ? 
_citation.page_last                 ? 
_citation.year                      ? 
_citation.journal_id_ASTM           ? 
_citation.country                   ? 
_citation.journal_id_ISSN           ? 
_citation.journal_id_CSD            0353 
_citation.book_publisher            ? 
_citation.pdbx_database_id_PubMed   ? 
_citation.pdbx_database_id_DOI      ? 
# 
loop_
_citation_author.citation_id 
_citation_author.name 
_citation_author.ordinal 
_citation_author.identifier_ORCID 
primary 'Ramagopal, U.A.' 1 ?                   
primary 'Toro, R.'        2 ?                   
primary 'Burley, S.K.'    3 0000-0002-2487-9713 
primary 'Almo, S.C.'      4 ?                   
# 
loop_
_entity.id 
_entity.type 
_entity.src_method 
_entity.pdbx_description 
_entity.formula_weight 
_entity.pdbx_number_of_molecules 
_entity.pdbx_ec 
_entity.pdbx_mutation 
_entity.pdbx_fragment 
_entity.details 
1 polymer     man 'uncharacterized protein Rru_A2000' 18595.045 1  ? ? ? ? 
2 non-polymer syn 'MANGANESE (II) ION'                54.938    1  ? ? ? ? 
3 water       nat water                               18.015    12 ? ? ? ? 
# 
_entity_poly.entity_id                      1 
_entity_poly.type                           'polypeptide(L)' 
_entity_poly.nstd_linkage                   no 
_entity_poly.nstd_monomer                   yes 
_entity_poly.pdbx_seq_one_letter_code       
;(MSE)SLSDSNDDRPFRPFQSQYRWPGVDLLAYKEEGSAPFRSVTRQVLFSGNGLTGELRYFEVGPGGHSTLERHQHAHG
V(MSE)ILKGRGHA(MSE)VGRAVSAVAPYDLVTIPGWSWHQFRAPADEALGFLC(MSE)VNAERDKPQLPTEADLA
(MSE)LRADDAVAAFLDGLAGEGHHHHHH
;
_entity_poly.pdbx_seq_one_letter_code_can   
;MSLSDSNDDRPFRPFQSQYRWPGVDLLAYKEEGSAPFRSVTRQVLFSGNGLTGELRYFEVGPGGHSTLERHQHAHGVMIL
KGRGHAMVGRAVSAVAPYDLVTIPGWSWHQFRAPADEALGFLCMVNAERDKPQLPTEADLAMLRADDAVAAFLDGLAGEG
HHHHHH
;
_entity_poly.pdbx_strand_id                 A 
_entity_poly.pdbx_target_identifier         NYSGXRC-9492b 
# 
loop_
_pdbx_entity_nonpoly.entity_id 
_pdbx_entity_nonpoly.name 
_pdbx_entity_nonpoly.comp_id 
2 'MANGANESE (II) ION' MN  
3 water                HOH 
# 
loop_
_entity_poly_seq.entity_id 
_entity_poly_seq.num 
_entity_poly_seq.mon_id 
_entity_poly_seq.hetero 
1 1   MSE n 
1 2   SER n 
1 3   LEU n 
1 4   SER n 
1 5   ASP n 
1 6   SER n 
1 7   ASN n 
1 8   ASP n 
1 9   ASP n 
1 10  ARG n 
1 11  PRO n 
1 12  PHE n 
1 13  ARG n 
1 14  PRO n 
1 15  PHE n 
1 16  GLN n 
1 17  SER n 
1 18  GLN n 
1 19  TYR n 
1 20  ARG n 
1 21  TRP n 
1 22  PRO n 
1 23  GLY n 
1 24  VAL n 
1 25  ASP n 
1 26  LEU n 
1 27  LEU n 
1 28  ALA n 
1 29  TYR n 
1 30  LYS n 
1 31  GLU n 
1 32  GLU n 
1 33  GLY n 
1 34  SER n 
1 35  ALA n 
1 36  PRO n 
1 37  PHE n 
1 38  ARG n 
1 39  SER n 
1 40  VAL n 
1 41  THR n 
1 42  ARG n 
1 43  GLN n 
1 44  VAL n 
1 45  LEU n 
1 46  PHE n 
1 47  SER n 
1 48  GLY n 
1 49  ASN n 
1 50  GLY n 
1 51  LEU n 
1 52  THR n 
1 53  GLY n 
1 54  GLU n 
1 55  LEU n 
1 56  ARG n 
1 57  TYR n 
1 58  PHE n 
1 59  GLU n 
1 60  VAL n 
1 61  GLY n 
1 62  PRO n 
1 63  GLY n 
1 64  GLY n 
1 65  HIS n 
1 66  SER n 
1 67  THR n 
1 68  LEU n 
1 69  GLU n 
1 70  ARG n 
1 71  HIS n 
1 72  GLN n 
1 73  HIS n 
1 74  ALA n 
1 75  HIS n 
1 76  GLY n 
1 77  VAL n 
1 78  MSE n 
1 79  ILE n 
1 80  LEU n 
1 81  LYS n 
1 82  GLY n 
1 83  ARG n 
1 84  GLY n 
1 85  HIS n 
1 86  ALA n 
1 87  MSE n 
1 88  VAL n 
1 89  GLY n 
1 90  ARG n 
1 91  ALA n 
1 92  VAL n 
1 93  SER n 
1 94  ALA n 
1 95  VAL n 
1 96  ALA n 
1 97  PRO n 
1 98  TYR n 
1 99  ASP n 
1 100 LEU n 
1 101 VAL n 
1 102 THR n 
1 103 ILE n 
1 104 PRO n 
1 105 GLY n 
1 106 TRP n 
1 107 SER n 
1 108 TRP n 
1 109 HIS n 
1 110 GLN n 
1 111 PHE n 
1 112 ARG n 
1 113 ALA n 
1 114 PRO n 
1 115 ALA n 
1 116 ASP n 
1 117 GLU n 
1 118 ALA n 
1 119 LEU n 
1 120 GLY n 
1 121 PHE n 
1 122 LEU n 
1 123 CYS n 
1 124 MSE n 
1 125 VAL n 
1 126 ASN n 
1 127 ALA n 
1 128 GLU n 
1 129 ARG n 
1 130 ASP n 
1 131 LYS n 
1 132 PRO n 
1 133 GLN n 
1 134 LEU n 
1 135 PRO n 
1 136 THR n 
1 137 GLU n 
1 138 ALA n 
1 139 ASP n 
1 140 LEU n 
1 141 ALA n 
1 142 MSE n 
1 143 LEU n 
1 144 ARG n 
1 145 ALA n 
1 146 ASP n 
1 147 ASP n 
1 148 ALA n 
1 149 VAL n 
1 150 ALA n 
1 151 ALA n 
1 152 PHE n 
1 153 LEU n 
1 154 ASP n 
1 155 GLY n 
1 156 LEU n 
1 157 ALA n 
1 158 GLY n 
1 159 GLU n 
1 160 GLY n 
1 161 HIS n 
1 162 HIS n 
1 163 HIS n 
1 164 HIS n 
1 165 HIS n 
1 166 HIS n 
# 
_entity_src_gen.entity_id                          1 
_entity_src_gen.pdbx_src_id                        1 
_entity_src_gen.pdbx_alt_source_flag               sample 
_entity_src_gen.pdbx_seq_type                      ? 
_entity_src_gen.pdbx_beg_seq_num                   ? 
_entity_src_gen.pdbx_end_seq_num                   ? 
_entity_src_gen.gene_src_common_name               ? 
_entity_src_gen.gene_src_genus                     ? 
_entity_src_gen.pdbx_gene_src_gene                 Rru_A2000 
_entity_src_gen.gene_src_species                   ? 
_entity_src_gen.gene_src_strain                    'ATCC 11170' 
_entity_src_gen.gene_src_tissue                    ? 
_entity_src_gen.gene_src_tissue_fraction           ? 
_entity_src_gen.gene_src_details                   ? 
_entity_src_gen.pdbx_gene_src_fragment             ? 
_entity_src_gen.pdbx_gene_src_scientific_name      'Rhodospirillum rubrum' 
_entity_src_gen.pdbx_gene_src_ncbi_taxonomy_id     269796 
_entity_src_gen.pdbx_gene_src_variant              ? 
_entity_src_gen.pdbx_gene_src_cell_line            ? 
_entity_src_gen.pdbx_gene_src_atcc                 ? 
_entity_src_gen.pdbx_gene_src_organ                ? 
_entity_src_gen.pdbx_gene_src_organelle            ? 
_entity_src_gen.pdbx_gene_src_cell                 ? 
_entity_src_gen.pdbx_gene_src_cellular_location    ? 
_entity_src_gen.host_org_common_name               ? 
_entity_src_gen.pdbx_host_org_scientific_name      'Escherichia coli BL21(DE3)' 
_entity_src_gen.pdbx_host_org_ncbi_taxonomy_id     469008 
_entity_src_gen.host_org_genus                     ? 
_entity_src_gen.pdbx_host_org_gene                 ? 
_entity_src_gen.pdbx_host_org_organ                ? 
_entity_src_gen.host_org_species                   ? 
_entity_src_gen.pdbx_host_org_tissue               ? 
_entity_src_gen.pdbx_host_org_tissue_fraction      ? 
_entity_src_gen.pdbx_host_org_strain               'BL21(DE3)' 
_entity_src_gen.pdbx_host_org_variant              ? 
_entity_src_gen.pdbx_host_org_cell_line            ? 
_entity_src_gen.pdbx_host_org_atcc                 ? 
_entity_src_gen.pdbx_host_org_culture_collection   ? 
_entity_src_gen.pdbx_host_org_cell                 ? 
_entity_src_gen.pdbx_host_org_organelle            ? 
_entity_src_gen.pdbx_host_org_cellular_location    ? 
_entity_src_gen.pdbx_host_org_vector_type          ? 
_entity_src_gen.pdbx_host_org_vector               ? 
_entity_src_gen.host_org_details                   ? 
_entity_src_gen.expression_system_id               ? 
_entity_src_gen.plasmid_name                       plasmid 
_entity_src_gen.plasmid_details                    ? 
_entity_src_gen.pdbx_description                   'BC-pSGX4(BC)' 
# 
loop_
_chem_comp.id 
_chem_comp.type 
_chem_comp.mon_nstd_flag 
_chem_comp.name 
_chem_comp.pdbx_synonyms 
_chem_comp.formula 
_chem_comp.formula_weight 
ALA 'L-peptide linking' y ALANINE              ? 'C3 H7 N O2'     89.093  
ARG 'L-peptide linking' y ARGININE             ? 'C6 H15 N4 O2 1' 175.209 
ASN 'L-peptide linking' y ASPARAGINE           ? 'C4 H8 N2 O3'    132.118 
ASP 'L-peptide linking' y 'ASPARTIC ACID'      ? 'C4 H7 N O4'     133.103 
CYS 'L-peptide linking' y CYSTEINE             ? 'C3 H7 N O2 S'   121.158 
GLN 'L-peptide linking' y GLUTAMINE            ? 'C5 H10 N2 O3'   146.144 
GLU 'L-peptide linking' y 'GLUTAMIC ACID'      ? 'C5 H9 N O4'     147.129 
GLY 'peptide linking'   y GLYCINE              ? 'C2 H5 N O2'     75.067  
HIS 'L-peptide linking' y HISTIDINE            ? 'C6 H10 N3 O2 1' 156.162 
HOH non-polymer         . WATER                ? 'H2 O'           18.015  
ILE 'L-peptide linking' y ISOLEUCINE           ? 'C6 H13 N O2'    131.173 
LEU 'L-peptide linking' y LEUCINE              ? 'C6 H13 N O2'    131.173 
LYS 'L-peptide linking' y LYSINE               ? 'C6 H15 N2 O2 1' 147.195 
MN  non-polymer         . 'MANGANESE (II) ION' ? 'Mn 2'           54.938  
MSE 'L-peptide linking' n SELENOMETHIONINE     ? 'C5 H11 N O2 Se' 196.106 
PHE 'L-peptide linking' y PHENYLALANINE        ? 'C9 H11 N O2'    165.189 
PRO 'L-peptide linking' y PROLINE              ? 'C5 H9 N O2'     115.130 
SER 'L-peptide linking' y SERINE               ? 'C3 H7 N O3'     105.093 
THR 'L-peptide linking' y THREONINE            ? 'C4 H9 N O3'     119.119 
TRP 'L-peptide linking' y TRYPTOPHAN           ? 'C11 H12 N2 O2'  204.225 
TYR 'L-peptide linking' y TYROSINE             ? 'C9 H11 N O3'    181.189 
VAL 'L-peptide linking' y VALINE               ? 'C5 H11 N O2'    117.146 
# 
loop_
_pdbx_poly_seq_scheme.asym_id 
_pdbx_poly_seq_scheme.entity_id 
_pdbx_poly_seq_scheme.seq_id 
_pdbx_poly_seq_scheme.mon_id 
_pdbx_poly_seq_scheme.ndb_seq_num 
_pdbx_poly_seq_scheme.pdb_seq_num 
_pdbx_poly_seq_scheme.auth_seq_num 
_pdbx_poly_seq_scheme.pdb_mon_id 
_pdbx_poly_seq_scheme.auth_mon_id 
_pdbx_poly_seq_scheme.pdb_strand_id 
_pdbx_poly_seq_scheme.pdb_ins_code 
_pdbx_poly_seq_scheme.hetero 
A 1 1   MSE 1   -1  ?   ?   ?   A . n 
A 1 2   SER 2   0   ?   ?   ?   A . n 
A 1 3   LEU 3   1   ?   ?   ?   A . n 
A 1 4   SER 4   2   ?   ?   ?   A . n 
A 1 5   ASP 5   3   ?   ?   ?   A . n 
A 1 6   SER 6   4   ?   ?   ?   A . n 
A 1 7   ASN 7   5   ?   ?   ?   A . n 
A 1 8   ASP 8   6   ?   ?   ?   A . n 
A 1 9   ASP 9   7   ?   ?   ?   A . n 
A 1 10  ARG 10  8   8   ARG ARG A . n 
A 1 11  PRO 11  9   9   PRO PRO A . n 
A 1 12  PHE 12  10  10  PHE PHE A . n 
A 1 13  ARG 13  11  11  ARG ARG A . n 
A 1 14  PRO 14  12  12  PRO PRO A . n 
A 1 15  PHE 15  13  13  PHE PHE A . n 
A 1 16  GLN 16  14  14  GLN GLN A . n 
A 1 17  SER 17  15  15  SER SER A . n 
A 1 18  GLN 18  16  16  GLN GLN A . n 
A 1 19  TYR 19  17  17  TYR TYR A . n 
A 1 20  ARG 20  18  18  ARG ARG A . n 
A 1 21  TRP 21  19  19  TRP TRP A . n 
A 1 22  PRO 22  20  20  PRO PRO A . n 
A 1 23  GLY 23  21  21  GLY GLY A . n 
A 1 24  VAL 24  22  22  VAL VAL A . n 
A 1 25  ASP 25  23  23  ASP ASP A . n 
A 1 26  LEU 26  24  24  LEU LEU A . n 
A 1 27  LEU 27  25  25  LEU LEU A . n 
A 1 28  ALA 28  26  26  ALA ALA A . n 
A 1 29  TYR 29  27  27  TYR TYR A . n 
A 1 30  LYS 30  28  28  LYS LYS A . n 
A 1 31  GLU 31  29  29  GLU GLU A . n 
A 1 32  GLU 32  30  30  GLU GLU A . n 
A 1 33  GLY 33  31  ?   ?   ?   A . n 
A 1 34  SER 34  32  32  SER SER A . n 
A 1 35  ALA 35  33  33  ALA ALA A . n 
A 1 36  PRO 36  34  34  PRO PRO A . n 
A 1 37  PHE 37  35  35  PHE PHE A . n 
A 1 38  ARG 38  36  36  ARG ARG A . n 
A 1 39  SER 39  37  37  SER SER A . n 
A 1 40  VAL 40  38  38  VAL VAL A . n 
A 1 41  THR 41  39  39  THR THR A . n 
A 1 42  ARG 42  40  40  ARG ARG A . n 
A 1 43  GLN 43  41  41  GLN GLN A . n 
A 1 44  VAL 44  42  42  VAL VAL A . n 
A 1 45  LEU 45  43  43  LEU LEU A . n 
A 1 46  PHE 46  44  44  PHE PHE A . n 
A 1 47  SER 47  45  45  SER SER A . n 
A 1 48  GLY 48  46  46  GLY GLY A . n 
A 1 49  ASN 49  47  47  ASN ASN A . n 
A 1 50  GLY 50  48  48  GLY GLY A . n 
A 1 51  LEU 51  49  49  LEU LEU A . n 
A 1 52  THR 52  50  50  THR THR A . n 
A 1 53  GLY 53  51  51  GLY GLY A . n 
A 1 54  GLU 54  52  52  GLU GLU A . n 
A 1 55  LEU 55  53  53  LEU LEU A . n 
A 1 56  ARG 56  54  54  ARG ARG A . n 
A 1 57  TYR 57  55  55  TYR TYR A . n 
A 1 58  PHE 58  56  56  PHE PHE A . n 
A 1 59  GLU 59  57  57  GLU GLU A . n 
A 1 60  VAL 60  58  58  VAL VAL A . n 
A 1 61  GLY 61  59  59  GLY GLY A . n 
A 1 62  PRO 62  60  60  PRO PRO A . n 
A 1 63  GLY 63  61  61  GLY GLY A . n 
A 1 64  GLY 64  62  62  GLY GLY A . n 
A 1 65  HIS 65  63  63  HIS HIS A . n 
A 1 66  SER 66  64  64  SER SER A . n 
A 1 67  THR 67  65  65  THR THR A . n 
A 1 68  LEU 68  66  66  LEU LEU A . n 
A 1 69  GLU 69  67  67  GLU GLU A . n 
A 1 70  ARG 70  68  68  ARG ARG A . n 
A 1 71  HIS 71  69  69  HIS HIS A . n 
A 1 72  GLN 72  70  70  GLN GLN A . n 
A 1 73  HIS 73  71  71  HIS HIS A . n 
A 1 74  ALA 74  72  72  ALA ALA A . n 
A 1 75  HIS 75  73  73  HIS HIS A . n 
A 1 76  GLY 76  74  74  GLY GLY A . n 
A 1 77  VAL 77  75  75  VAL VAL A . n 
A 1 78  MSE 78  76  76  MSE MSE A . n 
A 1 79  ILE 79  77  77  ILE ILE A . n 
A 1 80  LEU 80  78  78  LEU LEU A . n 
A 1 81  LYS 81  79  79  LYS LYS A . n 
A 1 82  GLY 82  80  80  GLY GLY A . n 
A 1 83  ARG 83  81  81  ARG ARG A . n 
A 1 84  GLY 84  82  82  GLY GLY A . n 
A 1 85  HIS 85  83  83  HIS HIS A . n 
A 1 86  ALA 86  84  84  ALA ALA A . n 
A 1 87  MSE 87  85  85  MSE MSE A . n 
A 1 88  VAL 88  86  86  VAL VAL A . n 
A 1 89  GLY 89  87  87  GLY GLY A . n 
A 1 90  ARG 90  88  88  ARG ARG A . n 
A 1 91  ALA 91  89  89  ALA ALA A . n 
A 1 92  VAL 92  90  90  VAL VAL A . n 
A 1 93  SER 93  91  91  SER SER A . n 
A 1 94  ALA 94  92  92  ALA ALA A . n 
A 1 95  VAL 95  93  93  VAL VAL A . n 
A 1 96  ALA 96  94  94  ALA ALA A . n 
A 1 97  PRO 97  95  95  PRO PRO A . n 
A 1 98  TYR 98  96  96  TYR TYR A . n 
A 1 99  ASP 99  97  97  ASP ASP A . n 
A 1 100 LEU 100 98  98  LEU LEU A . n 
A 1 101 VAL 101 99  99  VAL VAL A . n 
A 1 102 THR 102 100 100 THR THR A . n 
A 1 103 ILE 103 101 101 ILE ILE A . n 
A 1 104 PRO 104 102 102 PRO PRO A . n 
A 1 105 GLY 105 103 103 GLY GLY A . n 
A 1 106 TRP 106 104 104 TRP TRP A . n 
A 1 107 SER 107 105 105 SER SER A . n 
A 1 108 TRP 108 106 106 TRP TRP A . n 
A 1 109 HIS 109 107 107 HIS HIS A . n 
A 1 110 GLN 110 108 108 GLN GLN A . n 
A 1 111 PHE 111 109 109 PHE PHE A . n 
A 1 112 ARG 112 110 110 ARG ARG A . n 
A 1 113 ALA 113 111 111 ALA ALA A . n 
A 1 114 PRO 114 112 112 PRO PRO A . n 
A 1 115 ALA 115 113 113 ALA ALA A . n 
A 1 116 ASP 116 114 114 ASP ASP A . n 
A 1 117 GLU 117 115 115 GLU GLU A . n 
A 1 118 ALA 118 116 116 ALA ALA A . n 
A 1 119 LEU 119 117 117 LEU LEU A . n 
A 1 120 GLY 120 118 118 GLY GLY A . n 
A 1 121 PHE 121 119 119 PHE PHE A . n 
A 1 122 LEU 122 120 120 LEU LEU A . n 
A 1 123 CYS 123 121 121 CYS CYS A . n 
A 1 124 MSE 124 122 122 MSE MSE A . n 
A 1 125 VAL 125 123 123 VAL VAL A . n 
A 1 126 ASN 126 124 124 ASN ASN A . n 
A 1 127 ALA 127 125 125 ALA ALA A . n 
A 1 128 GLU 128 126 126 GLU GLU A . n 
A 1 129 ARG 129 127 127 ARG ARG A . n 
A 1 130 ASP 130 128 128 ASP ASP A . n 
A 1 131 LYS 131 129 129 LYS LYS A . n 
A 1 132 PRO 132 130 130 PRO PRO A . n 
A 1 133 GLN 133 131 131 GLN GLN A . n 
A 1 134 LEU 134 132 132 LEU LEU A . n 
A 1 135 PRO 135 133 133 PRO PRO A . n 
A 1 136 THR 136 134 134 THR THR A . n 
A 1 137 GLU 137 135 135 GLU GLU A . n 
A 1 138 ALA 138 136 136 ALA ALA A . n 
A 1 139 ASP 139 137 137 ASP ASP A . n 
A 1 140 LEU 140 138 138 LEU LEU A . n 
A 1 141 ALA 141 139 139 ALA ALA A . n 
A 1 142 MSE 142 140 140 MSE MSE A . n 
A 1 143 LEU 143 141 141 LEU LEU A . n 
A 1 144 ARG 144 142 142 ARG ARG A . n 
A 1 145 ALA 145 143 143 ALA ALA A . n 
A 1 146 ASP 146 144 144 ASP ASP A . n 
A 1 147 ASP 147 145 145 ASP ASP A . n 
A 1 148 ALA 148 146 146 ALA ALA A . n 
A 1 149 VAL 149 147 147 VAL VAL A . n 
A 1 150 ALA 150 148 148 ALA ALA A . n 
A 1 151 ALA 151 149 149 ALA ALA A . n 
A 1 152 PHE 152 150 150 PHE PHE A . n 
A 1 153 LEU 153 151 151 LEU LEU A . n 
A 1 154 ASP 154 152 152 ASP ASP A . n 
A 1 155 GLY 155 153 153 GLY GLY A . n 
A 1 156 LEU 156 154 154 LEU LEU A . n 
A 1 157 ALA 157 155 155 ALA ALA A . n 
A 1 158 GLY 158 156 156 GLY GLY A . n 
A 1 159 GLU 159 157 ?   ?   ?   A . n 
A 1 160 GLY 160 158 ?   ?   ?   A . n 
A 1 161 HIS 161 159 ?   ?   ?   A . n 
A 1 162 HIS 162 160 ?   ?   ?   A . n 
A 1 163 HIS 163 161 ?   ?   ?   A . n 
A 1 164 HIS 164 162 ?   ?   ?   A . n 
A 1 165 HIS 165 163 ?   ?   ?   A . n 
A 1 166 HIS 166 164 ?   ?   ?   A . n 
# 
loop_
_pdbx_nonpoly_scheme.asym_id 
_pdbx_nonpoly_scheme.entity_id 
_pdbx_nonpoly_scheme.mon_id 
_pdbx_nonpoly_scheme.ndb_seq_num 
_pdbx_nonpoly_scheme.pdb_seq_num 
_pdbx_nonpoly_scheme.auth_seq_num 
_pdbx_nonpoly_scheme.pdb_mon_id 
_pdbx_nonpoly_scheme.auth_mon_id 
_pdbx_nonpoly_scheme.pdb_strand_id 
_pdbx_nonpoly_scheme.pdb_ins_code 
B 2 MN  1  200 200 MN  MN  A . 
C 3 HOH 1  165 1   HOH HOH A . 
C 3 HOH 2  166 2   HOH HOH A . 
C 3 HOH 3  167 4   HOH HOH A . 
C 3 HOH 4  168 8   HOH HOH A . 
C 3 HOH 5  169 10  HOH HOH A . 
C 3 HOH 6  170 11  HOH HOH A . 
C 3 HOH 7  171 15  HOH HOH A . 
C 3 HOH 8  172 19  HOH HOH A . 
C 3 HOH 9  173 20  HOH HOH A . 
C 3 HOH 10 174 21  HOH HOH A . 
C 3 HOH 11 175 22  HOH HOH A . 
C 3 HOH 12 176 23  HOH HOH A . 
# 
loop_
_pdbx_unobs_or_zero_occ_atoms.id 
_pdbx_unobs_or_zero_occ_atoms.PDB_model_num 
_pdbx_unobs_or_zero_occ_atoms.polymer_flag 
_pdbx_unobs_or_zero_occ_atoms.occupancy_flag 
_pdbx_unobs_or_zero_occ_atoms.auth_asym_id 
_pdbx_unobs_or_zero_occ_atoms.auth_comp_id 
_pdbx_unobs_or_zero_occ_atoms.auth_seq_id 
_pdbx_unobs_or_zero_occ_atoms.PDB_ins_code 
_pdbx_unobs_or_zero_occ_atoms.auth_atom_id 
_pdbx_unobs_or_zero_occ_atoms.label_alt_id 
_pdbx_unobs_or_zero_occ_atoms.label_asym_id 
_pdbx_unobs_or_zero_occ_atoms.label_comp_id 
_pdbx_unobs_or_zero_occ_atoms.label_seq_id 
_pdbx_unobs_or_zero_occ_atoms.label_atom_id 
1  1 Y 1 A ARG 8   ? CG  ? A ARG 10  CG  
2  1 Y 1 A ARG 8   ? CD  ? A ARG 10  CD  
3  1 Y 1 A ARG 8   ? NE  ? A ARG 10  NE  
4  1 Y 1 A ARG 8   ? CZ  ? A ARG 10  CZ  
5  1 Y 1 A ARG 8   ? NH1 ? A ARG 10  NH1 
6  1 Y 1 A ARG 8   ? NH2 ? A ARG 10  NH2 
7  1 Y 1 A LYS 28  ? CG  ? A LYS 30  CG  
8  1 Y 1 A LYS 28  ? CD  ? A LYS 30  CD  
9  1 Y 1 A LYS 28  ? CE  ? A LYS 30  CE  
10 1 Y 1 A LYS 28  ? NZ  ? A LYS 30  NZ  
11 1 Y 1 A LYS 129 ? CD  ? A LYS 131 CD  
12 1 Y 1 A LYS 129 ? CE  ? A LYS 131 CE  
13 1 Y 1 A LYS 129 ? NZ  ? A LYS 131 NZ  
# 
loop_
_software.pdbx_ordinal 
_software.name 
_software.version 
_software.date 
_software.type 
_software.contact_author 
_software.contact_author_email 
_software.classification 
_software.location 
_software.language 
_software.citation_id 
1 DENZO       .       ?               package 'Zbyszek Otwinowski' hkl@hkl-xray.com      'data reduction'  
http://www.hkl-xray.com/                     ?          ? 
2 SCALEPACK   .       ?               package 'Zbyszek Otwinowski' hkl@hkl-xray.com      'data scaling'    
http://www.hkl-xray.com/                     ?          ? 
3 REFMAC      .       ?               program 'Garib N. Murshudov' garib@ysbl.york.ac.uk refinement        
http://www.ccp4.ac.uk/dist/html/refmac5.html Fortran_77 ? 
4 PDB_EXTRACT 3.005   'June 11, 2008' package PDB                  help@deposit.rcsb.org 'data extraction' 
http://sw-tools.pdb.org/apps/PDB_EXTRACT/    C++        ? 
5 ADSC        Quantum ?               ?       ?                    ?                     'data collection' ? ?          ? 
6 HKL-2000    .       ?               ?       ?                    ?                     'data reduction'  ? ?          ? 
7 PHENIX      .       ?               ?       ?                    ?                     phasing           ? ?          ? 
# 
_cell.length_a           90.886 
_cell.length_b           90.886 
_cell.length_c           161.252 
_cell.angle_alpha        90.000 
_cell.angle_beta         90.000 
_cell.angle_gamma        120.000 
_cell.entry_id           3JZV 
_cell.pdbx_unique_axis   ? 
_cell.Z_PDB              18 
_cell.length_a_esd       ? 
_cell.length_b_esd       ? 
_cell.length_c_esd       ? 
_cell.angle_alpha_esd    ? 
_cell.angle_beta_esd     ? 
_cell.angle_gamma_esd    ? 
# 
_symmetry.space_group_name_H-M             'H 3 2' 
_symmetry.entry_id                         3JZV 
_symmetry.Int_Tables_number                155 
_symmetry.pdbx_full_space_group_name_H-M   ? 
_symmetry.cell_setting                     ? 
_symmetry.space_group_name_Hall            ? 
# 
_exptl.crystals_number   1 
_exptl.entry_id          3JZV 
_exptl.method            'X-RAY DIFFRACTION' 
# 
_exptl_crystal.id                    1 
_exptl_crystal.density_Matthews      3.45 
_exptl_crystal.density_meas          ? 
_exptl_crystal.density_percent_sol   64.31 
_exptl_crystal.description           ? 
_exptl_crystal.F_000                 ? 
_exptl_crystal.preparation           ? 
# 
_exptl_crystal_grow.crystal_id      1 
_exptl_crystal_grow.method          'VAPOR DIFFUSION, SITTING DROP' 
_exptl_crystal_grow.pH              7.5 
_exptl_crystal_grow.temp            298 
_exptl_crystal_grow.pdbx_details    
'15 % MPD, 0.1M Sodium Hepes pH 7.5, 0.8M Potassium Sodium Tartrate tetrahydrate, VAPOR DIFFUSION, SITTING DROP, temperature 298K' 
_exptl_crystal_grow.temp_details    ? 
_exptl_crystal_grow.pdbx_pH_range   ? 
# 
loop_
_diffrn.id 
_diffrn.ambient_temp 
_diffrn.ambient_temp_details 
_diffrn.crystal_id 
1 100 ? 1 
2 ?   ? 1 
# 
loop_
_diffrn_detector.diffrn_id 
_diffrn_detector.detector 
_diffrn_detector.type 
_diffrn_detector.pdbx_collection_date 
_diffrn_detector.details 
1 CCD 'ADSC QUANTUM 315' 2009-08-02 ? 
2 CCD 'ADSC QUANTUM 315' 2009-01-01 ? 
# 
_diffrn_radiation.diffrn_id                        1 
_diffrn_radiation.pdbx_diffrn_protocol             'SINGLE WAVELENGTH' 
_diffrn_radiation.monochromator                    ? 
_diffrn_radiation.wavelength_id                    1 
_diffrn_radiation.pdbx_monochromatic_or_laue_m_l   ? 
_diffrn_radiation.pdbx_scattering_type             x-ray 
# 
loop_
_diffrn_radiation_wavelength.id 
_diffrn_radiation_wavelength.wavelength 
_diffrn_radiation_wavelength.wt 
1 0.9793 1.0 
2 0.979  1.0 
# 
loop_
_diffrn_source.diffrn_id 
_diffrn_source.source 
_diffrn_source.type 
_diffrn_source.pdbx_wavelength_list 
_diffrn_source.pdbx_wavelength 
_diffrn_source.pdbx_synchrotron_site 
_diffrn_source.pdbx_synchrotron_beamline 
1 SYNCHROTRON 'APS BEAMLINE 24-ID-E' 0.9793 ? APS  24-ID-E 
2 SYNCHROTRON 'NSLS BEAMLINE X29A'   0.979  ? NSLS X29A    
# 
_reflns.entry_id                     3JZV 
_reflns.d_resolution_high            2.300 
_reflns.d_resolution_low             25.000 
_reflns.number_obs                   11778 
_reflns.pdbx_Rmerge_I_obs            0.106 
_reflns.pdbx_netI_over_sigmaI        12.800 
_reflns.pdbx_chi_squared             1.734 
_reflns.pdbx_redundancy              7.000 
_reflns.percent_possible_obs         99.900 
_reflns.observed_criterion_sigma_F   ? 
_reflns.observed_criterion_sigma_I   ? 
_reflns.number_all                   ? 
_reflns.pdbx_Rsym_value              ? 
_reflns.B_iso_Wilson_estimate        ? 
_reflns.R_free_details               ? 
_reflns.limit_h_max                  ? 
_reflns.limit_h_min                  ? 
_reflns.limit_k_max                  ? 
_reflns.limit_k_min                  ? 
_reflns.limit_l_max                  ? 
_reflns.limit_l_min                  ? 
_reflns.observed_criterion_F_max     ? 
_reflns.observed_criterion_F_min     ? 
_reflns.pdbx_scaling_rejects         ? 
_reflns.pdbx_ordinal                 1 
_reflns.pdbx_diffrn_id               1 
# 
loop_
_reflns_shell.d_res_high 
_reflns_shell.d_res_low 
_reflns_shell.number_measured_obs 
_reflns_shell.number_measured_all 
_reflns_shell.number_unique_obs 
_reflns_shell.Rmerge_I_obs 
_reflns_shell.meanI_over_sigI_obs 
_reflns_shell.pdbx_Rsym_value 
_reflns_shell.pdbx_chi_squared 
_reflns_shell.pdbx_redundancy 
_reflns_shell.percent_possible_obs 
_reflns_shell.number_unique_all 
_reflns_shell.percent_possible_all 
_reflns_shell.pdbx_ordinal 
_reflns_shell.pdbx_diffrn_id 
2.30 2.34  ? ? ? 0.416 ? ? 0.914 7.30 ? 568 100.00 1  1 
2.34 2.38  ? ? ? 0.330 ? ? 0.959 7.20 ? 581 100.00 2  1 
2.38 2.43  ? ? ? 0.291 ? ? 0.886 7.20 ? 588 100.00 3  1 
2.43 2.48  ? ? ? 0.285 ? ? 0.971 7.20 ? 577 100.00 4  1 
2.48 2.53  ? ? ? 0.233 ? ? 1.039 7.20 ? 581 100.00 5  1 
2.53 2.59  ? ? ? 0.203 ? ? 1.050 7.20 ? 584 100.00 6  1 
2.59 2.65  ? ? ? 0.180 ? ? 1.148 7.20 ? 578 100.00 7  1 
2.65 2.73  ? ? ? 0.168 ? ? 1.320 7.10 ? 582 100.00 8  1 
2.73 2.81  ? ? ? 0.149 ? ? 1.481 7.10 ? 586 100.00 9  1 
2.81 2.90  ? ? ? 0.134 ? ? 1.614 7.00 ? 587 100.00 10 1 
2.90 3.00  ? ? ? 0.123 ? ? 1.807 7.00 ? 587 100.00 11 1 
3.00 3.12  ? ? ? 0.107 ? ? 1.901 7.00 ? 582 100.00 12 1 
3.12 3.26  ? ? ? 0.106 ? ? 2.058 7.00 ? 593 100.00 13 1 
3.26 3.43  ? ? ? 0.108 ? ? 2.330 7.00 ? 588 100.00 14 1 
3.43 3.65  ? ? ? 0.100 ? ? 2.364 6.90 ? 586 100.00 15 1 
3.65 3.93  ? ? ? 0.109 ? ? 2.443 6.80 ? 589 99.80  16 1 
3.93 4.32  ? ? ? 0.099 ? ? 2.519 6.90 ? 596 99.80  17 1 
4.32 4.94  ? ? ? 0.096 ? ? 2.649 6.70 ? 601 99.80  18 1 
4.94 6.21  ? ? ? 0.090 ? ? 2.646 6.50 ? 617 100.00 19 1 
6.21 25.00 ? ? ? 0.097 ? ? 2.874 6.20 ? 627 98.00  20 1 
# 
_refine.entry_id                                 3JZV 
_refine.ls_d_res_high                            2.300 
_refine.ls_d_res_low                             23.580 
_refine.pdbx_ls_sigma_F                          0.00 
_refine.pdbx_data_cutoff_high_absF               ? 
_refine.pdbx_data_cutoff_low_absF                ? 
_refine.ls_percent_reflns_obs                    99.850 
_refine.ls_number_reflns_obs                     11648 
_refine.ls_number_reflns_all                     ? 
_refine.pdbx_ls_cross_valid_method               THROUGHOUT 
_refine.pdbx_R_Free_selection_details            RANDOM 
_refine.details                                  
'HYDROGENS HAVE BEEN ADDED IN THE RIDING POSITIONS U VALUES      : REFINED INDIVIDUALLY' 
_refine.ls_R_factor_all                          ? 
_refine.ls_R_factor_obs                          0.227 
_refine.ls_R_factor_R_work                       0.225 
_refine.ls_wR_factor_R_work                      0.248 
_refine.ls_R_factor_R_free                       0.278 
_refine.ls_wR_factor_R_free                      0.306 
_refine.ls_percent_reflns_R_free                 4.800 
_refine.ls_number_reflns_R_free                  560 
_refine.ls_R_factor_R_free_error                 ? 
_refine.B_iso_mean                               60.110 
_refine.solvent_model_param_bsol                 ? 
_refine.solvent_model_param_ksol                 ? 
_refine.pdbx_isotropic_thermal_model             ? 
_refine.aniso_B[1][1]                            4.190 
_refine.aniso_B[2][2]                            4.190 
_refine.aniso_B[3][3]                            -6.290 
_refine.aniso_B[1][2]                            2.100 
_refine.aniso_B[1][3]                            0.000 
_refine.aniso_B[2][3]                            0.000 
_refine.correlation_coeff_Fo_to_Fc               0.945 
_refine.correlation_coeff_Fo_to_Fc_free          0.927 
_refine.overall_SU_R_Cruickshank_DPI             0.222 
_refine.overall_SU_R_free                        0.210 
_refine.pdbx_overall_ESU_R                       0.222 
_refine.pdbx_overall_ESU_R_Free                  0.210 
_refine.overall_SU_ML                            0.181 
_refine.overall_SU_B                             7.613 
_refine.solvent_model_details                    'BABINET MODEL WITH MASK' 
_refine.pdbx_solvent_vdw_probe_radii             1.400 
_refine.pdbx_solvent_ion_probe_radii             0.800 
_refine.pdbx_solvent_shrinkage_radii             0.800 
_refine.ls_number_parameters                     ? 
_refine.ls_number_restraints                     ? 
_refine.pdbx_starting_model                      ? 
_refine.pdbx_method_to_determine_struct          SAD 
_refine.pdbx_stereochemistry_target_values       'MAXIMUM LIKELIHOOD' 
_refine.pdbx_stereochem_target_val_spec_case     ? 
_refine.overall_FOM_work_R_set                   0.751 
_refine.B_iso_max                                102.69 
_refine.B_iso_min                                39.55 
_refine.occupancy_max                            1.00 
_refine.occupancy_min                            0.30 
_refine.pdbx_ls_sigma_I                          ? 
_refine.ls_redundancy_reflns_obs                 ? 
_refine.ls_R_factor_R_free_error_details         ? 
_refine.pdbx_data_cutoff_high_rms_absF           ? 
_refine.overall_FOM_free_R_set                   ? 
_refine.pdbx_overall_phase_error                 ? 
_refine.pdbx_refine_id                           'X-RAY DIFFRACTION' 
_refine.pdbx_diffrn_id                           1 
_refine.pdbx_TLS_residual_ADP_flag               ? 
_refine.pdbx_overall_SU_R_free_Cruickshank_DPI   ? 
_refine.pdbx_overall_SU_R_Blow_DPI               ? 
_refine.pdbx_overall_SU_R_free_Blow_DPI          ? 
# 
_refine_hist.pdbx_refine_id                   'X-RAY DIFFRACTION' 
_refine_hist.cycle_id                         LAST 
_refine_hist.pdbx_number_atoms_protein        1138 
_refine_hist.pdbx_number_atoms_nucleic_acid   0 
_refine_hist.pdbx_number_atoms_ligand         1 
_refine_hist.number_atoms_solvent             12 
_refine_hist.number_atoms_total               1151 
_refine_hist.d_res_high                       2.300 
_refine_hist.d_res_low                        23.580 
# 
loop_
_refine_ls_restr.type 
_refine_ls_restr.number 
_refine_ls_restr.dev_ideal 
_refine_ls_restr.dev_ideal_target 
_refine_ls_restr.weight 
_refine_ls_restr.pdbx_refine_id 
_refine_ls_restr.pdbx_restraint_function 
r_bond_refined_d       1176 0.014  0.021  ? 'X-RAY DIFFRACTION' ? 
r_angle_refined_deg    1599 1.492  1.943  ? 'X-RAY DIFFRACTION' ? 
r_dihedral_angle_1_deg 148  6.466  5.000  ? 'X-RAY DIFFRACTION' ? 
r_dihedral_angle_2_deg 56   32.646 22.321 ? 'X-RAY DIFFRACTION' ? 
r_dihedral_angle_3_deg 170  14.691 15.000 ? 'X-RAY DIFFRACTION' ? 
r_dihedral_angle_4_deg 11   17.039 15.000 ? 'X-RAY DIFFRACTION' ? 
r_chiral_restr         167  0.097  0.200  ? 'X-RAY DIFFRACTION' ? 
r_gen_planes_refined   933  0.007  0.021  ? 'X-RAY DIFFRACTION' ? 
r_mcbond_it            736  0.906  1.500  ? 'X-RAY DIFFRACTION' ? 
r_mcangle_it           1167 1.705  2.000  ? 'X-RAY DIFFRACTION' ? 
r_scbond_it            440  2.157  3.000  ? 'X-RAY DIFFRACTION' ? 
r_scangle_it           431  3.534  4.500  ? 'X-RAY DIFFRACTION' ? 
# 
_refine_ls_shell.d_res_high                       2.300 
_refine_ls_shell.d_res_low                        2.359 
_refine_ls_shell.pdbx_total_number_of_bins_used   20 
_refine_ls_shell.percent_reflns_obs               100.000 
_refine_ls_shell.number_reflns_R_work             799 
_refine_ls_shell.R_factor_all                     ? 
_refine_ls_shell.R_factor_R_work                  0.316 
_refine_ls_shell.R_factor_R_free                  0.398 
_refine_ls_shell.percent_reflns_R_free            ? 
_refine_ls_shell.number_reflns_R_free             52 
_refine_ls_shell.R_factor_R_free_error            ? 
_refine_ls_shell.number_reflns_all                851 
_refine_ls_shell.number_reflns_obs                ? 
_refine_ls_shell.redundancy_reflns_obs            ? 
_refine_ls_shell.pdbx_refine_id                   'X-RAY DIFFRACTION' 
# 
_struct.entry_id                  3JZV 
_struct.title                     'Crystal structure of Rru_A2000 from Rhodospirillum rubrum: A cupin-2 domain.' 
_struct.pdbx_model_details        ? 
_struct.pdbx_CASP_flag            ? 
_struct.pdbx_model_type_details   ? 
# 
_struct_keywords.entry_id        3JZV 
_struct_keywords.text            
;structural genomics, cupin-2 fold, unknown function, PSI-2, Protein Structure Initiative, New York SGX Research Center for Structural Genomics, NYSGXRC
;
_struct_keywords.pdbx_keywords   'structural genomics, unknown function' 
# 
loop_
_struct_asym.id 
_struct_asym.pdbx_blank_PDB_chainid_flag 
_struct_asym.pdbx_modified 
_struct_asym.entity_id 
_struct_asym.details 
A N N 1 ? 
B N N 2 ? 
C N N 3 ? 
# 
_struct_ref.id                         1 
_struct_ref.db_name                    UNP 
_struct_ref.db_code                    Q2RSU5_RHORT 
_struct_ref.pdbx_db_accession          Q2RSU5 
_struct_ref.entity_id                  1 
_struct_ref.pdbx_seq_one_letter_code   
;SDSNDDRPFRPFQSQYRWPGVDLLAYKEEGSAPFRSVTRQVLFSGNGLTGELRYFEVGPGGHSTLERHQHAHGVMILKGR
GHAMVGRAVSAVAPYDLVTIPGWSWHQFRAPADEALGFLCMVNAERDKPQLPTEADLAMLRADDAVAAFLDGLAG
;
_struct_ref.pdbx_align_begin           2 
_struct_ref.pdbx_db_isoform            ? 
# 
_struct_ref_seq.align_id                      1 
_struct_ref_seq.ref_id                        1 
_struct_ref_seq.pdbx_PDB_id_code              3JZV 
_struct_ref_seq.pdbx_strand_id                A 
_struct_ref_seq.seq_align_beg                 4 
_struct_ref_seq.pdbx_seq_align_beg_ins_code   ? 
_struct_ref_seq.seq_align_end                 158 
_struct_ref_seq.pdbx_seq_align_end_ins_code   ? 
_struct_ref_seq.pdbx_db_accession             Q2RSU5 
_struct_ref_seq.db_align_beg                  2 
_struct_ref_seq.pdbx_db_align_beg_ins_code    ? 
_struct_ref_seq.db_align_end                  156 
_struct_ref_seq.pdbx_db_align_end_ins_code    ? 
_struct_ref_seq.pdbx_auth_seq_align_beg       2 
_struct_ref_seq.pdbx_auth_seq_align_end       156 
# 
loop_
_struct_ref_seq_dif.align_id 
_struct_ref_seq_dif.pdbx_pdb_id_code 
_struct_ref_seq_dif.mon_id 
_struct_ref_seq_dif.pdbx_pdb_strand_id 
_struct_ref_seq_dif.seq_num 
_struct_ref_seq_dif.pdbx_pdb_ins_code 
_struct_ref_seq_dif.pdbx_seq_db_name 
_struct_ref_seq_dif.pdbx_seq_db_accession_code 
_struct_ref_seq_dif.db_mon_id 
_struct_ref_seq_dif.pdbx_seq_db_seq_num 
_struct_ref_seq_dif.details 
_struct_ref_seq_dif.pdbx_auth_seq_num 
_struct_ref_seq_dif.pdbx_ordinal 
1 3JZV MSE A 1   ? UNP Q2RSU5 ? ? 'expression tag' -1  1  
1 3JZV SER A 2   ? UNP Q2RSU5 ? ? 'expression tag' 0   2  
1 3JZV LEU A 3   ? UNP Q2RSU5 ? ? 'expression tag' 1   3  
1 3JZV GLU A 159 ? UNP Q2RSU5 ? ? 'expression tag' 157 4  
1 3JZV GLY A 160 ? UNP Q2RSU5 ? ? 'expression tag' 158 5  
1 3JZV HIS A 161 ? UNP Q2RSU5 ? ? 'expression tag' 159 6  
1 3JZV HIS A 162 ? UNP Q2RSU5 ? ? 'expression tag' 160 7  
1 3JZV HIS A 163 ? UNP Q2RSU5 ? ? 'expression tag' 161 8  
1 3JZV HIS A 164 ? UNP Q2RSU5 ? ? 'expression tag' 162 9  
1 3JZV HIS A 165 ? UNP Q2RSU5 ? ? 'expression tag' 163 10 
1 3JZV HIS A 166 ? UNP Q2RSU5 ? ? 'expression tag' 164 11 
# 
loop_
_pdbx_struct_assembly.id 
_pdbx_struct_assembly.details 
_pdbx_struct_assembly.method_details 
_pdbx_struct_assembly.oligomeric_details 
_pdbx_struct_assembly.oligomeric_count 
1 author_and_software_defined_assembly PISA dimeric   2 
2 software_defined_assembly            PISA hexameric 6 
# 
loop_
_pdbx_struct_assembly_prop.biol_id 
_pdbx_struct_assembly_prop.type 
_pdbx_struct_assembly_prop.value 
_pdbx_struct_assembly_prop.details 
1 'ABSA (A^2)' 2530  ? 
1 MORE         -37   ? 
1 'SSA (A^2)'  15120 ? 
2 'ABSA (A^2)' 15960 ? 
2 MORE         -152  ? 
2 'SSA (A^2)'  37000 ? 
# 
loop_
_pdbx_struct_assembly_gen.assembly_id 
_pdbx_struct_assembly_gen.oper_expression 
_pdbx_struct_assembly_gen.asym_id_list 
1 1,2         A,B,C 
2 1,3,4,2,5,6 A,B,C 
# 
loop_
_pdbx_struct_oper_list.id 
_pdbx_struct_oper_list.type 
_pdbx_struct_oper_list.name 
_pdbx_struct_oper_list.symmetry_operation 
_pdbx_struct_oper_list.matrix[1][1] 
_pdbx_struct_oper_list.matrix[1][2] 
_pdbx_struct_oper_list.matrix[1][3] 
_pdbx_struct_oper_list.vector[1] 
_pdbx_struct_oper_list.matrix[2][1] 
_pdbx_struct_oper_list.matrix[2][2] 
_pdbx_struct_oper_list.matrix[2][3] 
_pdbx_struct_oper_list.vector[2] 
_pdbx_struct_oper_list.matrix[3][1] 
_pdbx_struct_oper_list.matrix[3][2] 
_pdbx_struct_oper_list.matrix[3][3] 
_pdbx_struct_oper_list.vector[3] 
1 'identity operation'         1_555 x,y,z      1.0000000000  0.0000000000  0.0000000000  0.0000000000  0.0000000000  1.0000000000  0.0000000000  0.0000000000   0.0000000000  0.0000000000  1.0000000000  0.0000000000  
2 'crystal symmetry operation' 4_555 y,x,-z     -0.1458021257 0.2253505062  0.9633062283  12.5108184144 0.2253505062  -0.9405490786 0.2541349642  -26.3356324841 0.9633062283  0.2541349642  0.0863512044  -4.9329758740 
3 'crystal symmetry operation' 2_555 -y,x-y,z   0.1975696584  -0.1584351159 -0.9674009221 25.6284693645 -0.9802831833 -0.0352867813 -0.1944215103 11.1066298371  -0.0033332702 0.9867386468  -0.1622828771 23.8046241522 
4 'crystal symmetry operation' 3_555 -x+y,-x,z  0.1975696584  -0.9802831833 -0.0033332702 5.9035817597  -0.1584351159 -0.0352867813 0.9867386468  -19.0365758918 -0.9674009221 -0.1944215103 -0.1622828771 30.8154555387 
5 'crystal symmetry operation' 5_555 x-y,-y,-z  -0.2529243477 0.9656797668  -0.0590919811 34.2081604664 0.9656797668  0.2482503067  -0.0763830683 -24.9569870925 -0.0590919811 -0.0763830683 -0.9953259590 24.6332292274 
6 'crystal symmetry operation' 6_555 -x,-x+y,-z -0.9964128433 -0.0523119739 0.0665199452  37.0448818793 -0.0523119739 -0.2371276655 -0.9700690324 0.7308612594   0.0665199452  -0.9700690324 0.2335405088  -1.4229266289 
# 
_struct_biol.id   1 
# 
loop_
_struct_conf.conf_type_id 
_struct_conf.id 
_struct_conf.pdbx_PDB_helix_id 
_struct_conf.beg_label_comp_id 
_struct_conf.beg_label_asym_id 
_struct_conf.beg_label_seq_id 
_struct_conf.pdbx_beg_PDB_ins_code 
_struct_conf.end_label_comp_id 
_struct_conf.end_label_asym_id 
_struct_conf.end_label_seq_id 
_struct_conf.pdbx_end_PDB_ins_code 
_struct_conf.beg_auth_comp_id 
_struct_conf.beg_auth_asym_id 
_struct_conf.beg_auth_seq_id 
_struct_conf.end_auth_comp_id 
_struct_conf.end_auth_asym_id 
_struct_conf.end_auth_seq_id 
_struct_conf.pdbx_PDB_helix_class 
_struct_conf.details 
_struct_conf.pdbx_PDB_helix_length 
HELX_P HELX_P1 1 THR A 136 ? ALA A 145 ? THR A 134 ALA A 143 1 ? 10 
HELX_P HELX_P2 2 ASP A 146 ? ASP A 154 ? ASP A 144 ASP A 152 1 ? 9  
# 
_struct_conf_type.id          HELX_P 
_struct_conf_type.criteria    ? 
_struct_conf_type.reference   ? 
# 
loop_
_struct_conn.id 
_struct_conn.conn_type_id 
_struct_conn.pdbx_leaving_atom_flag 
_struct_conn.pdbx_PDB_id 
_struct_conn.ptnr1_label_asym_id 
_struct_conn.ptnr1_label_comp_id 
_struct_conn.ptnr1_label_seq_id 
_struct_conn.ptnr1_label_atom_id 
_struct_conn.pdbx_ptnr1_label_alt_id 
_struct_conn.pdbx_ptnr1_PDB_ins_code 
_struct_conn.pdbx_ptnr1_standard_comp_id 
_struct_conn.ptnr1_symmetry 
_struct_conn.ptnr2_label_asym_id 
_struct_conn.ptnr2_label_comp_id 
_struct_conn.ptnr2_label_seq_id 
_struct_conn.ptnr2_label_atom_id 
_struct_conn.pdbx_ptnr2_label_alt_id 
_struct_conn.pdbx_ptnr2_PDB_ins_code 
_struct_conn.ptnr1_auth_asym_id 
_struct_conn.ptnr1_auth_comp_id 
_struct_conn.ptnr1_auth_seq_id 
_struct_conn.ptnr2_auth_asym_id 
_struct_conn.ptnr2_auth_comp_id 
_struct_conn.ptnr2_auth_seq_id 
_struct_conn.ptnr2_symmetry 
_struct_conn.pdbx_ptnr3_label_atom_id 
_struct_conn.pdbx_ptnr3_label_seq_id 
_struct_conn.pdbx_ptnr3_label_comp_id 
_struct_conn.pdbx_ptnr3_label_asym_id 
_struct_conn.pdbx_ptnr3_label_alt_id 
_struct_conn.pdbx_ptnr3_PDB_ins_code 
_struct_conn.details 
_struct_conn.pdbx_dist_value 
_struct_conn.pdbx_value_order 
_struct_conn.pdbx_role 
covale1 covale both ? A VAL 77  C   ? ? ? 1_555 A MSE 78  N  ? ? A VAL 75  A MSE 76  1_555 ? ? ? ? ? ? ? 1.333 ? ? 
covale2 covale both ? A MSE 78  C   ? ? ? 1_555 A ILE 79  N  ? ? A MSE 76  A ILE 77  1_555 ? ? ? ? ? ? ? 1.321 ? ? 
covale3 covale both ? A ALA 86  C   ? ? ? 1_555 A MSE 87  N  ? ? A ALA 84  A MSE 85  1_555 ? ? ? ? ? ? ? 1.327 ? ? 
covale4 covale both ? A MSE 87  C   ? ? ? 1_555 A VAL 88  N  ? ? A MSE 85  A VAL 86  1_555 ? ? ? ? ? ? ? 1.331 ? ? 
covale5 covale both ? A CYS 123 C   ? ? ? 1_555 A MSE 124 N  ? ? A CYS 121 A MSE 122 1_555 ? ? ? ? ? ? ? 1.327 ? ? 
covale6 covale both ? A MSE 124 C   ? ? ? 1_555 A VAL 125 N  ? ? A MSE 122 A VAL 123 1_555 ? ? ? ? ? ? ? 1.339 ? ? 
covale7 covale both ? A ALA 141 C   ? ? ? 1_555 A MSE 142 N  ? ? A ALA 139 A MSE 140 1_555 ? ? ? ? ? ? ? 1.341 ? ? 
covale8 covale both ? A MSE 142 C   ? ? ? 1_555 A LEU 143 N  ? ? A MSE 140 A LEU 141 1_555 ? ? ? ? ? ? ? 1.334 ? ? 
metalc1 metalc ?    ? A GLU 69  OE1 ? ? ? 1_555 B MN  .   MN ? ? A GLU 67  A MN  200 1_555 ? ? ? ? ? ? ? 2.280 ? ? 
# 
loop_
_struct_conn_type.id 
_struct_conn_type.criteria 
_struct_conn_type.reference 
covale ? ? 
metalc ? ? 
# 
loop_
_pdbx_modification_feature.ordinal 
_pdbx_modification_feature.label_comp_id 
_pdbx_modification_feature.label_asym_id 
_pdbx_modification_feature.label_seq_id 
_pdbx_modification_feature.label_alt_id 
_pdbx_modification_feature.modified_residue_label_comp_id 
_pdbx_modification_feature.modified_residue_label_asym_id 
_pdbx_modification_feature.modified_residue_label_seq_id 
_pdbx_modification_feature.modified_residue_label_alt_id 
_pdbx_modification_feature.auth_comp_id 
_pdbx_modification_feature.auth_asym_id 
_pdbx_modification_feature.auth_seq_id 
_pdbx_modification_feature.PDB_ins_code 
_pdbx_modification_feature.symmetry 
_pdbx_modification_feature.modified_residue_auth_comp_id 
_pdbx_modification_feature.modified_residue_auth_asym_id 
_pdbx_modification_feature.modified_residue_auth_seq_id 
_pdbx_modification_feature.modified_residue_PDB_ins_code 
_pdbx_modification_feature.modified_residue_symmetry 
_pdbx_modification_feature.comp_id_linking_atom 
_pdbx_modification_feature.modified_residue_id_linking_atom 
_pdbx_modification_feature.modified_residue_id 
_pdbx_modification_feature.ref_pcm_id 
_pdbx_modification_feature.ref_comp_id 
_pdbx_modification_feature.type 
_pdbx_modification_feature.category 
1 MSE A 78  ? . . . . MSE A 76  ? 1_555 . . . . . . . MET 1 MSE Selenomethionine 'Named protein modification' 
2 MSE A 87  ? . . . . MSE A 85  ? 1_555 . . . . . . . MET 1 MSE Selenomethionine 'Named protein modification' 
3 MSE A 124 ? . . . . MSE A 122 ? 1_555 . . . . . . . MET 1 MSE Selenomethionine 'Named protein modification' 
4 MSE A 142 ? . . . . MSE A 140 ? 1_555 . . . . . . . MET 1 MSE Selenomethionine 'Named protein modification' 
# 
_struct_mon_prot_cis.pdbx_id                1 
_struct_mon_prot_cis.label_comp_id          PRO 
_struct_mon_prot_cis.label_seq_id           97 
_struct_mon_prot_cis.label_asym_id          A 
_struct_mon_prot_cis.label_alt_id           . 
_struct_mon_prot_cis.pdbx_PDB_ins_code      ? 
_struct_mon_prot_cis.auth_comp_id           PRO 
_struct_mon_prot_cis.auth_seq_id            95 
_struct_mon_prot_cis.auth_asym_id           A 
_struct_mon_prot_cis.pdbx_label_comp_id_2   TYR 
_struct_mon_prot_cis.pdbx_label_seq_id_2    98 
_struct_mon_prot_cis.pdbx_label_asym_id_2   A 
_struct_mon_prot_cis.pdbx_PDB_ins_code_2    ? 
_struct_mon_prot_cis.pdbx_auth_comp_id_2    TYR 
_struct_mon_prot_cis.pdbx_auth_seq_id_2     96 
_struct_mon_prot_cis.pdbx_auth_asym_id_2    A 
_struct_mon_prot_cis.pdbx_PDB_model_num     1 
_struct_mon_prot_cis.pdbx_omega_angle       -3.76 
# 
loop_
_struct_sheet.id 
_struct_sheet.type 
_struct_sheet.number_strands 
_struct_sheet.details 
A ? 6 ? 
B ? 3 ? 
# 
loop_
_struct_sheet_order.sheet_id 
_struct_sheet_order.range_id_1 
_struct_sheet_order.range_id_2 
_struct_sheet_order.offset 
_struct_sheet_order.sense 
A 1 2 ? anti-parallel 
A 2 3 ? anti-parallel 
A 3 4 ? anti-parallel 
A 4 5 ? anti-parallel 
A 5 6 ? anti-parallel 
B 1 2 ? anti-parallel 
B 2 3 ? anti-parallel 
# 
loop_
_struct_sheet_range.sheet_id 
_struct_sheet_range.id 
_struct_sheet_range.beg_label_comp_id 
_struct_sheet_range.beg_label_asym_id 
_struct_sheet_range.beg_label_seq_id 
_struct_sheet_range.pdbx_beg_PDB_ins_code 
_struct_sheet_range.end_label_comp_id 
_struct_sheet_range.end_label_asym_id 
_struct_sheet_range.end_label_seq_id 
_struct_sheet_range.pdbx_end_PDB_ins_code 
_struct_sheet_range.beg_auth_comp_id 
_struct_sheet_range.beg_auth_asym_id 
_struct_sheet_range.beg_auth_seq_id 
_struct_sheet_range.end_auth_comp_id 
_struct_sheet_range.end_auth_asym_id 
_struct_sheet_range.end_auth_seq_id 
A 1 LEU A 26  ? ALA A 28  ? LEU A 24  ALA A 26  
A 2 ARG A 38  ? PHE A 46  ? ARG A 36  PHE A 44  
A 3 GLY A 53  ? HIS A 65  ? GLY A 51  HIS A 63  
A 4 LEU A 119 ? ASN A 126 ? LEU A 117 ASN A 124 
A 5 HIS A 75  ? GLY A 82  ? HIS A 73  GLY A 80  
A 6 LEU A 100 ? ILE A 103 ? LEU A 98  ILE A 101 
B 1 ALA A 91  ? VAL A 95  ? ALA A 89  VAL A 93  
B 2 GLY A 84  ? VAL A 88  ? GLY A 82  VAL A 86  
B 3 HIS A 109 ? ARG A 112 ? HIS A 107 ARG A 110 
# 
loop_
_pdbx_struct_sheet_hbond.sheet_id 
_pdbx_struct_sheet_hbond.range_id_1 
_pdbx_struct_sheet_hbond.range_id_2 
_pdbx_struct_sheet_hbond.range_1_label_atom_id 
_pdbx_struct_sheet_hbond.range_1_label_comp_id 
_pdbx_struct_sheet_hbond.range_1_label_asym_id 
_pdbx_struct_sheet_hbond.range_1_label_seq_id 
_pdbx_struct_sheet_hbond.range_1_PDB_ins_code 
_pdbx_struct_sheet_hbond.range_1_auth_atom_id 
_pdbx_struct_sheet_hbond.range_1_auth_comp_id 
_pdbx_struct_sheet_hbond.range_1_auth_asym_id 
_pdbx_struct_sheet_hbond.range_1_auth_seq_id 
_pdbx_struct_sheet_hbond.range_2_label_atom_id 
_pdbx_struct_sheet_hbond.range_2_label_comp_id 
_pdbx_struct_sheet_hbond.range_2_label_asym_id 
_pdbx_struct_sheet_hbond.range_2_label_seq_id 
_pdbx_struct_sheet_hbond.range_2_PDB_ins_code 
_pdbx_struct_sheet_hbond.range_2_auth_atom_id 
_pdbx_struct_sheet_hbond.range_2_auth_comp_id 
_pdbx_struct_sheet_hbond.range_2_auth_asym_id 
_pdbx_struct_sheet_hbond.range_2_auth_seq_id 
A 1 2 N LEU A 27  ? N LEU A 25  O ARG A 42  ? O ARG A 40  
A 2 3 N SER A 39  ? N SER A 37  O GLY A 61  ? O GLY A 59  
A 3 4 N VAL A 60  ? N VAL A 58  O LEU A 119 ? O LEU A 117 
A 4 5 O GLY A 120 ? O GLY A 118 N LEU A 80  ? N LEU A 78  
A 5 6 N VAL A 77  ? N VAL A 75  O VAL A 101 ? O VAL A 99  
B 1 2 O SER A 93  ? O SER A 91  N ALA A 86  ? N ALA A 84  
B 2 3 N HIS A 85  ? N HIS A 83  O ARG A 112 ? O ARG A 110 
# 
_struct_site.id                   AC1 
_struct_site.pdbx_evidence_code   Software 
_struct_site.pdbx_auth_asym_id    A 
_struct_site.pdbx_auth_comp_id    MN 
_struct_site.pdbx_auth_seq_id     200 
_struct_site.pdbx_auth_ins_code   ? 
_struct_site.pdbx_num_residues    4 
_struct_site.details              'BINDING SITE FOR RESIDUE MN A 200' 
# 
loop_
_struct_site_gen.id 
_struct_site_gen.site_id 
_struct_site_gen.pdbx_num_res 
_struct_site_gen.label_comp_id 
_struct_site_gen.label_asym_id 
_struct_site_gen.label_seq_id 
_struct_site_gen.pdbx_auth_ins_code 
_struct_site_gen.auth_comp_id 
_struct_site_gen.auth_asym_id 
_struct_site_gen.auth_seq_id 
_struct_site_gen.label_atom_id 
_struct_site_gen.label_alt_id 
_struct_site_gen.symmetry 
_struct_site_gen.details 
1 AC1 4 GLU A 69  ? GLU A 67  . ? 1_555 ? 
2 AC1 4 HIS A 71  ? HIS A 69  . ? 1_555 ? 
3 AC1 4 HIS A 75  ? HIS A 73  . ? 1_555 ? 
4 AC1 4 HIS A 109 ? HIS A 107 . ? 1_555 ? 
# 
_pdbx_entry_details.entry_id                   3JZV 
_pdbx_entry_details.compound_details           ? 
_pdbx_entry_details.source_details             ? 
_pdbx_entry_details.nonpolymer_details         ? 
_pdbx_entry_details.sequence_details           ? 
_pdbx_entry_details.has_ligand_of_interest     ? 
_pdbx_entry_details.has_protein_modification   Y 
# 
loop_
_pdbx_validate_torsion.id 
_pdbx_validate_torsion.PDB_model_num 
_pdbx_validate_torsion.auth_comp_id 
_pdbx_validate_torsion.auth_asym_id 
_pdbx_validate_torsion.auth_seq_id 
_pdbx_validate_torsion.PDB_ins_code 
_pdbx_validate_torsion.label_alt_id 
_pdbx_validate_torsion.phi 
_pdbx_validate_torsion.psi 
1 1 ARG A 36 ? ? -161.82 116.35 
2 1 TYR A 96 ? ? -114.27 63.28  
# 
_pdbx_SG_project.id                    1 
_pdbx_SG_project.project_name          'PSI, Protein Structure Initiative' 
_pdbx_SG_project.full_name_of_center   'New York SGX Research Center for Structural Genomics' 
_pdbx_SG_project.initial_of_center     NYSGXRC 
# 
loop_
_pdbx_struct_mod_residue.id 
_pdbx_struct_mod_residue.label_asym_id 
_pdbx_struct_mod_residue.label_comp_id 
_pdbx_struct_mod_residue.label_seq_id 
_pdbx_struct_mod_residue.auth_asym_id 
_pdbx_struct_mod_residue.auth_comp_id 
_pdbx_struct_mod_residue.auth_seq_id 
_pdbx_struct_mod_residue.PDB_ins_code 
_pdbx_struct_mod_residue.parent_comp_id 
_pdbx_struct_mod_residue.details 
1 A MSE 78  A MSE 76  ? MET SELENOMETHIONINE 
2 A MSE 87  A MSE 85  ? MET SELENOMETHIONINE 
3 A MSE 124 A MSE 122 ? MET SELENOMETHIONINE 
4 A MSE 142 A MSE 140 ? MET SELENOMETHIONINE 
# 
loop_
_pdbx_unobs_or_zero_occ_residues.id 
_pdbx_unobs_or_zero_occ_residues.PDB_model_num 
_pdbx_unobs_or_zero_occ_residues.polymer_flag 
_pdbx_unobs_or_zero_occ_residues.occupancy_flag 
_pdbx_unobs_or_zero_occ_residues.auth_asym_id 
_pdbx_unobs_or_zero_occ_residues.auth_comp_id 
_pdbx_unobs_or_zero_occ_residues.auth_seq_id 
_pdbx_unobs_or_zero_occ_residues.PDB_ins_code 
_pdbx_unobs_or_zero_occ_residues.label_asym_id 
_pdbx_unobs_or_zero_occ_residues.label_comp_id 
_pdbx_unobs_or_zero_occ_residues.label_seq_id 
1  1 Y 1 A MSE -1  ? A MSE 1   
2  1 Y 1 A SER 0   ? A SER 2   
3  1 Y 1 A LEU 1   ? A LEU 3   
4  1 Y 1 A SER 2   ? A SER 4   
5  1 Y 1 A ASP 3   ? A ASP 5   
6  1 Y 1 A SER 4   ? A SER 6   
7  1 Y 1 A ASN 5   ? A ASN 7   
8  1 Y 1 A ASP 6   ? A ASP 8   
9  1 Y 1 A ASP 7   ? A ASP 9   
10 1 Y 1 A GLY 31  ? A GLY 33  
11 1 Y 1 A GLU 157 ? A GLU 159 
12 1 Y 1 A GLY 158 ? A GLY 160 
13 1 Y 1 A HIS 159 ? A HIS 161 
14 1 Y 1 A HIS 160 ? A HIS 162 
15 1 Y 1 A HIS 161 ? A HIS 163 
16 1 Y 1 A HIS 162 ? A HIS 164 
17 1 Y 1 A HIS 163 ? A HIS 165 
18 1 Y 1 A HIS 164 ? A HIS 166 
# 
loop_
_chem_comp_atom.comp_id 
_chem_comp_atom.atom_id 
_chem_comp_atom.type_symbol 
_chem_comp_atom.pdbx_aromatic_flag 
_chem_comp_atom.pdbx_stereo_config 
_chem_comp_atom.pdbx_ordinal 
ALA N    N  N N 1   
ALA CA   C  N S 2   
ALA C    C  N N 3   
ALA O    O  N N 4   
ALA CB   C  N N 5   
ALA OXT  O  N N 6   
ALA H    H  N N 7   
ALA H2   H  N N 8   
ALA HA   H  N N 9   
ALA HB1  H  N N 10  
ALA HB2  H  N N 11  
ALA HB3  H  N N 12  
ALA HXT  H  N N 13  
ARG N    N  N N 14  
ARG CA   C  N S 15  
ARG C    C  N N 16  
ARG O    O  N N 17  
ARG CB   C  N N 18  
ARG CG   C  N N 19  
ARG CD   C  N N 20  
ARG NE   N  N N 21  
ARG CZ   C  N N 22  
ARG NH1  N  N N 23  
ARG NH2  N  N N 24  
ARG OXT  O  N N 25  
ARG H    H  N N 26  
ARG H2   H  N N 27  
ARG HA   H  N N 28  
ARG HB2  H  N N 29  
ARG HB3  H  N N 30  
ARG HG2  H  N N 31  
ARG HG3  H  N N 32  
ARG HD2  H  N N 33  
ARG HD3  H  N N 34  
ARG HE   H  N N 35  
ARG HH11 H  N N 36  
ARG HH12 H  N N 37  
ARG HH21 H  N N 38  
ARG HH22 H  N N 39  
ARG HXT  H  N N 40  
ASN N    N  N N 41  
ASN CA   C  N S 42  
ASN C    C  N N 43  
ASN O    O  N N 44  
ASN CB   C  N N 45  
ASN CG   C  N N 46  
ASN OD1  O  N N 47  
ASN ND2  N  N N 48  
ASN OXT  O  N N 49  
ASN H    H  N N 50  
ASN H2   H  N N 51  
ASN HA   H  N N 52  
ASN HB2  H  N N 53  
ASN HB3  H  N N 54  
ASN HD21 H  N N 55  
ASN HD22 H  N N 56  
ASN HXT  H  N N 57  
ASP N    N  N N 58  
ASP CA   C  N S 59  
ASP C    C  N N 60  
ASP O    O  N N 61  
ASP CB   C  N N 62  
ASP CG   C  N N 63  
ASP OD1  O  N N 64  
ASP OD2  O  N N 65  
ASP OXT  O  N N 66  
ASP H    H  N N 67  
ASP H2   H  N N 68  
ASP HA   H  N N 69  
ASP HB2  H  N N 70  
ASP HB3  H  N N 71  
ASP HD2  H  N N 72  
ASP HXT  H  N N 73  
CYS N    N  N N 74  
CYS CA   C  N R 75  
CYS C    C  N N 76  
CYS O    O  N N 77  
CYS CB   C  N N 78  
CYS SG   S  N N 79  
CYS OXT  O  N N 80  
CYS H    H  N N 81  
CYS H2   H  N N 82  
CYS HA   H  N N 83  
CYS HB2  H  N N 84  
CYS HB3  H  N N 85  
CYS HG   H  N N 86  
CYS HXT  H  N N 87  
GLN N    N  N N 88  
GLN CA   C  N S 89  
GLN C    C  N N 90  
GLN O    O  N N 91  
GLN CB   C  N N 92  
GLN CG   C  N N 93  
GLN CD   C  N N 94  
GLN OE1  O  N N 95  
GLN NE2  N  N N 96  
GLN OXT  O  N N 97  
GLN H    H  N N 98  
GLN H2   H  N N 99  
GLN HA   H  N N 100 
GLN HB2  H  N N 101 
GLN HB3  H  N N 102 
GLN HG2  H  N N 103 
GLN HG3  H  N N 104 
GLN HE21 H  N N 105 
GLN HE22 H  N N 106 
GLN HXT  H  N N 107 
GLU N    N  N N 108 
GLU CA   C  N S 109 
GLU C    C  N N 110 
GLU O    O  N N 111 
GLU CB   C  N N 112 
GLU CG   C  N N 113 
GLU CD   C  N N 114 
GLU OE1  O  N N 115 
GLU OE2  O  N N 116 
GLU OXT  O  N N 117 
GLU H    H  N N 118 
GLU H2   H  N N 119 
GLU HA   H  N N 120 
GLU HB2  H  N N 121 
GLU HB3  H  N N 122 
GLU HG2  H  N N 123 
GLU HG3  H  N N 124 
GLU HE2  H  N N 125 
GLU HXT  H  N N 126 
GLY N    N  N N 127 
GLY CA   C  N N 128 
GLY C    C  N N 129 
GLY O    O  N N 130 
GLY OXT  O  N N 131 
GLY H    H  N N 132 
GLY H2   H  N N 133 
GLY HA2  H  N N 134 
GLY HA3  H  N N 135 
GLY HXT  H  N N 136 
HIS N    N  N N 137 
HIS CA   C  N S 138 
HIS C    C  N N 139 
HIS O    O  N N 140 
HIS CB   C  N N 141 
HIS CG   C  Y N 142 
HIS ND1  N  Y N 143 
HIS CD2  C  Y N 144 
HIS CE1  C  Y N 145 
HIS NE2  N  Y N 146 
HIS OXT  O  N N 147 
HIS H    H  N N 148 
HIS H2   H  N N 149 
HIS HA   H  N N 150 
HIS HB2  H  N N 151 
HIS HB3  H  N N 152 
HIS HD1  H  N N 153 
HIS HD2  H  N N 154 
HIS HE1  H  N N 155 
HIS HE2  H  N N 156 
HIS HXT  H  N N 157 
HOH O    O  N N 158 
HOH H1   H  N N 159 
HOH H2   H  N N 160 
ILE N    N  N N 161 
ILE CA   C  N S 162 
ILE C    C  N N 163 
ILE O    O  N N 164 
ILE CB   C  N S 165 
ILE CG1  C  N N 166 
ILE CG2  C  N N 167 
ILE CD1  C  N N 168 
ILE OXT  O  N N 169 
ILE H    H  N N 170 
ILE H2   H  N N 171 
ILE HA   H  N N 172 
ILE HB   H  N N 173 
ILE HG12 H  N N 174 
ILE HG13 H  N N 175 
ILE HG21 H  N N 176 
ILE HG22 H  N N 177 
ILE HG23 H  N N 178 
ILE HD11 H  N N 179 
ILE HD12 H  N N 180 
ILE HD13 H  N N 181 
ILE HXT  H  N N 182 
LEU N    N  N N 183 
LEU CA   C  N S 184 
LEU C    C  N N 185 
LEU O    O  N N 186 
LEU CB   C  N N 187 
LEU CG   C  N N 188 
LEU CD1  C  N N 189 
LEU CD2  C  N N 190 
LEU OXT  O  N N 191 
LEU H    H  N N 192 
LEU H2   H  N N 193 
LEU HA   H  N N 194 
LEU HB2  H  N N 195 
LEU HB3  H  N N 196 
LEU HG   H  N N 197 
LEU HD11 H  N N 198 
LEU HD12 H  N N 199 
LEU HD13 H  N N 200 
LEU HD21 H  N N 201 
LEU HD22 H  N N 202 
LEU HD23 H  N N 203 
LEU HXT  H  N N 204 
LYS N    N  N N 205 
LYS CA   C  N S 206 
LYS C    C  N N 207 
LYS O    O  N N 208 
LYS CB   C  N N 209 
LYS CG   C  N N 210 
LYS CD   C  N N 211 
LYS CE   C  N N 212 
LYS NZ   N  N N 213 
LYS OXT  O  N N 214 
LYS H    H  N N 215 
LYS H2   H  N N 216 
LYS HA   H  N N 217 
LYS HB2  H  N N 218 
LYS HB3  H  N N 219 
LYS HG2  H  N N 220 
LYS HG3  H  N N 221 
LYS HD2  H  N N 222 
LYS HD3  H  N N 223 
LYS HE2  H  N N 224 
LYS HE3  H  N N 225 
LYS HZ1  H  N N 226 
LYS HZ2  H  N N 227 
LYS HZ3  H  N N 228 
LYS HXT  H  N N 229 
MN  MN   MN N N 230 
MSE N    N  N N 231 
MSE CA   C  N S 232 
MSE C    C  N N 233 
MSE O    O  N N 234 
MSE OXT  O  N N 235 
MSE CB   C  N N 236 
MSE CG   C  N N 237 
MSE SE   SE N N 238 
MSE CE   C  N N 239 
MSE H    H  N N 240 
MSE H2   H  N N 241 
MSE HA   H  N N 242 
MSE HXT  H  N N 243 
MSE HB2  H  N N 244 
MSE HB3  H  N N 245 
MSE HG2  H  N N 246 
MSE HG3  H  N N 247 
MSE HE1  H  N N 248 
MSE HE2  H  N N 249 
MSE HE3  H  N N 250 
PHE N    N  N N 251 
PHE CA   C  N S 252 
PHE C    C  N N 253 
PHE O    O  N N 254 
PHE CB   C  N N 255 
PHE CG   C  Y N 256 
PHE CD1  C  Y N 257 
PHE CD2  C  Y N 258 
PHE CE1  C  Y N 259 
PHE CE2  C  Y N 260 
PHE CZ   C  Y N 261 
PHE OXT  O  N N 262 
PHE H    H  N N 263 
PHE H2   H  N N 264 
PHE HA   H  N N 265 
PHE HB2  H  N N 266 
PHE HB3  H  N N 267 
PHE HD1  H  N N 268 
PHE HD2  H  N N 269 
PHE HE1  H  N N 270 
PHE HE2  H  N N 271 
PHE HZ   H  N N 272 
PHE HXT  H  N N 273 
PRO N    N  N N 274 
PRO CA   C  N S 275 
PRO C    C  N N 276 
PRO O    O  N N 277 
PRO CB   C  N N 278 
PRO CG   C  N N 279 
PRO CD   C  N N 280 
PRO OXT  O  N N 281 
PRO H    H  N N 282 
PRO HA   H  N N 283 
PRO HB2  H  N N 284 
PRO HB3  H  N N 285 
PRO HG2  H  N N 286 
PRO HG3  H  N N 287 
PRO HD2  H  N N 288 
PRO HD3  H  N N 289 
PRO HXT  H  N N 290 
SER N    N  N N 291 
SER CA   C  N S 292 
SER C    C  N N 293 
SER O    O  N N 294 
SER CB   C  N N 295 
SER OG   O  N N 296 
SER OXT  O  N N 297 
SER H    H  N N 298 
SER H2   H  N N 299 
SER HA   H  N N 300 
SER HB2  H  N N 301 
SER HB3  H  N N 302 
SER HG   H  N N 303 
SER HXT  H  N N 304 
THR N    N  N N 305 
THR CA   C  N S 306 
THR C    C  N N 307 
THR O    O  N N 308 
THR CB   C  N R 309 
THR OG1  O  N N 310 
THR CG2  C  N N 311 
THR OXT  O  N N 312 
THR H    H  N N 313 
THR H2   H  N N 314 
THR HA   H  N N 315 
THR HB   H  N N 316 
THR HG1  H  N N 317 
THR HG21 H  N N 318 
THR HG22 H  N N 319 
THR HG23 H  N N 320 
THR HXT  H  N N 321 
TRP N    N  N N 322 
TRP CA   C  N S 323 
TRP C    C  N N 324 
TRP O    O  N N 325 
TRP CB   C  N N 326 
TRP CG   C  Y N 327 
TRP CD1  C  Y N 328 
TRP CD2  C  Y N 329 
TRP NE1  N  Y N 330 
TRP CE2  C  Y N 331 
TRP CE3  C  Y N 332 
TRP CZ2  C  Y N 333 
TRP CZ3  C  Y N 334 
TRP CH2  C  Y N 335 
TRP OXT  O  N N 336 
TRP H    H  N N 337 
TRP H2   H  N N 338 
TRP HA   H  N N 339 
TRP HB2  H  N N 340 
TRP HB3  H  N N 341 
TRP HD1  H  N N 342 
TRP HE1  H  N N 343 
TRP HE3  H  N N 344 
TRP HZ2  H  N N 345 
TRP HZ3  H  N N 346 
TRP HH2  H  N N 347 
TRP HXT  H  N N 348 
TYR N    N  N N 349 
TYR CA   C  N S 350 
TYR C    C  N N 351 
TYR O    O  N N 352 
TYR CB   C  N N 353 
TYR CG   C  Y N 354 
TYR CD1  C  Y N 355 
TYR CD2  C  Y N 356 
TYR CE1  C  Y N 357 
TYR CE2  C  Y N 358 
TYR CZ   C  Y N 359 
TYR OH   O  N N 360 
TYR OXT  O  N N 361 
TYR H    H  N N 362 
TYR H2   H  N N 363 
TYR HA   H  N N 364 
TYR HB2  H  N N 365 
TYR HB3  H  N N 366 
TYR HD1  H  N N 367 
TYR HD2  H  N N 368 
TYR HE1  H  N N 369 
TYR HE2  H  N N 370 
TYR HH   H  N N 371 
TYR HXT  H  N N 372 
VAL N    N  N N 373 
VAL CA   C  N S 374 
VAL C    C  N N 375 
VAL O    O  N N 376 
VAL CB   C  N N 377 
VAL CG1  C  N N 378 
VAL CG2  C  N N 379 
VAL OXT  O  N N 380 
VAL H    H  N N 381 
VAL H2   H  N N 382 
VAL HA   H  N N 383 
VAL HB   H  N N 384 
VAL HG11 H  N N 385 
VAL HG12 H  N N 386 
VAL HG13 H  N N 387 
VAL HG21 H  N N 388 
VAL HG22 H  N N 389 
VAL HG23 H  N N 390 
VAL HXT  H  N N 391 
# 
loop_
_chem_comp_bond.comp_id 
_chem_comp_bond.atom_id_1 
_chem_comp_bond.atom_id_2 
_chem_comp_bond.value_order 
_chem_comp_bond.pdbx_aromatic_flag 
_chem_comp_bond.pdbx_stereo_config 
_chem_comp_bond.pdbx_ordinal 
ALA N   CA   sing N N 1   
ALA N   H    sing N N 2   
ALA N   H2   sing N N 3   
ALA CA  C    sing N N 4   
ALA CA  CB   sing N N 5   
ALA CA  HA   sing N N 6   
ALA C   O    doub N N 7   
ALA C   OXT  sing N N 8   
ALA CB  HB1  sing N N 9   
ALA CB  HB2  sing N N 10  
ALA CB  HB3  sing N N 11  
ALA OXT HXT  sing N N 12  
ARG N   CA   sing N N 13  
ARG N   H    sing N N 14  
ARG N   H2   sing N N 15  
ARG CA  C    sing N N 16  
ARG CA  CB   sing N N 17  
ARG CA  HA   sing N N 18  
ARG C   O    doub N N 19  
ARG C   OXT  sing N N 20  
ARG CB  CG   sing N N 21  
ARG CB  HB2  sing N N 22  
ARG CB  HB3  sing N N 23  
ARG CG  CD   sing N N 24  
ARG CG  HG2  sing N N 25  
ARG CG  HG3  sing N N 26  
ARG CD  NE   sing N N 27  
ARG CD  HD2  sing N N 28  
ARG CD  HD3  sing N N 29  
ARG NE  CZ   sing N N 30  
ARG NE  HE   sing N N 31  
ARG CZ  NH1  sing N N 32  
ARG CZ  NH2  doub N N 33  
ARG NH1 HH11 sing N N 34  
ARG NH1 HH12 sing N N 35  
ARG NH2 HH21 sing N N 36  
ARG NH2 HH22 sing N N 37  
ARG OXT HXT  sing N N 38  
ASN N   CA   sing N N 39  
ASN N   H    sing N N 40  
ASN N   H2   sing N N 41  
ASN CA  C    sing N N 42  
ASN CA  CB   sing N N 43  
ASN CA  HA   sing N N 44  
ASN C   O    doub N N 45  
ASN C   OXT  sing N N 46  
ASN CB  CG   sing N N 47  
ASN CB  HB2  sing N N 48  
ASN CB  HB3  sing N N 49  
ASN CG  OD1  doub N N 50  
ASN CG  ND2  sing N N 51  
ASN ND2 HD21 sing N N 52  
ASN ND2 HD22 sing N N 53  
ASN OXT HXT  sing N N 54  
ASP N   CA   sing N N 55  
ASP N   H    sing N N 56  
ASP N   H2   sing N N 57  
ASP CA  C    sing N N 58  
ASP CA  CB   sing N N 59  
ASP CA  HA   sing N N 60  
ASP C   O    doub N N 61  
ASP C   OXT  sing N N 62  
ASP CB  CG   sing N N 63  
ASP CB  HB2  sing N N 64  
ASP CB  HB3  sing N N 65  
ASP CG  OD1  doub N N 66  
ASP CG  OD2  sing N N 67  
ASP OD2 HD2  sing N N 68  
ASP OXT HXT  sing N N 69  
CYS N   CA   sing N N 70  
CYS N   H    sing N N 71  
CYS N   H2   sing N N 72  
CYS CA  C    sing N N 73  
CYS CA  CB   sing N N 74  
CYS CA  HA   sing N N 75  
CYS C   O    doub N N 76  
CYS C   OXT  sing N N 77  
CYS CB  SG   sing N N 78  
CYS CB  HB2  sing N N 79  
CYS CB  HB3  sing N N 80  
CYS SG  HG   sing N N 81  
CYS OXT HXT  sing N N 82  
GLN N   CA   sing N N 83  
GLN N   H    sing N N 84  
GLN N   H2   sing N N 85  
GLN CA  C    sing N N 86  
GLN CA  CB   sing N N 87  
GLN CA  HA   sing N N 88  
GLN C   O    doub N N 89  
GLN C   OXT  sing N N 90  
GLN CB  CG   sing N N 91  
GLN CB  HB2  sing N N 92  
GLN CB  HB3  sing N N 93  
GLN CG  CD   sing N N 94  
GLN CG  HG2  sing N N 95  
GLN CG  HG3  sing N N 96  
GLN CD  OE1  doub N N 97  
GLN CD  NE2  sing N N 98  
GLN NE2 HE21 sing N N 99  
GLN NE2 HE22 sing N N 100 
GLN OXT HXT  sing N N 101 
GLU N   CA   sing N N 102 
GLU N   H    sing N N 103 
GLU N   H2   sing N N 104 
GLU CA  C    sing N N 105 
GLU CA  CB   sing N N 106 
GLU CA  HA   sing N N 107 
GLU C   O    doub N N 108 
GLU C   OXT  sing N N 109 
GLU CB  CG   sing N N 110 
GLU CB  HB2  sing N N 111 
GLU CB  HB3  sing N N 112 
GLU CG  CD   sing N N 113 
GLU CG  HG2  sing N N 114 
GLU CG  HG3  sing N N 115 
GLU CD  OE1  doub N N 116 
GLU CD  OE2  sing N N 117 
GLU OE2 HE2  sing N N 118 
GLU OXT HXT  sing N N 119 
GLY N   CA   sing N N 120 
GLY N   H    sing N N 121 
GLY N   H2   sing N N 122 
GLY CA  C    sing N N 123 
GLY CA  HA2  sing N N 124 
GLY CA  HA3  sing N N 125 
GLY C   O    doub N N 126 
GLY C   OXT  sing N N 127 
GLY OXT HXT  sing N N 128 
HIS N   CA   sing N N 129 
HIS N   H    sing N N 130 
HIS N   H2   sing N N 131 
HIS CA  C    sing N N 132 
HIS CA  CB   sing N N 133 
HIS CA  HA   sing N N 134 
HIS C   O    doub N N 135 
HIS C   OXT  sing N N 136 
HIS CB  CG   sing N N 137 
HIS CB  HB2  sing N N 138 
HIS CB  HB3  sing N N 139 
HIS CG  ND1  sing Y N 140 
HIS CG  CD2  doub Y N 141 
HIS ND1 CE1  doub Y N 142 
HIS ND1 HD1  sing N N 143 
HIS CD2 NE2  sing Y N 144 
HIS CD2 HD2  sing N N 145 
HIS CE1 NE2  sing Y N 146 
HIS CE1 HE1  sing N N 147 
HIS NE2 HE2  sing N N 148 
HIS OXT HXT  sing N N 149 
HOH O   H1   sing N N 150 
HOH O   H2   sing N N 151 
ILE N   CA   sing N N 152 
ILE N   H    sing N N 153 
ILE N   H2   sing N N 154 
ILE CA  C    sing N N 155 
ILE CA  CB   sing N N 156 
ILE CA  HA   sing N N 157 
ILE C   O    doub N N 158 
ILE C   OXT  sing N N 159 
ILE CB  CG1  sing N N 160 
ILE CB  CG2  sing N N 161 
ILE CB  HB   sing N N 162 
ILE CG1 CD1  sing N N 163 
ILE CG1 HG12 sing N N 164 
ILE CG1 HG13 sing N N 165 
ILE CG2 HG21 sing N N 166 
ILE CG2 HG22 sing N N 167 
ILE CG2 HG23 sing N N 168 
ILE CD1 HD11 sing N N 169 
ILE CD1 HD12 sing N N 170 
ILE CD1 HD13 sing N N 171 
ILE OXT HXT  sing N N 172 
LEU N   CA   sing N N 173 
LEU N   H    sing N N 174 
LEU N   H2   sing N N 175 
LEU CA  C    sing N N 176 
LEU CA  CB   sing N N 177 
LEU CA  HA   sing N N 178 
LEU C   O    doub N N 179 
LEU C   OXT  sing N N 180 
LEU CB  CG   sing N N 181 
LEU CB  HB2  sing N N 182 
LEU CB  HB3  sing N N 183 
LEU CG  CD1  sing N N 184 
LEU CG  CD2  sing N N 185 
LEU CG  HG   sing N N 186 
LEU CD1 HD11 sing N N 187 
LEU CD1 HD12 sing N N 188 
LEU CD1 HD13 sing N N 189 
LEU CD2 HD21 sing N N 190 
LEU CD2 HD22 sing N N 191 
LEU CD2 HD23 sing N N 192 
LEU OXT HXT  sing N N 193 
LYS N   CA   sing N N 194 
LYS N   H    sing N N 195 
LYS N   H2   sing N N 196 
LYS CA  C    sing N N 197 
LYS CA  CB   sing N N 198 
LYS CA  HA   sing N N 199 
LYS C   O    doub N N 200 
LYS C   OXT  sing N N 201 
LYS CB  CG   sing N N 202 
LYS CB  HB2  sing N N 203 
LYS CB  HB3  sing N N 204 
LYS CG  CD   sing N N 205 
LYS CG  HG2  sing N N 206 
LYS CG  HG3  sing N N 207 
LYS CD  CE   sing N N 208 
LYS CD  HD2  sing N N 209 
LYS CD  HD3  sing N N 210 
LYS CE  NZ   sing N N 211 
LYS CE  HE2  sing N N 212 
LYS CE  HE3  sing N N 213 
LYS NZ  HZ1  sing N N 214 
LYS NZ  HZ2  sing N N 215 
LYS NZ  HZ3  sing N N 216 
LYS OXT HXT  sing N N 217 
MSE N   CA   sing N N 218 
MSE N   H    sing N N 219 
MSE N   H2   sing N N 220 
MSE CA  C    sing N N 221 
MSE CA  CB   sing N N 222 
MSE CA  HA   sing N N 223 
MSE C   O    doub N N 224 
MSE C   OXT  sing N N 225 
MSE OXT HXT  sing N N 226 
MSE CB  CG   sing N N 227 
MSE CB  HB2  sing N N 228 
MSE CB  HB3  sing N N 229 
MSE CG  SE   sing N N 230 
MSE CG  HG2  sing N N 231 
MSE CG  HG3  sing N N 232 
MSE SE  CE   sing N N 233 
MSE CE  HE1  sing N N 234 
MSE CE  HE2  sing N N 235 
MSE CE  HE3  sing N N 236 
PHE N   CA   sing N N 237 
PHE N   H    sing N N 238 
PHE N   H2   sing N N 239 
PHE CA  C    sing N N 240 
PHE CA  CB   sing N N 241 
PHE CA  HA   sing N N 242 
PHE C   O    doub N N 243 
PHE C   OXT  sing N N 244 
PHE CB  CG   sing N N 245 
PHE CB  HB2  sing N N 246 
PHE CB  HB3  sing N N 247 
PHE CG  CD1  doub Y N 248 
PHE CG  CD2  sing Y N 249 
PHE CD1 CE1  sing Y N 250 
PHE CD1 HD1  sing N N 251 
PHE CD2 CE2  doub Y N 252 
PHE CD2 HD2  sing N N 253 
PHE CE1 CZ   doub Y N 254 
PHE CE1 HE1  sing N N 255 
PHE CE2 CZ   sing Y N 256 
PHE CE2 HE2  sing N N 257 
PHE CZ  HZ   sing N N 258 
PHE OXT HXT  sing N N 259 
PRO N   CA   sing N N 260 
PRO N   CD   sing N N 261 
PRO N   H    sing N N 262 
PRO CA  C    sing N N 263 
PRO CA  CB   sing N N 264 
PRO CA  HA   sing N N 265 
PRO C   O    doub N N 266 
PRO C   OXT  sing N N 267 
PRO CB  CG   sing N N 268 
PRO CB  HB2  sing N N 269 
PRO CB  HB3  sing N N 270 
PRO CG  CD   sing N N 271 
PRO CG  HG2  sing N N 272 
PRO CG  HG3  sing N N 273 
PRO CD  HD2  sing N N 274 
PRO CD  HD3  sing N N 275 
PRO OXT HXT  sing N N 276 
SER N   CA   sing N N 277 
SER N   H    sing N N 278 
SER N   H2   sing N N 279 
SER CA  C    sing N N 280 
SER CA  CB   sing N N 281 
SER CA  HA   sing N N 282 
SER C   O    doub N N 283 
SER C   OXT  sing N N 284 
SER CB  OG   sing N N 285 
SER CB  HB2  sing N N 286 
SER CB  HB3  sing N N 287 
SER OG  HG   sing N N 288 
SER OXT HXT  sing N N 289 
THR N   CA   sing N N 290 
THR N   H    sing N N 291 
THR N   H2   sing N N 292 
THR CA  C    sing N N 293 
THR CA  CB   sing N N 294 
THR CA  HA   sing N N 295 
THR C   O    doub N N 296 
THR C   OXT  sing N N 297 
THR CB  OG1  sing N N 298 
THR CB  CG2  sing N N 299 
THR CB  HB   sing N N 300 
THR OG1 HG1  sing N N 301 
THR CG2 HG21 sing N N 302 
THR CG2 HG22 sing N N 303 
THR CG2 HG23 sing N N 304 
THR OXT HXT  sing N N 305 
TRP N   CA   sing N N 306 
TRP N   H    sing N N 307 
TRP N   H2   sing N N 308 
TRP CA  C    sing N N 309 
TRP CA  CB   sing N N 310 
TRP CA  HA   sing N N 311 
TRP C   O    doub N N 312 
TRP C   OXT  sing N N 313 
TRP CB  CG   sing N N 314 
TRP CB  HB2  sing N N 315 
TRP CB  HB3  sing N N 316 
TRP CG  CD1  doub Y N 317 
TRP CG  CD2  sing Y N 318 
TRP CD1 NE1  sing Y N 319 
TRP CD1 HD1  sing N N 320 
TRP CD2 CE2  doub Y N 321 
TRP CD2 CE3  sing Y N 322 
TRP NE1 CE2  sing Y N 323 
TRP NE1 HE1  sing N N 324 
TRP CE2 CZ2  sing Y N 325 
TRP CE3 CZ3  doub Y N 326 
TRP CE3 HE3  sing N N 327 
TRP CZ2 CH2  doub Y N 328 
TRP CZ2 HZ2  sing N N 329 
TRP CZ3 CH2  sing Y N 330 
TRP CZ3 HZ3  sing N N 331 
TRP CH2 HH2  sing N N 332 
TRP OXT HXT  sing N N 333 
TYR N   CA   sing N N 334 
TYR N   H    sing N N 335 
TYR N   H2   sing N N 336 
TYR CA  C    sing N N 337 
TYR CA  CB   sing N N 338 
TYR CA  HA   sing N N 339 
TYR C   O    doub N N 340 
TYR C   OXT  sing N N 341 
TYR CB  CG   sing N N 342 
TYR CB  HB2  sing N N 343 
TYR CB  HB3  sing N N 344 
TYR CG  CD1  doub Y N 345 
TYR CG  CD2  sing Y N 346 
TYR CD1 CE1  sing Y N 347 
TYR CD1 HD1  sing N N 348 
TYR CD2 CE2  doub Y N 349 
TYR CD2 HD2  sing N N 350 
TYR CE1 CZ   doub Y N 351 
TYR CE1 HE1  sing N N 352 
TYR CE2 CZ   sing Y N 353 
TYR CE2 HE2  sing N N 354 
TYR CZ  OH   sing N N 355 
TYR OH  HH   sing N N 356 
TYR OXT HXT  sing N N 357 
VAL N   CA   sing N N 358 
VAL N   H    sing N N 359 
VAL N   H2   sing N N 360 
VAL CA  C    sing N N 361 
VAL CA  CB   sing N N 362 
VAL CA  HA   sing N N 363 
VAL C   O    doub N N 364 
VAL C   OXT  sing N N 365 
VAL CB  CG1  sing N N 366 
VAL CB  CG2  sing N N 367 
VAL CB  HB   sing N N 368 
VAL CG1 HG11 sing N N 369 
VAL CG1 HG12 sing N N 370 
VAL CG1 HG13 sing N N 371 
VAL CG2 HG21 sing N N 372 
VAL CG2 HG22 sing N N 373 
VAL CG2 HG23 sing N N 374 
VAL OXT HXT  sing N N 375 
# 
_atom_sites.entry_id                    3JZV 
_atom_sites.fract_transf_matrix[1][1]   0.00927680 
_atom_sites.fract_transf_matrix[1][2]   0.00705987 
_atom_sites.fract_transf_matrix[1][3]   0.00505105 
_atom_sites.fract_transf_matrix[2][1]   0.00510443 
_atom_sites.fract_transf_matrix[2][2]   -0.00326561 
_atom_sites.fract_transf_matrix[2][3]   0.01116681 
_atom_sites.fract_transf_matrix[3][1]   0.00422873 
_atom_sites.fract_transf_matrix[3][2]   -0.00345151 
_atom_sites.fract_transf_matrix[3][3]   -0.00294234 
_atom_sites.fract_transf_vector[1]      -0.170807 
_atom_sites.fract_transf_vector[2]      -0.265594 
_atom_sites.fract_transf_vector[3]      -0.079158 
# 
loop_
_atom_type.symbol 
C  
MN 
N  
O  
S  
SE 
# 
loop_
_atom_site.group_PDB 
_atom_site.id 
_atom_site.type_symbol 
_atom_site.label_atom_id 
_atom_site.label_alt_id 
_atom_site.label_comp_id 
_atom_site.label_asym_id 
_atom_site.label_entity_id 
_atom_site.label_seq_id 
_atom_site.pdbx_PDB_ins_code 
_atom_site.Cartn_x 
_atom_site.Cartn_y 
_atom_site.Cartn_z 
_atom_site.occupancy 
_atom_site.B_iso_or_equiv 
_atom_site.pdbx_formal_charge 
_atom_site.auth_seq_id 
_atom_site.auth_comp_id 
_atom_site.auth_asym_id 
_atom_site.auth_atom_id 
_atom_site.pdbx_PDB_model_num 
ATOM   1    N  N   . ARG A 1 10  ? 17.785  20.254  9.390   1.00 63.15  ? 8   ARG A N   1 
ATOM   2    C  CA  . ARG A 1 10  ? 18.633  19.021  9.215   1.00 62.21  ? 8   ARG A CA  1 
ATOM   3    C  C   . ARG A 1 10  ? 19.511  18.588  10.422  1.00 60.89  ? 8   ARG A C   1 
ATOM   4    O  O   . ARG A 1 10  ? 20.577  18.004  10.210  1.00 61.22  ? 8   ARG A O   1 
ATOM   5    C  CB  . ARG A 1 10  ? 19.505  19.136  7.942   1.00 62.64  ? 8   ARG A CB  1 
ATOM   6    N  N   . PRO A 1 11  ? 19.071  18.829  11.681  1.00 59.71  ? 9   PRO A N   1 
ATOM   7    C  CA  . PRO A 1 11  ? 19.904  18.142  12.709  1.00 58.65  ? 9   PRO A CA  1 
ATOM   8    C  C   . PRO A 1 11  ? 19.746  16.606  12.638  1.00 57.55  ? 9   PRO A C   1 
ATOM   9    O  O   . PRO A 1 11  ? 20.709  15.888  12.881  1.00 58.15  ? 9   PRO A O   1 
ATOM   10   C  CB  . PRO A 1 11  ? 19.425  18.715  14.061  1.00 58.55  ? 9   PRO A CB  1 
ATOM   11   C  CG  . PRO A 1 11  ? 18.119  19.479  13.770  1.00 58.93  ? 9   PRO A CG  1 
ATOM   12   C  CD  . PRO A 1 11  ? 17.871  19.486  12.250  1.00 59.62  ? 9   PRO A CD  1 
ATOM   13   N  N   . PHE A 1 12  ? 18.573  16.107  12.251  1.00 56.12  ? 10  PHE A N   1 
ATOM   14   C  CA  . PHE A 1 12  ? 18.380  14.661  12.117  1.00 54.57  ? 10  PHE A CA  1 
ATOM   15   C  C   . PHE A 1 12  ? 18.180  14.244  10.675  1.00 54.31  ? 10  PHE A C   1 
ATOM   16   O  O   . PHE A 1 12  ? 17.241  14.718  10.027  1.00 54.97  ? 10  PHE A O   1 
ATOM   17   C  CB  . PHE A 1 12  ? 17.217  14.171  13.007  1.00 53.78  ? 10  PHE A CB  1 
ATOM   18   C  CG  . PHE A 1 12  ? 17.399  14.529  14.445  1.00 51.44  ? 10  PHE A CG  1 
ATOM   19   C  CD1 . PHE A 1 12  ? 16.788  15.658  14.975  1.00 46.30  ? 10  PHE A CD1 1 
ATOM   20   C  CD2 . PHE A 1 12  ? 18.222  13.755  15.272  1.00 51.30  ? 10  PHE A CD2 1 
ATOM   21   C  CE1 . PHE A 1 12  ? 16.994  16.021  16.302  1.00 46.24  ? 10  PHE A CE1 1 
ATOM   22   C  CE2 . PHE A 1 12  ? 18.428  14.111  16.619  1.00 50.35  ? 10  PHE A CE2 1 
ATOM   23   C  CZ  . PHE A 1 12  ? 17.815  15.264  17.128  1.00 47.39  ? 10  PHE A CZ  1 
ATOM   24   N  N   . ARG A 1 13  ? 19.069  13.371  10.182  1.00 53.26  ? 11  ARG A N   1 
ATOM   25   C  CA  . ARG A 1 13  ? 18.931  12.745  8.866   1.00 52.86  ? 11  ARG A CA  1 
ATOM   26   C  C   . ARG A 1 13  ? 18.836  11.224  8.987   1.00 52.57  ? 11  ARG A C   1 
ATOM   27   O  O   . ARG A 1 13  ? 19.849  10.533  9.011   1.00 51.01  ? 11  ARG A O   1 
ATOM   28   C  CB  . ARG A 1 13  ? 20.058  13.142  7.912   1.00 52.93  ? 11  ARG A CB  1 
ATOM   29   C  CG  . ARG A 1 13  ? 20.012  14.622  7.468   1.00 54.71  ? 11  ARG A CG  1 
ATOM   30   C  CD  . ARG A 1 13  ? 21.311  15.053  6.782   1.00 55.82  ? 11  ARG A CD  1 
ATOM   31   N  NE  . ARG A 1 13  ? 22.435  14.946  7.714   1.00 54.61  ? 11  ARG A NE  1 
ATOM   32   C  CZ  . ARG A 1 13  ? 23.713  14.854  7.352   1.00 55.60  ? 11  ARG A CZ  1 
ATOM   33   N  NH1 . ARG A 1 13  ? 24.056  14.868  6.071   1.00 55.14  ? 11  ARG A NH1 1 
ATOM   34   N  NH2 . ARG A 1 13  ? 24.657  14.750  8.278   1.00 54.72  ? 11  ARG A NH2 1 
ATOM   35   N  N   . PRO A 1 14  ? 17.597  10.704  9.060   1.00 53.04  ? 12  PRO A N   1 
ATOM   36   C  CA  . PRO A 1 14  ? 17.367  9.271   9.290   1.00 52.91  ? 12  PRO A CA  1 
ATOM   37   C  C   . PRO A 1 14  ? 17.935  8.342   8.215   1.00 52.62  ? 12  PRO A C   1 
ATOM   38   O  O   . PRO A 1 14  ? 17.990  8.693   7.034   1.00 52.99  ? 12  PRO A O   1 
ATOM   39   C  CB  . PRO A 1 14  ? 15.827  9.153   9.368   1.00 53.86  ? 12  PRO A CB  1 
ATOM   40   C  CG  . PRO A 1 14  ? 15.278  10.489  8.800   1.00 53.91  ? 12  PRO A CG  1 
ATOM   41   C  CD  . PRO A 1 14  ? 16.346  11.498  9.147   1.00 53.37  ? 12  PRO A CD  1 
ATOM   42   N  N   . PHE A 1 15  ? 18.375  7.172   8.650   1.00 51.62  ? 13  PHE A N   1 
ATOM   43   C  CA  . PHE A 1 15  ? 18.797  6.107   7.767   1.00 51.62  ? 13  PHE A CA  1 
ATOM   44   C  C   . PHE A 1 15  ? 17.561  5.436   7.132   1.00 52.06  ? 13  PHE A C   1 
ATOM   45   O  O   . PHE A 1 15  ? 16.496  5.322   7.767   1.00 51.08  ? 13  PHE A O   1 
ATOM   46   C  CB  . PHE A 1 15  ? 19.593  5.071   8.588   1.00 51.52  ? 13  PHE A CB  1 
ATOM   47   C  CG  . PHE A 1 15  ? 19.912  3.802   7.838   1.00 50.98  ? 13  PHE A CG  1 
ATOM   48   C  CD1 . PHE A 1 15  ? 20.920  3.775   6.879   1.00 47.62  ? 13  PHE A CD1 1 
ATOM   49   C  CD2 . PHE A 1 15  ? 19.196  2.621   8.095   1.00 50.48  ? 13  PHE A CD2 1 
ATOM   50   C  CE1 . PHE A 1 15  ? 21.194  2.614   6.196   1.00 46.27  ? 13  PHE A CE1 1 
ATOM   51   C  CE2 . PHE A 1 15  ? 19.493  1.441   7.409   1.00 47.02  ? 13  PHE A CE2 1 
ATOM   52   C  CZ  . PHE A 1 15  ? 20.483  1.443   6.483   1.00 46.96  ? 13  PHE A CZ  1 
ATOM   53   N  N   . GLN A 1 16  ? 17.716  4.958   5.902   1.00 52.32  ? 14  GLN A N   1 
ATOM   54   C  CA  . GLN A 1 16  ? 16.671  4.170   5.268   1.00 54.24  ? 14  GLN A CA  1 
ATOM   55   C  C   . GLN A 1 16  ? 17.300  3.285   4.212   1.00 54.34  ? 14  GLN A C   1 
ATOM   56   O  O   . GLN A 1 16  ? 17.725  3.798   3.186   1.00 55.84  ? 14  GLN A O   1 
ATOM   57   C  CB  . GLN A 1 16  ? 15.575  5.091   4.681   1.00 54.61  ? 14  GLN A CB  1 
ATOM   58   C  CG  . GLN A 1 16  ? 14.966  4.637   3.339   1.00 58.62  ? 14  GLN A CG  1 
ATOM   59   C  CD  . GLN A 1 16  ? 13.692  5.410   2.918   1.00 62.41  ? 14  GLN A CD  1 
ATOM   60   O  OE1 . GLN A 1 16  ? 13.458  6.567   3.340   1.00 63.63  ? 14  GLN A OE1 1 
ATOM   61   N  NE2 . GLN A 1 16  ? 12.851  4.750   2.091   1.00 63.58  ? 14  GLN A NE2 1 
ATOM   62   N  N   . SER A 1 17  ? 17.413  1.980   4.489   1.00 53.70  ? 15  SER A N   1 
ATOM   63   C  CA  . SER A 1 17  ? 17.754  0.989   3.467   1.00 54.10  ? 15  SER A CA  1 
ATOM   64   C  C   . SER A 1 17  ? 16.613  0.853   2.421   1.00 53.71  ? 15  SER A C   1 
ATOM   65   O  O   . SER A 1 17  ? 15.476  1.276   2.674   1.00 54.21  ? 15  SER A O   1 
ATOM   66   C  CB  . SER A 1 17  ? 18.070  -0.387  4.088   1.00 54.17  ? 15  SER A CB  1 
ATOM   67   O  OG  . SER A 1 17  ? 17.009  -0.838  4.921   1.00 56.87  ? 15  SER A OG  1 
ATOM   68   N  N   . GLN A 1 18  ? 16.925  0.296   1.251   1.00 52.23  ? 16  GLN A N   1 
ATOM   69   C  CA  . GLN A 1 18  ? 15.947  0.149   0.174   1.00 51.38  ? 16  GLN A CA  1 
ATOM   70   C  C   . GLN A 1 18  ? 16.193  -1.183  -0.427  1.00 49.78  ? 16  GLN A C   1 
ATOM   71   O  O   . GLN A 1 18  ? 17.332  -1.559  -0.586  1.00 48.83  ? 16  GLN A O   1 
ATOM   72   C  CB  . GLN A 1 18  ? 16.171  1.168   -0.921  1.00 51.65  ? 16  GLN A CB  1 
ATOM   73   C  CG  . GLN A 1 18  ? 16.087  2.578   -0.417  1.00 55.40  ? 16  GLN A CG  1 
ATOM   74   C  CD  . GLN A 1 18  ? 16.699  3.591   -1.374  1.00 56.16  ? 16  GLN A CD  1 
ATOM   75   O  OE1 . GLN A 1 18  ? 17.399  3.241   -2.349  1.00 55.12  ? 16  GLN A OE1 1 
ATOM   76   N  NE2 . GLN A 1 18  ? 16.454  4.857   -1.078  1.00 55.83  ? 16  GLN A NE2 1 
ATOM   77   N  N   . TYR A 1 19  ? 15.118  -1.891  -0.756  1.00 48.56  ? 17  TYR A N   1 
ATOM   78   C  CA  . TYR A 1 19  ? 15.223  -3.187  -1.367  1.00 47.52  ? 17  TYR A CA  1 
ATOM   79   C  C   . TYR A 1 19  ? 15.156  -3.060  -2.875  1.00 47.38  ? 17  TYR A C   1 
ATOM   80   O  O   . TYR A 1 19  ? 14.297  -2.360  -3.397  1.00 47.26  ? 17  TYR A O   1 
ATOM   81   C  CB  . TYR A 1 19  ? 14.105  -4.035  -0.824  1.00 48.25  ? 17  TYR A CB  1 
ATOM   82   C  CG  . TYR A 1 19  ? 14.328  -4.548  0.586   1.00 47.97  ? 17  TYR A CG  1 
ATOM   83   C  CD1 . TYR A 1 19  ? 15.272  -3.970  1.458   1.00 48.00  ? 17  TYR A CD1 1 
ATOM   84   C  CD2 . TYR A 1 19  ? 13.585  -5.633  1.048   1.00 49.09  ? 17  TYR A CD2 1 
ATOM   85   C  CE1 . TYR A 1 19  ? 15.453  -4.488  2.779   1.00 48.20  ? 17  TYR A CE1 1 
ATOM   86   C  CE2 . TYR A 1 19  ? 13.749  -6.131  2.312   1.00 49.31  ? 17  TYR A CE2 1 
ATOM   87   C  CZ  . TYR A 1 19  ? 14.677  -5.570  3.175   1.00 48.51  ? 17  TYR A CZ  1 
ATOM   88   O  OH  . TYR A 1 19  ? 14.766  -6.145  4.416   1.00 49.85  ? 17  TYR A OH  1 
ATOM   89   N  N   . ARG A 1 20  ? 16.092  -3.703  -3.569  1.00 47.63  ? 18  ARG A N   1 
ATOM   90   C  CA  . ARG A 1 20  ? 16.229  -3.586  -5.022  1.00 48.12  ? 18  ARG A CA  1 
ATOM   91   C  C   . ARG A 1 20  ? 16.654  -4.929  -5.556  1.00 49.78  ? 18  ARG A C   1 
ATOM   92   O  O   . ARG A 1 20  ? 17.183  -5.775  -4.815  1.00 49.94  ? 18  ARG A O   1 
ATOM   93   C  CB  . ARG A 1 20  ? 17.284  -2.530  -5.452  1.00 47.26  ? 18  ARG A CB  1 
ATOM   94   C  CG  . ARG A 1 20  ? 17.009  -1.085  -4.986  1.00 46.48  ? 18  ARG A CG  1 
ATOM   95   C  CD  . ARG A 1 20  ? 15.697  -0.526  -5.600  1.00 46.47  ? 18  ARG A CD  1 
ATOM   96   N  NE  . ARG A 1 20  ? 15.447  0.886   -5.299  1.00 42.02  ? 18  ARG A NE  1 
ATOM   97   C  CZ  . ARG A 1 20  ? 14.652  1.325   -4.342  1.00 42.99  ? 18  ARG A CZ  1 
ATOM   98   N  NH1 . ARG A 1 20  ? 14.015  0.437   -3.549  1.00 43.61  ? 18  ARG A NH1 1 
ATOM   99   N  NH2 . ARG A 1 20  ? 14.496  2.655   -4.170  1.00 39.58  ? 18  ARG A NH2 1 
ATOM   100  N  N   . TRP A 1 21  ? 16.369  -5.135  -6.834  1.00 50.45  ? 19  TRP A N   1 
ATOM   101  C  CA  . TRP A 1 21  ? 16.835  -6.284  -7.558  1.00 52.20  ? 19  TRP A CA  1 
ATOM   102  C  C   . TRP A 1 21  ? 17.343  -5.606  -8.837  1.00 55.49  ? 19  TRP A C   1 
ATOM   103  O  O   . TRP A 1 21  ? 16.529  -5.168  -9.654  1.00 56.51  ? 19  TRP A O   1 
ATOM   104  C  CB  . TRP A 1 21  ? 15.680  -7.240  -7.857  1.00 50.66  ? 19  TRP A CB  1 
ATOM   105  C  CG  . TRP A 1 21  ? 15.114  -7.949  -6.647  1.00 46.68  ? 19  TRP A CG  1 
ATOM   106  C  CD1 . TRP A 1 21  ? 15.400  -9.234  -6.236  1.00 43.48  ? 19  TRP A CD1 1 
ATOM   107  C  CD2 . TRP A 1 21  ? 14.187  -7.426  -5.686  1.00 41.25  ? 19  TRP A CD2 1 
ATOM   108  N  NE1 . TRP A 1 21  ? 14.696  -9.531  -5.098  1.00 42.54  ? 19  TRP A NE1 1 
ATOM   109  C  CE2 . TRP A 1 21  ? 13.939  -8.442  -4.745  1.00 41.61  ? 19  TRP A CE2 1 
ATOM   110  C  CE3 . TRP A 1 21  ? 13.533  -6.201  -5.539  1.00 43.40  ? 19  TRP A CE3 1 
ATOM   111  C  CZ2 . TRP A 1 21  ? 13.081  -8.259  -3.651  1.00 39.55  ? 19  TRP A CZ2 1 
ATOM   112  C  CZ3 . TRP A 1 21  ? 12.686  -6.015  -4.449  1.00 44.23  ? 19  TRP A CZ3 1 
ATOM   113  C  CH2 . TRP A 1 21  ? 12.465  -7.055  -3.516  1.00 41.58  ? 19  TRP A CH2 1 
ATOM   114  N  N   . PRO A 1 22  ? 18.682  -5.429  -8.977  1.00 58.02  ? 20  PRO A N   1 
ATOM   115  C  CA  . PRO A 1 22  ? 19.154  -4.682  -10.169 1.00 59.57  ? 20  PRO A CA  1 
ATOM   116  C  C   . PRO A 1 22  ? 18.783  -5.421  -11.453 1.00 60.64  ? 20  PRO A C   1 
ATOM   117  O  O   . PRO A 1 22  ? 18.853  -6.656  -11.505 1.00 61.04  ? 20  PRO A O   1 
ATOM   118  C  CB  . PRO A 1 22  ? 20.681  -4.607  -9.962  1.00 59.63  ? 20  PRO A CB  1 
ATOM   119  C  CG  . PRO A 1 22  ? 20.832  -4.690  -8.382  1.00 59.49  ? 20  PRO A CG  1 
ATOM   120  C  CD  . PRO A 1 22  ? 19.788  -5.728  -8.033  1.00 58.18  ? 20  PRO A CD  1 
ATOM   121  N  N   . GLY A 1 23  ? 18.369  -4.668  -12.471 1.00 61.76  ? 21  GLY A N   1 
ATOM   122  C  CA  . GLY A 1 23  ? 17.825  -5.279  -13.690 1.00 63.08  ? 21  GLY A CA  1 
ATOM   123  C  C   . GLY A 1 23  ? 16.306  -5.161  -13.757 1.00 63.83  ? 21  GLY A C   1 
ATOM   124  O  O   . GLY A 1 23  ? 15.727  -5.279  -14.834 1.00 64.77  ? 21  GLY A O   1 
ATOM   125  N  N   . VAL A 1 24  ? 15.668  -4.935  -12.607 1.00 63.38  ? 22  VAL A N   1 
ATOM   126  C  CA  . VAL A 1 24  ? 14.233  -4.654  -12.521 1.00 63.17  ? 22  VAL A CA  1 
ATOM   127  C  C   . VAL A 1 24  ? 14.083  -3.145  -12.354 1.00 63.54  ? 22  VAL A C   1 
ATOM   128  O  O   . VAL A 1 24  ? 14.714  -2.559  -11.475 1.00 62.40  ? 22  VAL A O   1 
ATOM   129  C  CB  . VAL A 1 24  ? 13.611  -5.381  -11.289 1.00 62.82  ? 22  VAL A CB  1 
ATOM   130  C  CG1 . VAL A 1 24  ? 12.312  -4.757  -10.896 1.00 62.58  ? 22  VAL A CG1 1 
ATOM   131  C  CG2 . VAL A 1 24  ? 13.448  -6.869  -11.541 1.00 62.01  ? 22  VAL A CG2 1 
ATOM   132  N  N   . ASP A 1 25  ? 13.268  -2.507  -13.197 1.00 64.63  ? 23  ASP A N   1 
ATOM   133  C  CA  . ASP A 1 25  ? 13.117  -1.040  -13.133 1.00 66.12  ? 23  ASP A CA  1 
ATOM   134  C  C   . ASP A 1 25  ? 12.377  -0.570  -11.877 1.00 66.85  ? 23  ASP A C   1 
ATOM   135  O  O   . ASP A 1 25  ? 11.410  -1.200  -11.420 1.00 66.86  ? 23  ASP A O   1 
ATOM   136  C  CB  . ASP A 1 25  ? 12.401  -0.465  -14.366 1.00 66.42  ? 23  ASP A CB  1 
ATOM   137  C  CG  . ASP A 1 25  ? 13.127  -0.760  -15.673 1.00 68.90  ? 23  ASP A CG  1 
ATOM   138  O  OD1 . ASP A 1 25  ? 14.382  -0.840  -15.687 1.00 69.77  ? 23  ASP A OD1 1 
ATOM   139  O  OD2 . ASP A 1 25  ? 12.423  -0.910  -16.700 1.00 71.32  ? 23  ASP A OD2 1 
ATOM   140  N  N   . LEU A 1 26  ? 12.833  0.554   -11.345 1.00 67.54  ? 24  LEU A N   1 
ATOM   141  C  CA  . LEU A 1 26  ? 12.187  1.225   -10.250 1.00 68.71  ? 24  LEU A CA  1 
ATOM   142  C  C   . LEU A 1 26  ? 11.241  2.308   -10.789 1.00 69.88  ? 24  LEU A C   1 
ATOM   143  O  O   . LEU A 1 26  ? 11.652  3.169   -11.560 1.00 70.32  ? 24  LEU A O   1 
ATOM   144  C  CB  . LEU A 1 26  ? 13.246  1.853   -9.327  1.00 68.42  ? 24  LEU A CB  1 
ATOM   145  C  CG  . LEU A 1 26  ? 12.671  2.558   -8.096  1.00 67.89  ? 24  LEU A CG  1 
ATOM   146  C  CD1 . LEU A 1 26  ? 12.409  1.516   -7.046  1.00 66.33  ? 24  LEU A CD1 1 
ATOM   147  C  CD2 . LEU A 1 26  ? 13.578  3.649   -7.562  1.00 68.73  ? 24  LEU A CD2 1 
ATOM   148  N  N   . LEU A 1 27  ? 9.979   2.270   -10.389 1.00 71.18  ? 25  LEU A N   1 
ATOM   149  C  CA  . LEU A 1 27  ? 9.086   3.376   -10.679 1.00 72.90  ? 25  LEU A CA  1 
ATOM   150  C  C   . LEU A 1 27  ? 8.855   4.182   -9.407  1.00 73.91  ? 25  LEU A C   1 
ATOM   151  O  O   . LEU A 1 27  ? 8.249   3.686   -8.469  1.00 73.78  ? 25  LEU A O   1 
ATOM   152  C  CB  . LEU A 1 27  ? 7.765   2.871   -11.269 1.00 72.73  ? 25  LEU A CB  1 
ATOM   153  C  CG  . LEU A 1 27  ? 6.589   3.847   -11.424 1.00 74.02  ? 25  LEU A CG  1 
ATOM   154  C  CD1 . LEU A 1 27  ? 6.934   5.104   -12.256 1.00 74.06  ? 25  LEU A CD1 1 
ATOM   155  C  CD2 . LEU A 1 27  ? 5.391   3.106   -12.040 1.00 75.76  ? 25  LEU A CD2 1 
ATOM   156  N  N   . ALA A 1 28  ? 9.373   5.406   -9.359  1.00 76.05  ? 26  ALA A N   1 
ATOM   157  C  CA  . ALA A 1 28  ? 9.057   6.323   -8.256  1.00 78.29  ? 26  ALA A CA  1 
ATOM   158  C  C   . ALA A 1 28  ? 7.891   7.164   -8.735  1.00 80.00  ? 26  ALA A C   1 
ATOM   159  O  O   . ALA A 1 28  ? 7.945   7.711   -9.834  1.00 80.47  ? 26  ALA A O   1 
ATOM   160  C  CB  . ALA A 1 28  ? 10.257  7.199   -7.886  1.00 77.99  ? 26  ALA A CB  1 
ATOM   161  N  N   . TYR A 1 29  ? 6.824   7.235   -7.939  1.00 82.29  ? 27  TYR A N   1 
ATOM   162  C  CA  . TYR A 1 29  ? 5.600   7.932   -8.368  1.00 84.47  ? 27  TYR A CA  1 
ATOM   163  C  C   . TYR A 1 29  ? 5.699   9.435   -8.126  1.00 86.25  ? 27  TYR A C   1 
ATOM   164  O  O   . TYR A 1 29  ? 6.055   9.872   -7.027  1.00 86.10  ? 27  TYR A O   1 
ATOM   165  C  CB  . TYR A 1 29  ? 4.361   7.370   -7.665  1.00 84.34  ? 27  TYR A CB  1 
ATOM   166  C  CG  . TYR A 1 29  ? 3.925   5.977   -8.105  1.00 84.41  ? 27  TYR A CG  1 
ATOM   167  C  CD1 . TYR A 1 29  ? 3.306   5.766   -9.349  1.00 83.75  ? 27  TYR A CD1 1 
ATOM   168  C  CD2 . TYR A 1 29  ? 4.104   4.874   -7.264  1.00 82.69  ? 27  TYR A CD2 1 
ATOM   169  C  CE1 . TYR A 1 29  ? 2.900   4.485   -9.739  1.00 83.81  ? 27  TYR A CE1 1 
ATOM   170  C  CE2 . TYR A 1 29  ? 3.698   3.601   -7.647  1.00 82.66  ? 27  TYR A CE2 1 
ATOM   171  C  CZ  . TYR A 1 29  ? 3.102   3.411   -8.873  1.00 82.66  ? 27  TYR A CZ  1 
ATOM   172  O  OH  . TYR A 1 29  ? 2.708   2.151   -9.228  1.00 82.33  ? 27  TYR A OH  1 
ATOM   173  N  N   . LYS A 1 30  ? 5.379   10.216  -9.158  1.00 88.56  ? 28  LYS A N   1 
ATOM   174  C  CA  . LYS A 1 30  ? 5.473   11.674  -9.079  1.00 90.72  ? 28  LYS A CA  1 
ATOM   175  C  C   . LYS A 1 30  ? 4.352   12.265  -8.209  1.00 92.09  ? 28  LYS A C   1 
ATOM   176  O  O   . LYS A 1 30  ? 3.164   12.133  -8.538  1.00 92.14  ? 28  LYS A O   1 
ATOM   177  C  CB  . LYS A 1 30  ? 5.486   12.302  -10.485 1.00 90.87  ? 28  LYS A CB  1 
ATOM   178  N  N   . GLU A 1 31  ? 4.751   12.894  -7.097  1.00 93.69  ? 29  GLU A N   1 
ATOM   179  C  CA  . GLU A 1 31  ? 3.832   13.589  -6.182  1.00 95.31  ? 29  GLU A CA  1 
ATOM   180  C  C   . GLU A 1 31  ? 3.672   15.068  -6.537  1.00 96.58  ? 29  GLU A C   1 
ATOM   181  O  O   . GLU A 1 31  ? 4.638   15.721  -6.974  1.00 96.86  ? 29  GLU A O   1 
ATOM   182  C  CB  . GLU A 1 31  ? 4.312   13.473  -4.735  1.00 95.17  ? 29  GLU A CB  1 
ATOM   183  C  CG  . GLU A 1 31  ? 4.078   12.112  -4.119  1.00 94.72  ? 29  GLU A CG  1 
ATOM   184  C  CD  . GLU A 1 31  ? 5.079   11.795  -3.030  1.00 94.21  ? 29  GLU A CD  1 
ATOM   185  O  OE1 . GLU A 1 31  ? 5.168   12.571  -2.055  1.00 93.75  ? 29  GLU A OE1 1 
ATOM   186  O  OE2 . GLU A 1 31  ? 5.780   10.765  -3.153  1.00 94.35  ? 29  GLU A OE2 1 
ATOM   187  N  N   . GLU A 1 32  ? 2.461   15.591  -6.325  1.00 97.94  ? 30  GLU A N   1 
ATOM   188  C  CA  . GLU A 1 32  ? 2.128   16.986  -6.668  1.00 99.08  ? 30  GLU A CA  1 
ATOM   189  C  C   . GLU A 1 32  ? 1.803   17.849  -5.437  1.00 99.29  ? 30  GLU A C   1 
ATOM   190  O  O   . GLU A 1 32  ? 1.395   17.336  -4.387  1.00 99.56  ? 30  GLU A O   1 
ATOM   191  C  CB  . GLU A 1 32  ? 0.978   17.031  -7.684  1.00 99.33  ? 30  GLU A CB  1 
ATOM   192  C  CG  . GLU A 1 32  ? 1.288   16.306  -9.001  1.00 100.61 ? 30  GLU A CG  1 
ATOM   193  C  CD  . GLU A 1 32  ? 0.052   16.068  -9.852  1.00 102.17 ? 30  GLU A CD  1 
ATOM   194  O  OE1 . GLU A 1 32  ? -1.026  15.755  -9.291  1.00 101.88 ? 30  GLU A OE1 1 
ATOM   195  O  OE2 . GLU A 1 32  ? 0.167   16.194  -11.091 1.00 102.69 ? 30  GLU A OE2 1 
ATOM   196  N  N   . SER A 1 34  ? -1.251  17.386  -5.068  1.00 84.53  ? 32  SER A N   1 
ATOM   197  C  CA  . SER A 1 34  ? -2.632  16.902  -5.054  1.00 84.54  ? 32  SER A CA  1 
ATOM   198  C  C   . SER A 1 34  ? -2.742  15.358  -5.140  1.00 83.77  ? 32  SER A C   1 
ATOM   199  O  O   . SER A 1 34  ? -3.844  14.817  -5.359  1.00 83.77  ? 32  SER A O   1 
ATOM   200  C  CB  . SER A 1 34  ? -3.434  17.559  -6.199  1.00 85.24  ? 32  SER A CB  1 
ATOM   201  O  OG  . SER A 1 34  ? -3.280  16.846  -7.428  1.00 86.32  ? 32  SER A OG  1 
ATOM   202  N  N   . ALA A 1 35  ? -1.613  14.663  -4.959  1.00 82.29  ? 33  ALA A N   1 
ATOM   203  C  CA  . ALA A 1 35  ? -1.547  13.202  -5.119  1.00 80.81  ? 33  ALA A CA  1 
ATOM   204  C  C   . ALA A 1 35  ? -2.157  12.418  -3.933  1.00 79.61  ? 33  ALA A C   1 
ATOM   205  O  O   . ALA A 1 35  ? -1.954  12.790  -2.767  1.00 79.08  ? 33  ALA A O   1 
ATOM   206  C  CB  . ALA A 1 35  ? -0.097  12.753  -5.393  1.00 80.94  ? 33  ALA A CB  1 
ATOM   207  N  N   . PRO A 1 36  ? -2.913  11.333  -4.237  1.00 78.43  ? 34  PRO A N   1 
ATOM   208  C  CA  . PRO A 1 36  ? -3.560  10.493  -3.200  1.00 77.27  ? 34  PRO A CA  1 
ATOM   209  C  C   . PRO A 1 36  ? -2.596  9.501   -2.517  1.00 75.97  ? 34  PRO A C   1 
ATOM   210  O  O   . PRO A 1 36  ? -2.970  8.832   -1.554  1.00 75.61  ? 34  PRO A O   1 
ATOM   211  C  CB  . PRO A 1 36  ? -4.652  9.757   -3.984  1.00 76.75  ? 34  PRO A CB  1 
ATOM   212  C  CG  . PRO A 1 36  ? -4.069  9.615   -5.367  1.00 77.65  ? 34  PRO A CG  1 
ATOM   213  C  CD  . PRO A 1 36  ? -3.265  10.881  -5.604  1.00 78.25  ? 34  PRO A CD  1 
ATOM   214  N  N   . PHE A 1 37  ? -1.371  9.422   -3.032  1.00 75.07  ? 35  PHE A N   1 
ATOM   215  C  CA  . PHE A 1 37  ? -0.284  8.619   -2.448  1.00 74.02  ? 35  PHE A CA  1 
ATOM   216  C  C   . PHE A 1 37  ? 0.852   9.536   -1.959  1.00 72.93  ? 35  PHE A C   1 
ATOM   217  O  O   . PHE A 1 37  ? 0.819   10.758  -2.175  1.00 72.76  ? 35  PHE A O   1 
ATOM   218  C  CB  . PHE A 1 37  ? 0.236   7.606   -3.475  1.00 74.11  ? 35  PHE A CB  1 
ATOM   219  C  CG  . PHE A 1 37  ? 0.475   8.200   -4.843  1.00 76.09  ? 35  PHE A CG  1 
ATOM   220  C  CD1 . PHE A 1 37  ? -0.434  7.979   -5.882  1.00 78.11  ? 35  PHE A CD1 1 
ATOM   221  C  CD2 . PHE A 1 37  ? 1.597   8.999   -5.090  1.00 77.52  ? 35  PHE A CD2 1 
ATOM   222  C  CE1 . PHE A 1 37  ? -0.235  8.544   -7.154  1.00 79.72  ? 35  PHE A CE1 1 
ATOM   223  C  CE2 . PHE A 1 37  ? 1.813   9.568   -6.355  1.00 78.45  ? 35  PHE A CE2 1 
ATOM   224  C  CZ  . PHE A 1 37  ? 0.895   9.342   -7.391  1.00 79.31  ? 35  PHE A CZ  1 
ATOM   225  N  N   . ARG A 1 38  ? 1.852   8.936   -1.311  1.00 71.39  ? 36  ARG A N   1 
ATOM   226  C  CA  . ARG A 1 38  ? 2.964   9.663   -0.695  1.00 69.91  ? 36  ARG A CA  1 
ATOM   227  C  C   . ARG A 1 38  ? 4.177   8.725   -0.423  1.00 68.23  ? 36  ARG A C   1 
ATOM   228  O  O   . ARG A 1 38  ? 4.075   7.787   0.367   1.00 67.71  ? 36  ARG A O   1 
ATOM   229  C  CB  . ARG A 1 38  ? 2.488   10.357  0.593   1.00 70.41  ? 36  ARG A CB  1 
ATOM   230  C  CG  . ARG A 1 38  ? 3.422   11.452  1.106   1.00 74.00  ? 36  ARG A CG  1 
ATOM   231  C  CD  . ARG A 1 38  ? 2.882   12.148  2.351   1.00 80.64  ? 36  ARG A CD  1 
ATOM   232  N  NE  . ARG A 1 38  ? 3.978   12.731  3.145   1.00 86.21  ? 36  ARG A NE  1 
ATOM   233  C  CZ  . ARG A 1 38  ? 3.854   13.266  4.364   1.00 88.18  ? 36  ARG A CZ  1 
ATOM   234  N  NH1 . ARG A 1 38  ? 2.669   13.323  4.973   1.00 88.38  ? 36  ARG A NH1 1 
ATOM   235  N  NH2 . ARG A 1 38  ? 4.929   13.749  4.983   1.00 88.66  ? 36  ARG A NH2 1 
ATOM   236  N  N   . SER A 1 39  ? 5.307   9.000   -1.088  1.00 65.98  ? 37  SER A N   1 
ATOM   237  C  CA  . SER A 1 39  ? 6.591   8.281   -0.917  1.00 63.68  ? 37  SER A CA  1 
ATOM   238  C  C   . SER A 1 39  ? 6.507   6.821   -1.312  1.00 61.46  ? 37  SER A C   1 
ATOM   239  O  O   . SER A 1 39  ? 6.841   5.936   -0.513  1.00 61.35  ? 37  SER A O   1 
ATOM   240  C  CB  . SER A 1 39  ? 7.136   8.387   0.526   1.00 63.77  ? 37  SER A CB  1 
ATOM   241  O  OG  . SER A 1 39  ? 7.048   9.705   1.033   1.00 65.14  ? 37  SER A OG  1 
ATOM   242  N  N   . VAL A 1 40  ? 6.077   6.567   -2.543  1.00 59.08  ? 38  VAL A N   1 
ATOM   243  C  CA  . VAL A 1 40  ? 5.859   5.200   -3.009  1.00 56.99  ? 38  VAL A CA  1 
ATOM   244  C  C   . VAL A 1 40  ? 6.697   4.891   -4.224  1.00 56.02  ? 38  VAL A C   1 
ATOM   245  O  O   . VAL A 1 40  ? 6.805   5.709   -5.135  1.00 55.90  ? 38  VAL A O   1 
ATOM   246  C  CB  . VAL A 1 40  ? 4.347   4.909   -3.338  1.00 57.51  ? 38  VAL A CB  1 
ATOM   247  C  CG1 . VAL A 1 40  ? 4.127   3.438   -3.783  1.00 55.17  ? 38  VAL A CG1 1 
ATOM   248  C  CG2 . VAL A 1 40  ? 3.441   5.269   -2.152  1.00 56.27  ? 38  VAL A CG2 1 
ATOM   249  N  N   . THR A 1 41  ? 7.285   3.692   -4.221  1.00 54.74  ? 39  THR A N   1 
ATOM   250  C  CA  . THR A 1 41  ? 7.995   3.137   -5.360  1.00 53.24  ? 39  THR A CA  1 
ATOM   251  C  C   . THR A 1 41  ? 7.460   1.735   -5.638  1.00 52.68  ? 39  THR A C   1 
ATOM   252  O  O   . THR A 1 41  ? 6.945   1.051   -4.744  1.00 52.07  ? 39  THR A O   1 
ATOM   253  C  CB  . THR A 1 41  ? 9.542   3.053   -5.120  1.00 53.05  ? 39  THR A CB  1 
ATOM   254  O  OG1 . THR A 1 41  ? 9.841   2.023   -4.169  1.00 54.05  ? 39  THR A OG1 1 
ATOM   255  C  CG2 . THR A 1 41  ? 10.110  4.392   -4.605  1.00 53.84  ? 39  THR A CG2 1 
ATOM   256  N  N   . ARG A 1 42  ? 7.610   1.295   -6.878  1.00 52.12  ? 40  ARG A N   1 
ATOM   257  C  CA  . ARG A 1 42  ? 7.194   -0.028  -7.247  1.00 52.04  ? 40  ARG A CA  1 
ATOM   258  C  C   . ARG A 1 42  ? 8.252   -0.649  -8.112  1.00 51.34  ? 40  ARG A C   1 
ATOM   259  O  O   . ARG A 1 42  ? 8.946   0.056   -8.841  1.00 52.63  ? 40  ARG A O   1 
ATOM   260  C  CB  . ARG A 1 42  ? 5.871   0.020   -8.000  1.00 52.21  ? 40  ARG A CB  1 
ATOM   261  C  CG  . ARG A 1 42  ? 5.418   -1.330  -8.488  1.00 55.24  ? 40  ARG A CG  1 
ATOM   262  C  CD  . ARG A 1 42  ? 4.239   -1.212  -9.430  1.00 62.63  ? 40  ARG A CD  1 
ATOM   263  N  NE  . ARG A 1 42  ? 4.597   -0.624  -10.719 1.00 67.93  ? 40  ARG A NE  1 
ATOM   264  C  CZ  . ARG A 1 42  ? 3.845   -0.737  -11.815 1.00 71.93  ? 40  ARG A CZ  1 
ATOM   265  N  NH1 . ARG A 1 42  ? 4.237   -0.171  -12.953 1.00 72.99  ? 40  ARG A NH1 1 
ATOM   266  N  NH2 . ARG A 1 42  ? 2.695   -1.418  -11.777 1.00 71.83  ? 40  ARG A NH2 1 
ATOM   267  N  N   . GLN A 1 43  ? 8.357   -1.970  -8.021  1.00 50.00  ? 41  GLN A N   1 
ATOM   268  C  CA  . GLN A 1 43  ? 9.229   -2.793  -8.823  1.00 48.68  ? 41  GLN A CA  1 
ATOM   269  C  C   . GLN A 1 43  ? 8.421   -4.023  -9.182  1.00 48.93  ? 41  GLN A C   1 
ATOM   270  O  O   . GLN A 1 43  ? 7.762   -4.593  -8.305  1.00 48.31  ? 41  GLN A O   1 
ATOM   271  C  CB  . GLN A 1 43  ? 10.462  -3.200  -8.004  1.00 48.05  ? 41  GLN A CB  1 
ATOM   272  C  CG  . GLN A 1 43  ? 11.362  -2.027  -7.649  1.00 47.53  ? 41  GLN A CG  1 
ATOM   273  C  CD  . GLN A 1 43  ? 12.439  -2.390  -6.633  1.00 45.92  ? 41  GLN A CD  1 
ATOM   274  O  OE1 . GLN A 1 43  ? 13.449  -3.006  -6.975  1.00 44.89  ? 41  GLN A OE1 1 
ATOM   275  N  NE2 . GLN A 1 43  ? 12.217  -2.008  -5.383  1.00 43.49  ? 41  GLN A NE2 1 
ATOM   276  N  N   . VAL A 1 44  ? 8.480   -4.446  -10.449 1.00 49.44  ? 42  VAL A N   1 
ATOM   277  C  CA  . VAL A 1 44  ? 7.694   -5.582  -10.933 1.00 49.19  ? 42  VAL A CA  1 
ATOM   278  C  C   . VAL A 1 44  ? 8.630   -6.728  -10.969 1.00 49.87  ? 42  VAL A C   1 
ATOM   279  O  O   . VAL A 1 44  ? 9.582   -6.718  -11.730 1.00 51.20  ? 42  VAL A O   1 
ATOM   280  C  CB  . VAL A 1 44  ? 7.145   -5.363  -12.381 1.00 49.57  ? 42  VAL A CB  1 
ATOM   281  C  CG1 . VAL A 1 44  ? 6.380   -6.590  -12.848 1.00 48.56  ? 42  VAL A CG1 1 
ATOM   282  C  CG2 . VAL A 1 44  ? 6.264   -4.125  -12.444 1.00 47.92  ? 42  VAL A CG2 1 
ATOM   283  N  N   . LEU A 1 45  ? 8.376   -7.739  -10.161 1.00 50.32  ? 43  LEU A N   1 
ATOM   284  C  CA  . LEU A 1 45  ? 9.354   -8.798  -10.007 1.00 50.41  ? 43  LEU A CA  1 
ATOM   285  C  C   . LEU A 1 45  ? 9.068   -9.922  -10.962 1.00 51.15  ? 43  LEU A C   1 
ATOM   286  O  O   . LEU A 1 45  ? 9.991   -10.521 -11.500 1.00 51.38  ? 43  LEU A O   1 
ATOM   287  C  CB  . LEU A 1 45  ? 9.369   -9.329  -8.570  1.00 49.74  ? 43  LEU A CB  1 
ATOM   288  C  CG  . LEU A 1 45  ? 9.539   -8.330  -7.432  1.00 50.59  ? 43  LEU A CG  1 
ATOM   289  C  CD1 . LEU A 1 45  ? 9.611   -9.107  -6.100  1.00 48.22  ? 43  LEU A CD1 1 
ATOM   290  C  CD2 . LEU A 1 45  ? 10.781  -7.449  -7.619  1.00 47.72  ? 43  LEU A CD2 1 
ATOM   291  N  N   . PHE A 1 46  ? 7.793   -10.232 -11.152 1.00 51.59  ? 44  PHE A N   1 
ATOM   292  C  CA  . PHE A 1 46  ? 7.421   -11.241 -12.115 1.00 53.84  ? 44  PHE A CA  1 
ATOM   293  C  C   . PHE A 1 46  ? 6.203   -10.803 -12.866 1.00 55.63  ? 44  PHE A C   1 
ATOM   294  O  O   . PHE A 1 46  ? 5.206   -10.432 -12.252 1.00 55.71  ? 44  PHE A O   1 
ATOM   295  C  CB  . PHE A 1 46  ? 7.121   -12.573 -11.436 1.00 53.24  ? 44  PHE A CB  1 
ATOM   296  C  CG  . PHE A 1 46  ? 8.301   -13.187 -10.780 1.00 52.19  ? 44  PHE A CG  1 
ATOM   297  C  CD1 . PHE A 1 46  ? 9.359   -13.686 -11.546 1.00 50.17  ? 44  PHE A CD1 1 
ATOM   298  C  CD2 . PHE A 1 46  ? 8.364   -13.282 -9.393  1.00 49.80  ? 44  PHE A CD2 1 
ATOM   299  C  CE1 . PHE A 1 46  ? 10.475  -14.264 -10.921 1.00 50.61  ? 44  PHE A CE1 1 
ATOM   300  C  CE2 . PHE A 1 46  ? 9.469   -13.872 -8.764  1.00 50.71  ? 44  PHE A CE2 1 
ATOM   301  C  CZ  . PHE A 1 46  ? 10.522  -14.369 -9.534  1.00 49.70  ? 44  PHE A CZ  1 
ATOM   302  N  N   . SER A 1 47  ? 6.317   -10.835 -14.189 1.00 58.42  ? 45  SER A N   1 
ATOM   303  C  CA  . SER A 1 47  ? 5.226   -10.591 -15.155 1.00 61.63  ? 45  SER A CA  1 
ATOM   304  C  C   . SER A 1 47  ? 5.655   -11.253 -16.467 1.00 63.36  ? 45  SER A C   1 
ATOM   305  O  O   . SER A 1 47  ? 6.846   -11.493 -16.667 1.00 63.56  ? 45  SER A O   1 
ATOM   306  C  CB  . SER A 1 47  ? 4.998   -9.099  -15.384 1.00 61.72  ? 45  SER A CB  1 
ATOM   307  O  OG  . SER A 1 47  ? 6.148   -8.517  -15.983 1.00 64.53  ? 45  SER A OG  1 
ATOM   308  N  N   . GLY A 1 48  ? 4.710   -11.564 -17.359 1.00 65.20  ? 46  GLY A N   1 
ATOM   309  C  CA  . GLY A 1 48  ? 5.055   -12.254 -18.608 1.00 66.71  ? 46  GLY A CA  1 
ATOM   310  C  C   . GLY A 1 48  ? 5.370   -13.711 -18.334 1.00 68.25  ? 46  GLY A C   1 
ATOM   311  O  O   . GLY A 1 48  ? 5.087   -14.191 -17.237 1.00 68.92  ? 46  GLY A O   1 
ATOM   312  N  N   . ASN A 1 49  ? 5.958   -14.407 -19.318 1.00 69.58  ? 47  ASN A N   1 
ATOM   313  C  CA  . ASN A 1 49  ? 6.174   -15.883 -19.292 1.00 71.12  ? 47  ASN A CA  1 
ATOM   314  C  C   . ASN A 1 49  ? 4.900   -16.752 -19.263 1.00 71.08  ? 47  ASN A C   1 
ATOM   315  O  O   . ASN A 1 49  ? 4.941   -17.911 -18.847 1.00 71.28  ? 47  ASN A O   1 
ATOM   316  C  CB  . ASN A 1 49  ? 7.125   -16.323 -18.151 1.00 72.01  ? 47  ASN A CB  1 
ATOM   317  C  CG  . ASN A 1 49  ? 8.616   -16.186 -18.513 1.00 75.36  ? 47  ASN A CG  1 
ATOM   318  O  OD1 . ASN A 1 49  ? 9.112   -16.820 -19.456 1.00 78.33  ? 47  ASN A OD1 1 
ATOM   319  N  ND2 . ASN A 1 49  ? 9.336   -15.365 -17.743 1.00 76.46  ? 47  ASN A ND2 1 
ATOM   320  N  N   . GLY A 1 50  ? 3.777   -16.209 -19.722 1.00 71.53  ? 48  GLY A N   1 
ATOM   321  C  CA  . GLY A 1 50  ? 2.501   -16.927 -19.617 1.00 71.86  ? 48  GLY A CA  1 
ATOM   322  C  C   . GLY A 1 50  ? 2.049   -17.100 -18.165 1.00 71.93  ? 48  GLY A C   1 
ATOM   323  O  O   . GLY A 1 50  ? 1.142   -17.899 -17.882 1.00 71.49  ? 48  GLY A O   1 
ATOM   324  N  N   . LEU A 1 51  ? 2.692   -16.361 -17.244 1.00 71.23  ? 49  LEU A N   1 
ATOM   325  C  CA  . LEU A 1 51  ? 2.171   -16.208 -15.887 1.00 70.04  ? 49  LEU A CA  1 
ATOM   326  C  C   . LEU A 1 51  ? 0.984   -15.284 -15.983 1.00 69.97  ? 49  LEU A C   1 
ATOM   327  O  O   . LEU A 1 51  ? 1.086   -14.188 -16.542 1.00 69.88  ? 49  LEU A O   1 
ATOM   328  C  CB  . LEU A 1 51  ? 3.217   -15.612 -14.952 1.00 69.62  ? 49  LEU A CB  1 
ATOM   329  C  CG  . LEU A 1 51  ? 4.273   -16.592 -14.460 1.00 68.78  ? 49  LEU A CG  1 
ATOM   330  C  CD1 . LEU A 1 51  ? 5.539   -15.855 -14.024 1.00 67.85  ? 49  LEU A CD1 1 
ATOM   331  C  CD2 . LEU A 1 51  ? 3.705   -17.477 -13.351 1.00 66.56  ? 49  LEU A CD2 1 
ATOM   332  N  N   . THR A 1 52  ? -0.152  -15.729 -15.445 1.00 69.56  ? 50  THR A N   1 
ATOM   333  C  CA  . THR A 1 52  ? -1.379  -14.938 -15.495 1.00 69.14  ? 50  THR A CA  1 
ATOM   334  C  C   . THR A 1 52  ? -1.414  -13.962 -14.316 1.00 68.26  ? 50  THR A C   1 
ATOM   335  O  O   . THR A 1 52  ? -2.269  -13.060 -14.296 1.00 68.48  ? 50  THR A O   1 
ATOM   336  C  CB  . THR A 1 52  ? -2.670  -15.827 -15.496 1.00 69.22  ? 50  THR A CB  1 
ATOM   337  O  OG1 . THR A 1 52  ? -2.605  -16.759 -14.412 1.00 71.14  ? 50  THR A OG1 1 
ATOM   338  C  CG2 . THR A 1 52  ? -2.824  -16.601 -16.810 1.00 69.95  ? 50  THR A CG2 1 
ATOM   339  N  N   . GLY A 1 53  ? -0.499  -14.164 -13.346 1.00 66.58  ? 51  GLY A N   1 
ATOM   340  C  CA  . GLY A 1 53  ? -0.264  -13.224 -12.244 1.00 64.44  ? 51  GLY A CA  1 
ATOM   341  C  C   . GLY A 1 53  ? 0.940   -12.281 -12.407 1.00 62.79  ? 51  GLY A C   1 
ATOM   342  O  O   . GLY A 1 53  ? 1.872   -12.568 -13.159 1.00 62.39  ? 51  GLY A O   1 
ATOM   343  N  N   . GLU A 1 54  ? 0.895   -11.143 -11.709 1.00 60.40  ? 52  GLU A N   1 
ATOM   344  C  CA  . GLU A 1 54  ? 2.077   -10.298 -11.493 1.00 58.43  ? 52  GLU A CA  1 
ATOM   345  C  C   . GLU A 1 54  ? 2.497   -10.231 -10.025 1.00 55.90  ? 52  GLU A C   1 
ATOM   346  O  O   . GLU A 1 54  ? 1.655   -10.127 -9.135  1.00 54.57  ? 52  GLU A O   1 
ATOM   347  C  CB  . GLU A 1 54  ? 1.857   -8.875  -11.988 1.00 58.78  ? 52  GLU A CB  1 
ATOM   348  C  CG  . GLU A 1 54  ? 1.893   -8.760  -13.492 1.00 63.15  ? 52  GLU A CG  1 
ATOM   349  C  CD  . GLU A 1 54  ? 1.709   -7.334  -14.001 1.00 66.71  ? 52  GLU A CD  1 
ATOM   350  O  OE1 . GLU A 1 54  ? 1.981   -6.348  -13.257 1.00 68.36  ? 52  GLU A OE1 1 
ATOM   351  O  OE2 . GLU A 1 54  ? 1.309   -7.218  -15.177 1.00 70.10  ? 52  GLU A OE2 1 
ATOM   352  N  N   . LEU A 1 55  ? 3.801   -10.271 -9.786  1.00 52.85  ? 53  LEU A N   1 
ATOM   353  C  CA  . LEU A 1 55  ? 4.315   -10.032 -8.456  1.00 51.37  ? 53  LEU A CA  1 
ATOM   354  C  C   . LEU A 1 55  ? 5.097   -8.729  -8.434  1.00 50.63  ? 53  LEU A C   1 
ATOM   355  O  O   . LEU A 1 55  ? 6.093   -8.588  -9.125  1.00 50.70  ? 53  LEU A O   1 
ATOM   356  C  CB  . LEU A 1 55  ? 5.143   -11.208 -7.941  1.00 50.42  ? 53  LEU A CB  1 
ATOM   357  C  CG  . LEU A 1 55  ? 5.560   -11.155 -6.471  1.00 49.70  ? 53  LEU A CG  1 
ATOM   358  C  CD1 . LEU A 1 55  ? 4.362   -11.411 -5.598  1.00 47.74  ? 53  LEU A CD1 1 
ATOM   359  C  CD2 . LEU A 1 55  ? 6.625   -12.202 -6.192  1.00 48.78  ? 53  LEU A CD2 1 
ATOM   360  N  N   . ARG A 1 56  ? 4.601   -7.779  -7.652  1.00 49.80  ? 54  ARG A N   1 
ATOM   361  C  CA  . ARG A 1 56  ? 5.218   -6.472  -7.495  1.00 49.67  ? 54  ARG A CA  1 
ATOM   362  C  C   . ARG A 1 56  ? 5.740   -6.270  -6.083  1.00 48.87  ? 54  ARG A C   1 
ATOM   363  O  O   . ARG A 1 56  ? 5.340   -6.968  -5.160  1.00 48.59  ? 54  ARG A O   1 
ATOM   364  C  CB  . ARG A 1 56  ? 4.200   -5.360  -7.764  1.00 49.63  ? 54  ARG A CB  1 
ATOM   365  C  CG  . ARG A 1 56  ? 3.647   -5.309  -9.193  1.00 53.03  ? 54  ARG A CG  1 
ATOM   366  C  CD  . ARG A 1 56  ? 2.267   -6.021  -9.330  1.00 58.54  ? 54  ARG A CD  1 
ATOM   367  N  NE  . ARG A 1 56  ? 1.259   -5.482  -8.406  1.00 61.96  ? 54  ARG A NE  1 
ATOM   368  C  CZ  . ARG A 1 56  ? 0.515   -4.386  -8.634  1.00 65.83  ? 54  ARG A CZ  1 
ATOM   369  N  NH1 . ARG A 1 56  ? 0.651   -3.703  -9.786  1.00 66.61  ? 54  ARG A NH1 1 
ATOM   370  N  NH2 . ARG A 1 56  ? -0.372  -3.968  -7.710  1.00 63.24  ? 54  ARG A NH2 1 
ATOM   371  N  N   . TYR A 1 57  ? 6.616   -5.289  -5.920  1.00 48.35  ? 55  TYR A N   1 
ATOM   372  C  CA  . TYR A 1 57  ? 7.160   -4.961  -4.612  1.00 47.56  ? 55  TYR A CA  1 
ATOM   373  C  C   . TYR A 1 57  ? 6.928   -3.493  -4.472  1.00 47.53  ? 55  TYR A C   1 
ATOM   374  O  O   . TYR A 1 57  ? 7.365   -2.717  -5.328  1.00 47.25  ? 55  TYR A O   1 
ATOM   375  C  CB  . TYR A 1 57  ? 8.659   -5.267  -4.518  1.00 47.62  ? 55  TYR A CB  1 
ATOM   376  C  CG  . TYR A 1 57  ? 9.269   -4.692  -3.260  1.00 47.81  ? 55  TYR A CG  1 
ATOM   377  C  CD1 . TYR A 1 57  ? 9.026   -5.286  -2.004  1.00 47.14  ? 55  TYR A CD1 1 
ATOM   378  C  CD2 . TYR A 1 57  ? 10.040  -3.532  -3.305  1.00 45.94  ? 55  TYR A CD2 1 
ATOM   379  C  CE1 . TYR A 1 57  ? 9.549   -4.740  -0.835  1.00 47.34  ? 55  TYR A CE1 1 
ATOM   380  C  CE2 . TYR A 1 57  ? 10.590  -2.991  -2.139  1.00 47.50  ? 55  TYR A CE2 1 
ATOM   381  C  CZ  . TYR A 1 57  ? 10.341  -3.613  -0.903  1.00 47.04  ? 55  TYR A CZ  1 
ATOM   382  O  OH  . TYR A 1 57  ? 10.827  -3.074  0.255   1.00 45.19  ? 55  TYR A OH  1 
ATOM   383  N  N   . PHE A 1 58  ? 6.206   -3.113  -3.423  1.00 47.10  ? 56  PHE A N   1 
ATOM   384  C  CA  . PHE A 1 58  ? 5.961   -1.724  -3.146  1.00 47.97  ? 56  PHE A CA  1 
ATOM   385  C  C   . PHE A 1 58  ? 6.727   -1.332  -1.915  1.00 48.34  ? 56  PHE A C   1 
ATOM   386  O  O   . PHE A 1 58  ? 6.764   -2.071  -0.927  1.00 48.89  ? 56  PHE A O   1 
ATOM   387  C  CB  . PHE A 1 58  ? 4.482   -1.440  -2.907  1.00 47.27  ? 56  PHE A CB  1 
ATOM   388  C  CG  . PHE A 1 58  ? 3.643   -1.491  -4.146  1.00 49.87  ? 56  PHE A CG  1 
ATOM   389  C  CD1 . PHE A 1 58  ? 3.418   -0.336  -4.898  1.00 50.11  ? 56  PHE A CD1 1 
ATOM   390  C  CD2 . PHE A 1 58  ? 3.078   -2.702  -4.576  1.00 49.76  ? 56  PHE A CD2 1 
ATOM   391  C  CE1 . PHE A 1 58  ? 2.622   -0.373  -6.052  1.00 51.11  ? 56  PHE A CE1 1 
ATOM   392  C  CE2 . PHE A 1 58  ? 2.293   -2.753  -5.730  1.00 50.89  ? 56  PHE A CE2 1 
ATOM   393  C  CZ  . PHE A 1 58  ? 2.059   -1.580  -6.463  1.00 50.51  ? 56  PHE A CZ  1 
ATOM   394  N  N   . GLU A 1 59  ? 7.309   -0.153  -1.968  1.00 49.21  ? 57  GLU A N   1 
ATOM   395  C  CA  . GLU A 1 59  ? 8.032   0.377   -0.824  1.00 50.41  ? 57  GLU A CA  1 
ATOM   396  C  C   . GLU A 1 59  ? 7.471   1.737   -0.492  1.00 50.18  ? 57  GLU A C   1 
ATOM   397  O  O   . GLU A 1 59  ? 7.469   2.641   -1.338  1.00 50.96  ? 57  GLU A O   1 
ATOM   398  C  CB  . GLU A 1 59  ? 9.514   0.475   -1.160  1.00 50.72  ? 57  GLU A CB  1 
ATOM   399  C  CG  . GLU A 1 59  ? 10.463  0.518   0.051   1.00 52.95  ? 57  GLU A CG  1 
ATOM   400  C  CD  . GLU A 1 59  ? 11.877  0.145   -0.393  1.00 55.02  ? 57  GLU A CD  1 
ATOM   401  O  OE1 . GLU A 1 59  ? 12.463  0.933   -1.188  1.00 54.14  ? 57  GLU A OE1 1 
ATOM   402  O  OE2 . GLU A 1 59  ? 12.361  -0.949  -0.003  1.00 53.27  ? 57  GLU A OE2 1 
ATOM   403  N  N   . VAL A 1 60  ? 6.960   1.866   0.724   1.00 50.58  ? 58  VAL A N   1 
ATOM   404  C  CA  . VAL A 1 60  ? 6.364   3.099   1.179   1.00 51.70  ? 58  VAL A CA  1 
ATOM   405  C  C   . VAL A 1 60  ? 7.319   3.713   2.191   1.00 53.14  ? 58  VAL A C   1 
ATOM   406  O  O   . VAL A 1 60  ? 7.624   3.077   3.209   1.00 53.89  ? 58  VAL A O   1 
ATOM   407  C  CB  . VAL A 1 60  ? 4.973   2.870   1.815   1.00 51.31  ? 58  VAL A CB  1 
ATOM   408  C  CG1 . VAL A 1 60  ? 4.361   4.187   2.245   1.00 51.05  ? 58  VAL A CG1 1 
ATOM   409  C  CG2 . VAL A 1 60  ? 4.057   2.157   0.838   1.00 50.41  ? 58  VAL A CG2 1 
ATOM   410  N  N   . GLY A 1 61  ? 7.793   4.930   1.891   1.00 54.04  ? 59  GLY A N   1 
ATOM   411  C  CA  . GLY A 1 61  ? 8.736   5.657   2.728   1.00 55.40  ? 59  GLY A CA  1 
ATOM   412  C  C   . GLY A 1 61  ? 8.074   6.137   4.004   1.00 57.48  ? 59  GLY A C   1 
ATOM   413  O  O   . GLY A 1 61  ? 6.832   6.217   4.059   1.00 57.96  ? 59  GLY A O   1 
ATOM   414  N  N   . PRO A 1 62  ? 8.886   6.467   5.035   1.00 57.69  ? 60  PRO A N   1 
ATOM   415  C  CA  . PRO A 1 62  ? 8.380   6.894   6.342   1.00 57.62  ? 60  PRO A CA  1 
ATOM   416  C  C   . PRO A 1 62  ? 7.287   7.970   6.230   1.00 57.60  ? 60  PRO A C   1 
ATOM   417  O  O   . PRO A 1 62  ? 7.396   8.888   5.419   1.00 57.48  ? 60  PRO A O   1 
ATOM   418  C  CB  . PRO A 1 62  ? 9.644   7.451   7.034   1.00 57.74  ? 60  PRO A CB  1 
ATOM   419  C  CG  . PRO A 1 62  ? 10.772  6.625   6.439   1.00 57.21  ? 60  PRO A CG  1 
ATOM   420  C  CD  . PRO A 1 62  ? 10.366  6.533   4.980   1.00 58.09  ? 60  PRO A CD  1 
ATOM   421  N  N   . GLY A 1 63  ? 6.227   7.827   7.019   1.00 57.69  ? 61  GLY A N   1 
ATOM   422  C  CA  . GLY A 1 63  ? 5.067   8.718   6.925   1.00 58.10  ? 61  GLY A CA  1 
ATOM   423  C  C   . GLY A 1 63  ? 4.302   8.690   5.596   1.00 58.15  ? 61  GLY A C   1 
ATOM   424  O  O   . GLY A 1 63  ? 3.434   9.523   5.371   1.00 59.04  ? 61  GLY A O   1 
ATOM   425  N  N   . GLY A 1 64  ? 4.602   7.751   4.710   1.00 57.35  ? 62  GLY A N   1 
ATOM   426  C  CA  . GLY A 1 64  ? 3.862   7.686   3.458   1.00 57.84  ? 62  GLY A CA  1 
ATOM   427  C  C   . GLY A 1 64  ? 2.632   6.784   3.489   1.00 57.53  ? 62  GLY A C   1 
ATOM   428  O  O   . GLY A 1 64  ? 2.273   6.215   4.528   1.00 57.50  ? 62  GLY A O   1 
ATOM   429  N  N   . HIS A 1 65  ? 1.998   6.639   2.331   1.00 57.06  ? 63  HIS A N   1 
ATOM   430  C  CA  . HIS A 1 65  ? 0.839   5.759   2.212   1.00 56.27  ? 63  HIS A CA  1 
ATOM   431  C  C   . HIS A 1 65  ? 0.578   5.394   0.776   1.00 55.33  ? 63  HIS A C   1 
ATOM   432  O  O   . HIS A 1 65  ? 0.925   6.147   -0.118  1.00 55.14  ? 63  HIS A O   1 
ATOM   433  C  CB  . HIS A 1 65  ? -0.394  6.425   2.808   1.00 56.33  ? 63  HIS A CB  1 
ATOM   434  C  CG  . HIS A 1 65  ? -0.766  7.721   2.158   1.00 57.08  ? 63  HIS A CG  1 
ATOM   435  N  ND1 . HIS A 1 65  ? -0.573  8.941   2.772   1.00 57.39  ? 63  HIS A ND1 1 
ATOM   436  C  CD2 . HIS A 1 65  ? -1.345  7.985   0.962   1.00 56.73  ? 63  HIS A CD2 1 
ATOM   437  C  CE1 . HIS A 1 65  ? -1.020  9.900   1.980   1.00 58.90  ? 63  HIS A CE1 1 
ATOM   438  N  NE2 . HIS A 1 65  ? -1.495  9.343   0.878   1.00 58.83  ? 63  HIS A NE2 1 
ATOM   439  N  N   . SER A 1 66  ? -0.012  4.229   0.553   1.00 54.53  ? 64  SER A N   1 
ATOM   440  C  CA  . SER A 1 66  ? -0.465  3.869   -0.784  1.00 54.42  ? 64  SER A CA  1 
ATOM   441  C  C   . SER A 1 66  ? -1.786  4.581   -1.031  1.00 54.22  ? 64  SER A C   1 
ATOM   442  O  O   . SER A 1 66  ? -2.350  5.180   -0.132  1.00 53.82  ? 64  SER A O   1 
ATOM   443  C  CB  . SER A 1 66  ? -0.620  2.350   -0.932  1.00 54.21  ? 64  SER A CB  1 
ATOM   444  O  OG  . SER A 1 66  ? -1.296  1.805   0.192   1.00 54.59  ? 64  SER A OG  1 
ATOM   445  N  N   . THR A 1 67  ? -2.271  4.555   -2.258  1.00 54.78  ? 65  THR A N   1 
ATOM   446  C  CA  . THR A 1 67  ? -3.540  5.216   -2.560  1.00 56.07  ? 65  THR A CA  1 
ATOM   447  C  C   . THR A 1 67  ? -4.704  4.456   -1.893  1.00 55.37  ? 65  THR A C   1 
ATOM   448  O  O   . THR A 1 67  ? -4.770  3.252   -2.020  1.00 55.05  ? 65  THR A O   1 
ATOM   449  C  CB  . THR A 1 67  ? -3.755  5.246   -4.073  1.00 56.44  ? 65  THR A CB  1 
ATOM   450  O  OG1 . THR A 1 67  ? -2.637  5.895   -4.692  1.00 57.99  ? 65  THR A OG1 1 
ATOM   451  C  CG2 . THR A 1 67  ? -5.061  5.969   -4.431  1.00 55.73  ? 65  THR A CG2 1 
ATOM   452  N  N   . LEU A 1 68  ? -5.568  5.153   -1.154  1.00 56.10  ? 66  LEU A N   1 
ATOM   453  C  CA  . LEU A 1 68  ? -6.837  4.563   -0.646  1.00 56.43  ? 66  LEU A CA  1 
ATOM   454  C  C   . LEU A 1 68  ? -7.717  4.348   -1.858  1.00 57.21  ? 66  LEU A C   1 
ATOM   455  O  O   . LEU A 1 68  ? -8.088  5.319   -2.524  1.00 57.40  ? 66  LEU A O   1 
ATOM   456  C  CB  . LEU A 1 68  ? -7.549  5.489   0.331   1.00 55.96  ? 66  LEU A CB  1 
ATOM   457  C  CG  . LEU A 1 68  ? -8.913  5.043   0.891   1.00 54.50  ? 66  LEU A CG  1 
ATOM   458  C  CD1 . LEU A 1 68  ? -8.836  3.784   1.669   1.00 52.64  ? 66  LEU A CD1 1 
ATOM   459  C  CD2 . LEU A 1 68  ? -9.393  6.095   1.802   1.00 52.48  ? 66  LEU A CD2 1 
ATOM   460  N  N   . GLU A 1 69  ? -7.979  3.078   -2.175  1.00 57.50  ? 67  GLU A N   1 
ATOM   461  C  CA  . GLU A 1 69  ? -8.681  2.703   -3.383  1.00 57.57  ? 67  GLU A CA  1 
ATOM   462  C  C   . GLU A 1 69  ? -9.434  1.384   -3.245  1.00 57.37  ? 67  GLU A C   1 
ATOM   463  O  O   . GLU A 1 69  ? -9.344  0.690   -2.235  1.00 55.87  ? 67  GLU A O   1 
ATOM   464  C  CB  . GLU A 1 69  ? -7.687  2.589   -4.541  1.00 58.12  ? 67  GLU A CB  1 
ATOM   465  C  CG  . GLU A 1 69  ? -6.683  1.418   -4.432  1.00 59.89  ? 67  GLU A CG  1 
ATOM   466  C  CD  . GLU A 1 69  ? -5.584  1.471   -5.497  1.00 63.69  ? 67  GLU A CD  1 
ATOM   467  O  OE1 . GLU A 1 69  ? -5.236  0.394   -6.035  1.00 63.75  ? 67  GLU A OE1 1 
ATOM   468  O  OE2 . GLU A 1 69  ? -5.073  2.588   -5.803  1.00 64.11  ? 67  GLU A OE2 1 
ATOM   469  N  N   . ARG A 1 70  ? -10.166 1.059   -4.304  1.00 57.92  ? 68  ARG A N   1 
ATOM   470  C  CA  . ARG A 1 70  ? -10.817 -0.245  -4.468  1.00 58.38  ? 68  ARG A CA  1 
ATOM   471  C  C   . ARG A 1 70  ? -10.931 -0.558  -5.957  1.00 58.76  ? 68  ARG A C   1 
ATOM   472  O  O   . ARG A 1 70  ? -10.819 0.329   -6.817  1.00 58.59  ? 68  ARG A O   1 
ATOM   473  C  CB  . ARG A 1 70  ? -12.202 -0.282  -3.821  1.00 58.07  ? 68  ARG A CB  1 
ATOM   474  C  CG  . ARG A 1 70  ? -13.279 0.456   -4.609  1.00 58.41  ? 68  ARG A CG  1 
ATOM   475  C  CD  . ARG A 1 70  ? -14.643 0.396   -3.935  1.00 57.57  ? 68  ARG A CD  1 
ATOM   476  N  NE  . ARG A 1 70  ? -15.597 1.331   -4.542  1.00 58.22  ? 68  ARG A NE  1 
ATOM   477  C  CZ  . ARG A 1 70  ? -16.833 1.547   -4.083  1.00 57.49  ? 68  ARG A CZ  1 
ATOM   478  N  NH1 . ARG A 1 70  ? -17.285 0.887   -3.011  1.00 55.99  ? 68  ARG A NH1 1 
ATOM   479  N  NH2 . ARG A 1 70  ? -17.622 2.425   -4.689  1.00 54.88  ? 68  ARG A NH2 1 
ATOM   480  N  N   . HIS A 1 71  ? -11.143 -1.831  -6.252  1.00 59.51  ? 69  HIS A N   1 
ATOM   481  C  CA  . HIS A 1 71  ? -11.283 -2.299  -7.626  1.00 60.23  ? 69  HIS A CA  1 
ATOM   482  C  C   . HIS A 1 71  ? -11.729 -3.739  -7.596  1.00 59.64  ? 69  HIS A C   1 
ATOM   483  O  O   . HIS A 1 71  ? -11.763 -4.348  -6.528  1.00 60.51  ? 69  HIS A O   1 
ATOM   484  C  CB  . HIS A 1 71  ? -9.956  -2.171  -8.357  1.00 60.73  ? 69  HIS A CB  1 
ATOM   485  C  CG  . HIS A 1 71  ? -8.783  -2.532  -7.504  1.00 61.60  ? 69  HIS A CG  1 
ATOM   486  N  ND1 . HIS A 1 71  ? -8.600  -3.801  -6.992  1.00 60.92  ? 69  HIS A ND1 1 
ATOM   487  C  CD2 . HIS A 1 71  ? -7.740  -1.789  -7.071  1.00 60.56  ? 69  HIS A CD2 1 
ATOM   488  C  CE1 . HIS A 1 71  ? -7.490  -3.821  -6.281  1.00 62.19  ? 69  HIS A CE1 1 
ATOM   489  N  NE2 . HIS A 1 71  ? -6.950  -2.614  -6.312  1.00 62.68  ? 69  HIS A NE2 1 
ATOM   490  N  N   . GLN A 1 72  ? -12.065 -4.276  -8.762  1.00 59.04  ? 70  GLN A N   1 
ATOM   491  C  CA  . GLN A 1 72  ? -12.661 -5.604  -8.872  1.00 58.98  ? 70  GLN A CA  1 
ATOM   492  C  C   . GLN A 1 72  ? -11.654 -6.678  -8.494  1.00 57.98  ? 70  GLN A C   1 
ATOM   493  O  O   . GLN A 1 72  ? -11.982 -7.651  -7.834  1.00 57.18  ? 70  GLN A O   1 
ATOM   494  C  CB  . GLN A 1 72  ? -13.163 -5.823  -10.317 1.00 59.16  ? 70  GLN A CB  1 
ATOM   495  C  CG  . GLN A 1 72  ? -14.063 -7.034  -10.552 1.00 62.55  ? 70  GLN A CG  1 
ATOM   496  C  CD  . GLN A 1 72  ? -13.304 -8.348  -10.633 1.00 68.00  ? 70  GLN A CD  1 
ATOM   497  O  OE1 . GLN A 1 72  ? -12.151 -8.406  -11.110 1.00 71.43  ? 70  GLN A OE1 1 
ATOM   498  N  NE2 . GLN A 1 72  ? -13.941 -9.419  -10.159 1.00 68.94  ? 70  GLN A NE2 1 
ATOM   499  N  N   . HIS A 1 73  ? -10.427 -6.514  -8.967  1.00 57.91  ? 71  HIS A N   1 
ATOM   500  C  CA  . HIS A 1 73  ? -9.411  -7.543  -8.782  1.00 58.29  ? 71  HIS A CA  1 
ATOM   501  C  C   . HIS A 1 73  ? -8.927  -7.648  -7.320  1.00 57.33  ? 71  HIS A C   1 
ATOM   502  O  O   . HIS A 1 73  ? -8.812  -6.645  -6.615  1.00 56.69  ? 71  HIS A O   1 
ATOM   503  C  CB  . HIS A 1 73  ? -8.249  -7.331  -9.765  1.00 58.54  ? 71  HIS A CB  1 
ATOM   504  C  CG  . HIS A 1 73  ? -7.568  -6.004  -9.632  1.00 60.56  ? 71  HIS A CG  1 
ATOM   505  N  ND1 . HIS A 1 73  ? -8.043  -4.856  -10.229 1.00 63.74  ? 71  HIS A ND1 1 
ATOM   506  C  CD2 . HIS A 1 73  ? -6.436  -5.641  -8.975  1.00 63.63  ? 71  HIS A CD2 1 
ATOM   507  C  CE1 . HIS A 1 73  ? -7.235  -3.845  -9.952  1.00 63.94  ? 71  HIS A CE1 1 
ATOM   508  N  NE2 . HIS A 1 73  ? -6.251  -4.296  -9.193  1.00 64.49  ? 71  HIS A NE2 1 
ATOM   509  N  N   . ALA A 1 74  ? -8.689  -8.879  -6.885  1.00 57.05  ? 72  ALA A N   1 
ATOM   510  C  CA  . ALA A 1 74  ? -8.136  -9.168  -5.557  1.00 57.00  ? 72  ALA A CA  1 
ATOM   511  C  C   . ALA A 1 74  ? -6.638  -8.872  -5.509  1.00 56.93  ? 72  ALA A C   1 
ATOM   512  O  O   . ALA A 1 74  ? -5.964  -8.793  -6.549  1.00 57.65  ? 72  ALA A O   1 
ATOM   513  C  CB  . ALA A 1 74  ? -8.403  -10.627 -5.166  1.00 56.57  ? 72  ALA A CB  1 
ATOM   514  N  N   . HIS A 1 75  ? -6.135  -8.681  -4.288  1.00 56.24  ? 73  HIS A N   1 
ATOM   515  C  CA  . HIS A 1 75  ? -4.705  -8.584  -4.000  1.00 54.27  ? 73  HIS A CA  1 
ATOM   516  C  C   . HIS A 1 75  ? -4.330  -9.636  -2.962  1.00 52.78  ? 73  HIS A C   1 
ATOM   517  O  O   . HIS A 1 75  ? -5.019  -9.813  -1.963  1.00 51.98  ? 73  HIS A O   1 
ATOM   518  C  CB  . HIS A 1 75  ? -4.406  -7.285  -3.280  1.00 54.97  ? 73  HIS A CB  1 
ATOM   519  C  CG  . HIS A 1 75  ? -4.383  -6.066  -4.128  1.00 55.92  ? 73  HIS A CG  1 
ATOM   520  N  ND1 . HIS A 1 75  ? -3.454  -5.867  -5.122  1.00 58.77  ? 73  HIS A ND1 1 
ATOM   521  C  CD2 . HIS A 1 75  ? -5.095  -4.917  -4.043  1.00 56.76  ? 73  HIS A CD2 1 
ATOM   522  C  CE1 . HIS A 1 75  ? -3.626  -4.664  -5.650  1.00 58.07  ? 73  HIS A CE1 1 
ATOM   523  N  NE2 . HIS A 1 75  ? -4.619  -4.069  -5.015  1.00 57.42  ? 73  HIS A NE2 1 
ATOM   524  N  N   . GLY A 1 76  ? -3.208  -10.293 -3.151  1.00 51.68  ? 74  GLY A N   1 
ATOM   525  C  CA  . GLY A 1 76  ? -2.575  -10.986 -2.027  1.00 51.16  ? 74  GLY A CA  1 
ATOM   526  C  C   . GLY A 1 76  ? -1.275  -10.242 -1.661  1.00 50.25  ? 74  GLY A C   1 
ATOM   527  O  O   . GLY A 1 76  ? -0.364  -10.176 -2.473  1.00 49.50  ? 74  GLY A O   1 
ATOM   528  N  N   . VAL A 1 77  ? -1.204  -9.699  -0.445  1.00 49.01  ? 75  VAL A N   1 
ATOM   529  C  CA  . VAL A 1 77  ? -0.036  -8.958  0.045   1.00 47.28  ? 75  VAL A CA  1 
ATOM   530  C  C   . VAL A 1 77  ? 0.736   -9.725  1.103   1.00 47.01  ? 75  VAL A C   1 
ATOM   531  O  O   . VAL A 1 77  ? 0.144   -10.292 2.030   1.00 46.78  ? 75  VAL A O   1 
ATOM   532  C  CB  . VAL A 1 77  ? -0.436  -7.599  0.603   1.00 46.86  ? 75  VAL A CB  1 
ATOM   533  C  CG1 . VAL A 1 77  ? 0.758   -6.938  1.316   1.00 48.72  ? 75  VAL A CG1 1 
ATOM   534  C  CG2 . VAL A 1 77  ? -0.920  -6.694  -0.536  1.00 45.43  ? 75  VAL A CG2 1 
HETATM 535  N  N   . MSE A 1 78  ? 2.058   -9.768  0.941   1.00 46.24  ? 76  MSE A N   1 
HETATM 536  C  CA  . MSE A 1 78  ? 2.940   -10.278 1.975   1.00 45.94  ? 76  MSE A CA  1 
HETATM 537  C  C   . MSE A 1 78  ? 3.927   -9.197  2.362   1.00 45.50  ? 76  MSE A C   1 
HETATM 538  O  O   . MSE A 1 78  ? 4.720   -8.736  1.536   1.00 45.56  ? 76  MSE A O   1 
HETATM 539  C  CB  . MSE A 1 78  ? 3.707   -11.488 1.518   1.00 45.71  ? 76  MSE A CB  1 
HETATM 540  C  CG  . MSE A 1 78  ? 4.558   -11.979 2.646   1.00 46.56  ? 76  MSE A CG  1 
HETATM 541  SE SE  . MSE A 1 78  ? 5.863   -13.256 2.133   1.00 52.27  ? 76  MSE A SE  1 
HETATM 542  C  CE  . MSE A 1 78  ? 4.980   -14.851 2.622   1.00 53.08  ? 76  MSE A CE  1 
ATOM   543  N  N   . ILE A 1 79  ? 3.863   -8.771  3.610   1.00 45.33  ? 77  ILE A N   1 
ATOM   544  C  CA  . ILE A 1 79  ? 4.774   -7.745  4.118   1.00 44.38  ? 77  ILE A CA  1 
ATOM   545  C  C   . ILE A 1 79  ? 6.177   -8.263  4.006   1.00 45.02  ? 77  ILE A C   1 
ATOM   546  O  O   . ILE A 1 79  ? 6.454   -9.408  4.340   1.00 44.34  ? 77  ILE A O   1 
ATOM   547  C  CB  . ILE A 1 79  ? 4.469   -7.395  5.557   1.00 44.45  ? 77  ILE A CB  1 
ATOM   548  C  CG1 . ILE A 1 79  ? 2.961   -7.150  5.717   1.00 41.90  ? 77  ILE A CG1 1 
ATOM   549  C  CG2 . ILE A 1 79  ? 5.303   -6.162  6.013   1.00 42.91  ? 77  ILE A CG2 1 
ATOM   550  C  CD1 . ILE A 1 79  ? 2.371   -6.078  4.735   1.00 41.09  ? 77  ILE A CD1 1 
ATOM   551  N  N   . LEU A 1 80  ? 7.071   -7.432  3.488   1.00 46.37  ? 78  LEU A N   1 
ATOM   552  C  CA  . LEU A 1 80  ? 8.429   -7.898  3.289   1.00 48.02  ? 78  LEU A CA  1 
ATOM   553  C  C   . LEU A 1 80  ? 9.462   -7.094  4.081   1.00 48.49  ? 78  LEU A C   1 
ATOM   554  O  O   . LEU A 1 80  ? 10.500  -7.621  4.451   1.00 48.96  ? 78  LEU A O   1 
ATOM   555  C  CB  . LEU A 1 80  ? 8.795   -7.921  1.801   1.00 48.21  ? 78  LEU A CB  1 
ATOM   556  C  CG  . LEU A 1 80  ? 10.102  -8.623  1.436   1.00 47.81  ? 78  LEU A CG  1 
ATOM   557  C  CD1 . LEU A 1 80  ? 9.890   -10.116 1.500   1.00 46.30  ? 78  LEU A CD1 1 
ATOM   558  C  CD2 . LEU A 1 80  ? 10.615  -8.182  0.077   1.00 46.62  ? 78  LEU A CD2 1 
ATOM   559  N  N   . LYS A 1 81  ? 9.198   -5.829  4.332   1.00 49.47  ? 79  LYS A N   1 
ATOM   560  C  CA  . LYS A 1 81  ? 10.183  -5.002  5.010   1.00 50.56  ? 79  LYS A CA  1 
ATOM   561  C  C   . LYS A 1 81  ? 9.520   -4.000  5.915   1.00 50.85  ? 79  LYS A C   1 
ATOM   562  O  O   . LYS A 1 81  ? 8.478   -3.448  5.565   1.00 49.42  ? 79  LYS A O   1 
ATOM   563  C  CB  . LYS A 1 81  ? 11.002  -4.241  3.971   1.00 51.39  ? 79  LYS A CB  1 
ATOM   564  C  CG  . LYS A 1 81  ? 11.872  -3.176  4.561   1.00 52.62  ? 79  LYS A CG  1 
ATOM   565  C  CD  . LYS A 1 81  ? 12.551  -2.382  3.468   1.00 56.83  ? 79  LYS A CD  1 
ATOM   566  C  CE  . LYS A 1 81  ? 13.458  -1.347  4.083   1.00 59.66  ? 79  LYS A CE  1 
ATOM   567  N  NZ  . LYS A 1 81  ? 13.675  -0.424  2.969   1.00 64.54  ? 79  LYS A NZ  1 
ATOM   568  N  N   . GLY A 1 82  ? 10.163  -3.730  7.056   1.00 52.00  ? 80  GLY A N   1 
ATOM   569  C  CA  . GLY A 1 82  ? 9.719   -2.700  8.000   1.00 52.46  ? 80  GLY A CA  1 
ATOM   570  C  C   . GLY A 1 82  ? 8.443   -3.117  8.710   1.00 54.01  ? 80  GLY A C   1 
ATOM   571  O  O   . GLY A 1 82  ? 8.248   -4.291  9.032   1.00 54.69  ? 80  GLY A O   1 
ATOM   572  N  N   . ARG A 1 83  ? 7.564   -2.152  8.952   1.00 54.34  ? 81  ARG A N   1 
ATOM   573  C  CA  . ARG A 1 83  ? 6.292   -2.410  9.616   1.00 55.34  ? 81  ARG A CA  1 
ATOM   574  C  C   . ARG A 1 83  ? 5.422   -1.236  9.267   1.00 54.48  ? 81  ARG A C   1 
ATOM   575  O  O   . ARG A 1 83  ? 5.895   -0.264  8.692   1.00 54.49  ? 81  ARG A O   1 
ATOM   576  C  CB  . ARG A 1 83  ? 6.434   -2.499  11.146  1.00 56.09  ? 81  ARG A CB  1 
ATOM   577  C  CG  . ARG A 1 83  ? 7.037   -1.235  11.780  1.00 59.79  ? 81  ARG A CG  1 
ATOM   578  C  CD  . ARG A 1 83  ? 6.968   -1.187  13.309  1.00 66.19  ? 81  ARG A CD  1 
ATOM   579  N  NE  . ARG A 1 83  ? 7.368   0.158   13.731  1.00 71.12  ? 81  ARG A NE  1 
ATOM   580  C  CZ  . ARG A 1 83  ? 6.526   1.150   14.029  1.00 74.87  ? 81  ARG A CZ  1 
ATOM   581  N  NH1 . ARG A 1 83  ? 7.008   2.349   14.363  1.00 74.20  ? 81  ARG A NH1 1 
ATOM   582  N  NH2 . ARG A 1 83  ? 5.201   0.951   13.995  1.00 76.84  ? 81  ARG A NH2 1 
ATOM   583  N  N   . GLY A 1 84  ? 4.150   -1.331  9.604   1.00 53.97  ? 82  GLY A N   1 
ATOM   584  C  CA  . GLY A 1 84  ? 3.222   -0.225  9.402   1.00 52.60  ? 82  GLY A CA  1 
ATOM   585  C  C   . GLY A 1 84  ? 1.825   -0.711  9.689   1.00 51.67  ? 82  GLY A C   1 
ATOM   586  O  O   . GLY A 1 84  ? 1.640   -1.650  10.467  1.00 51.54  ? 82  GLY A O   1 
ATOM   587  N  N   . HIS A 1 85  ? 0.855   -0.090  9.040   1.00 50.88  ? 83  HIS A N   1 
ATOM   588  C  CA  . HIS A 1 85  ? -0.547  -0.429  9.247   1.00 51.71  ? 83  HIS A CA  1 
ATOM   589  C  C   . HIS A 1 85  ? -1.273  -0.628  7.920   1.00 51.11  ? 83  HIS A C   1 
ATOM   590  O  O   . HIS A 1 85  ? -0.917  -0.024  6.901   1.00 49.88  ? 83  HIS A O   1 
ATOM   591  C  CB  . HIS A 1 85  ? -1.249  0.620   10.128  1.00 51.79  ? 83  HIS A CB  1 
ATOM   592  C  CG  . HIS A 1 85  ? -0.827  0.556   11.563  1.00 55.48  ? 83  HIS A CG  1 
ATOM   593  N  ND1 . HIS A 1 85  ? 0.279   1.234   12.046  1.00 58.45  ? 83  HIS A ND1 1 
ATOM   594  C  CD2 . HIS A 1 85  ? -1.320  -0.151  12.608  1.00 56.73  ? 83  HIS A CD2 1 
ATOM   595  C  CE1 . HIS A 1 85  ? 0.444   0.947   13.325  1.00 56.30  ? 83  HIS A CE1 1 
ATOM   596  N  NE2 . HIS A 1 85  ? -0.511  0.110   13.690  1.00 58.61  ? 83  HIS A NE2 1 
ATOM   597  N  N   . ALA A 1 86  ? -2.280  -1.497  7.935   1.00 51.66  ? 84  ALA A N   1 
ATOM   598  C  CA  . ALA A 1 86  ? -3.108  -1.698  6.748   1.00 52.10  ? 84  ALA A CA  1 
ATOM   599  C  C   . ALA A 1 86  ? -4.572  -1.630  7.110   1.00 53.35  ? 84  ALA A C   1 
ATOM   600  O  O   . ALA A 1 86  ? -4.979  -2.068  8.183   1.00 52.17  ? 84  ALA A O   1 
ATOM   601  C  CB  . ALA A 1 86  ? -2.806  -3.019  6.102   1.00 51.04  ? 84  ALA A CB  1 
HETATM 602  N  N   . MSE A 1 87  ? -5.365  -1.087  6.195   1.00 54.90  ? 85  MSE A N   1 
HETATM 603  C  CA  . MSE A 1 87  ? -6.792  -1.251  6.297   1.00 57.07  ? 85  MSE A CA  1 
HETATM 604  C  C   . MSE A 1 87  ? -7.340  -2.019  5.093   1.00 57.35  ? 85  MSE A C   1 
HETATM 605  O  O   . MSE A 1 87  ? -6.969  -1.744  3.947   1.00 57.29  ? 85  MSE A O   1 
HETATM 606  C  CB  . MSE A 1 87  ? -7.480  0.093   6.478   1.00 57.93  ? 85  MSE A CB  1 
HETATM 607  C  CG  . MSE A 1 87  ? -7.408  0.990   5.262   1.00 62.28  ? 85  MSE A CG  1 
HETATM 608  SE SE  . MSE A 1 87  ? -8.889  2.259   5.310   1.00 73.92  ? 85  MSE A SE  1 
HETATM 609  C  CE  . MSE A 1 87  ? -10.287 0.895   5.413   1.00 68.21  ? 85  MSE A CE  1 
ATOM   610  N  N   . VAL A 1 88  ? -8.164  -3.028  5.367   1.00 57.50  ? 86  VAL A N   1 
ATOM   611  C  CA  . VAL A 1 88  ? -8.987  -3.643  4.332   1.00 57.87  ? 86  VAL A CA  1 
ATOM   612  C  C   . VAL A 1 88  ? -10.448 -3.782  4.769   1.00 59.12  ? 86  VAL A C   1 
ATOM   613  O  O   . VAL A 1 88  ? -10.775 -4.433  5.775   1.00 59.38  ? 86  VAL A O   1 
ATOM   614  C  CB  . VAL A 1 88  ? -8.379  -4.946  3.689   1.00 57.93  ? 86  VAL A CB  1 
ATOM   615  C  CG1 . VAL A 1 88  ? -7.116  -5.394  4.368   1.00 55.80  ? 86  VAL A CG1 1 
ATOM   616  C  CG2 . VAL A 1 88  ? -9.424  -6.070  3.529   1.00 55.84  ? 86  VAL A CG2 1 
ATOM   617  N  N   . GLY A 1 89  ? -11.320 -3.141  3.999   1.00 60.03  ? 87  GLY A N   1 
ATOM   618  C  CA  . GLY A 1 89  ? -12.703 -2.937  4.406   1.00 61.72  ? 87  GLY A CA  1 
ATOM   619  C  C   . GLY A 1 89  ? -12.726 -2.024  5.621   1.00 62.63  ? 87  GLY A C   1 
ATOM   620  O  O   . GLY A 1 89  ? -12.346 -0.868  5.531   1.00 63.38  ? 87  GLY A O   1 
ATOM   621  N  N   . ARG A 1 90  ? -13.185 -2.544  6.752   1.00 63.18  ? 88  ARG A N   1 
ATOM   622  C  CA  . ARG A 1 90  ? -13.072 -1.829  8.013   1.00 63.91  ? 88  ARG A CA  1 
ATOM   623  C  C   . ARG A 1 90  ? -12.162 -2.527  9.021   1.00 63.01  ? 88  ARG A C   1 
ATOM   624  O  O   . ARG A 1 90  ? -12.136 -2.149  10.191  1.00 63.69  ? 88  ARG A O   1 
ATOM   625  C  CB  . ARG A 1 90  ? -14.447 -1.478  8.626   1.00 64.80  ? 88  ARG A CB  1 
ATOM   626  C  CG  . ARG A 1 90  ? -15.608 -2.469  8.403   1.00 69.64  ? 88  ARG A CG  1 
ATOM   627  C  CD  . ARG A 1 90  ? -16.970 -1.804  8.708   1.00 75.76  ? 88  ARG A CD  1 
ATOM   628  N  NE  . ARG A 1 90  ? -17.178 -0.585  7.913   1.00 80.86  ? 88  ARG A NE  1 
ATOM   629  C  CZ  . ARG A 1 90  ? -17.605 0.592   8.388   1.00 84.13  ? 88  ARG A CZ  1 
ATOM   630  N  NH1 . ARG A 1 90  ? -17.904 0.728   9.681   1.00 85.12  ? 88  ARG A NH1 1 
ATOM   631  N  NH2 . ARG A 1 90  ? -17.761 1.633   7.558   1.00 83.76  ? 88  ARG A NH2 1 
ATOM   632  N  N   . ALA A 1 91  ? -11.415 -3.537  8.573   1.00 61.46  ? 89  ALA A N   1 
ATOM   633  C  CA  . ALA A 1 91  ? -10.389 -4.138  9.400   1.00 59.53  ? 89  ALA A CA  1 
ATOM   634  C  C   . ALA A 1 91  ? -9.111  -3.267  9.281   1.00 58.87  ? 89  ALA A C   1 
ATOM   635  O  O   . ALA A 1 91  ? -8.628  -2.983  8.166   1.00 58.14  ? 89  ALA A O   1 
ATOM   636  C  CB  . ALA A 1 91  ? -10.137 -5.558  8.968   1.00 59.36  ? 89  ALA A CB  1 
ATOM   637  N  N   . VAL A 1 92  ? -8.630  -2.797  10.435  1.00 57.32  ? 90  VAL A N   1 
ATOM   638  C  CA  . VAL A 1 92  ? -7.358  -2.102  10.563  1.00 55.82  ? 90  VAL A CA  1 
ATOM   639  C  C   . VAL A 1 92  ? -6.429  -3.000  11.369  1.00 55.19  ? 90  VAL A C   1 
ATOM   640  O  O   . VAL A 1 92  ? -6.791  -3.464  12.446  1.00 54.97  ? 90  VAL A O   1 
ATOM   641  C  CB  . VAL A 1 92  ? -7.496  -0.747  11.287  1.00 55.66  ? 90  VAL A CB  1 
ATOM   642  C  CG1 . VAL A 1 92  ? -6.118  -0.143  11.583  1.00 55.24  ? 90  VAL A CG1 1 
ATOM   643  C  CG2 . VAL A 1 92  ? -8.327  0.223   10.462  1.00 56.34  ? 90  VAL A CG2 1 
ATOM   644  N  N   . SER A 1 93  ? -5.239  -3.270  10.841  1.00 54.27  ? 91  SER A N   1 
ATOM   645  C  CA  . SER A 1 93  ? -4.238  -4.000  11.610  1.00 53.15  ? 91  SER A CA  1 
ATOM   646  C  C   . SER A 1 93  ? -2.837  -3.445  11.399  1.00 52.62  ? 91  SER A C   1 
ATOM   647  O  O   . SER A 1 93  ? -2.530  -2.887  10.336  1.00 52.22  ? 91  SER A O   1 
ATOM   648  C  CB  . SER A 1 93  ? -4.265  -5.467  11.237  1.00 53.31  ? 91  SER A CB  1 
ATOM   649  O  OG  . SER A 1 93  ? -3.550  -6.230  12.173  1.00 52.68  ? 91  SER A OG  1 
ATOM   650  N  N   . ALA A 1 94  ? -2.027  -3.574  12.448  1.00 52.20  ? 92  ALA A N   1 
ATOM   651  C  CA  . ALA A 1 94  ? -0.580  -3.424  12.389  1.00 51.58  ? 92  ALA A CA  1 
ATOM   652  C  C   . ALA A 1 94  ? -0.071  -4.576  11.554  1.00 50.94  ? 92  ALA A C   1 
ATOM   653  O  O   . ALA A 1 94  ? -0.650  -5.671  11.603  1.00 51.31  ? 92  ALA A O   1 
ATOM   654  C  CB  . ALA A 1 94  ? 0.027   -3.489  13.811  1.00 51.57  ? 92  ALA A CB  1 
ATOM   655  N  N   . VAL A 1 95  ? 0.998   -4.342  10.790  1.00 49.20  ? 93  VAL A N   1 
ATOM   656  C  CA  . VAL A 1 95  ? 1.565   -5.374  9.921   1.00 48.13  ? 93  VAL A CA  1 
ATOM   657  C  C   . VAL A 1 95  ? 3.089   -5.324  9.975   1.00 48.30  ? 93  VAL A C   1 
ATOM   658  O  O   . VAL A 1 95  ? 3.663   -4.259  10.156  1.00 48.22  ? 93  VAL A O   1 
ATOM   659  C  CB  . VAL A 1 95  ? 1.092   -5.270  8.416   1.00 47.69  ? 93  VAL A CB  1 
ATOM   660  C  CG1 . VAL A 1 95  ? -0.413  -5.515  8.295   1.00 46.59  ? 93  VAL A CG1 1 
ATOM   661  C  CG2 . VAL A 1 95  ? 1.498   -3.937  7.774   1.00 44.48  ? 93  VAL A CG2 1 
ATOM   662  N  N   . ALA A 1 96  ? 3.715   -6.477  9.771   1.00 48.31  ? 94  ALA A N   1 
ATOM   663  C  CA  . ALA A 1 96  ? 5.159   -6.645  9.888   1.00 48.89  ? 94  ALA A CA  1 
ATOM   664  C  C   . ALA A 1 96  ? 5.579   -7.844  9.012   1.00 48.72  ? 94  ALA A C   1 
ATOM   665  O  O   . ALA A 1 96  ? 4.739   -8.691  8.689   1.00 48.77  ? 94  ALA A O   1 
ATOM   666  C  CB  . ALA A 1 96  ? 5.536   -6.884  11.391  1.00 47.83  ? 94  ALA A CB  1 
ATOM   667  N  N   . PRO A 1 97  ? 6.876   -7.966  8.671   1.00 48.84  ? 95  PRO A N   1 
ATOM   668  C  CA  . PRO A 1 97  ? 7.256   -9.141  7.853   1.00 48.73  ? 95  PRO A CA  1 
ATOM   669  C  C   . PRO A 1 97  ? 7.035   -10.471 8.595   1.00 49.16  ? 95  PRO A C   1 
ATOM   670  O  O   . PRO A 1 97  ? 7.366   -10.536 9.761   1.00 49.69  ? 95  PRO A O   1 
ATOM   671  C  CB  . PRO A 1 97  ? 8.762   -8.942  7.612   1.00 49.10  ? 95  PRO A CB  1 
ATOM   672  C  CG  . PRO A 1 97  ? 9.067   -7.503  7.959   1.00 48.13  ? 95  PRO A CG  1 
ATOM   673  C  CD  . PRO A 1 97  ? 8.009   -7.051  8.931   1.00 48.35  ? 95  PRO A CD  1 
ATOM   674  N  N   . TYR A 1 98  ? 6.509   -11.539 7.959   1.00 49.42  ? 96  TYR A N   1 
ATOM   675  C  CA  . TYR A 1 98  ? 6.020   -11.592 6.581   1.00 48.02  ? 96  TYR A CA  1 
ATOM   676  C  C   . TYR A 1 98  ? 4.502   -11.840 6.636   1.00 48.41  ? 96  TYR A C   1 
ATOM   677  O  O   . TYR A 1 98  ? 4.006   -12.886 6.183   1.00 48.70  ? 96  TYR A O   1 
ATOM   678  C  CB  . TYR A 1 98  ? 6.727   -12.722 5.811   1.00 48.57  ? 96  TYR A CB  1 
ATOM   679  C  CG  . TYR A 1 98  ? 8.253   -12.651 5.847   1.00 47.50  ? 96  TYR A CG  1 
ATOM   680  C  CD1 . TYR A 1 98  ? 8.942   -11.670 5.135   1.00 45.24  ? 96  TYR A CD1 1 
ATOM   681  C  CD2 . TYR A 1 98  ? 8.995   -13.554 6.613   1.00 45.87  ? 96  TYR A CD2 1 
ATOM   682  C  CE1 . TYR A 1 98  ? 10.327  -11.576 5.189   1.00 46.14  ? 96  TYR A CE1 1 
ATOM   683  C  CE2 . TYR A 1 98  ? 10.369  -13.478 6.676   1.00 45.51  ? 96  TYR A CE2 1 
ATOM   684  C  CZ  . TYR A 1 98  ? 11.034  -12.478 5.963   1.00 47.16  ? 96  TYR A CZ  1 
ATOM   685  O  OH  . TYR A 1 98  ? 12.402  -12.403 6.007   1.00 44.86  ? 96  TYR A OH  1 
ATOM   686  N  N   . ASP A 1 99  ? 3.769   -10.894 7.213   1.00 47.44  ? 97  ASP A N   1 
ATOM   687  C  CA  . ASP A 1 99  ? 2.332   -11.044 7.399   1.00 47.40  ? 97  ASP A CA  1 
ATOM   688  C  C   . ASP A 1 99  ? 1.628   -11.095 6.032   1.00 47.66  ? 97  ASP A C   1 
ATOM   689  O  O   . ASP A 1 99  ? 2.075   -10.445 5.061   1.00 47.20  ? 97  ASP A O   1 
ATOM   690  C  CB  . ASP A 1 99  ? 1.745   -9.875  8.223   1.00 46.72  ? 97  ASP A CB  1 
ATOM   691  C  CG  . ASP A 1 99  ? 2.247   -9.858  9.682   1.00 47.76  ? 97  ASP A CG  1 
ATOM   692  O  OD1 . ASP A 1 99  ? 2.786   -10.875 10.157  1.00 48.36  ? 97  ASP A OD1 1 
ATOM   693  O  OD2 . ASP A 1 99  ? 2.118   -8.812  10.360  1.00 49.17  ? 97  ASP A OD2 1 
ATOM   694  N  N   . LEU A 1 100 ? 0.526   -11.849 5.978   1.00 46.59  ? 98  LEU A N   1 
ATOM   695  C  CA  . LEU A 1 100 ? -0.299  -11.912 4.784   1.00 46.45  ? 98  LEU A CA  1 
ATOM   696  C  C   . LEU A 1 100 ? -1.507  -11.049 4.980   1.00 47.19  ? 98  LEU A C   1 
ATOM   697  O  O   . LEU A 1 100 ? -2.159  -11.109 6.017   1.00 47.50  ? 98  LEU A O   1 
ATOM   698  C  CB  . LEU A 1 100 ? -0.714  -13.334 4.482   1.00 45.65  ? 98  LEU A CB  1 
ATOM   699  C  CG  . LEU A 1 100 ? 0.433   -14.332 4.496   1.00 45.05  ? 98  LEU A CG  1 
ATOM   700  C  CD1 . LEU A 1 100 ? -0.154  -15.728 4.464   1.00 44.46  ? 98  LEU A CD1 1 
ATOM   701  C  CD2 . LEU A 1 100 ? 1.438   -14.086 3.328   1.00 43.04  ? 98  LEU A CD2 1 
ATOM   702  N  N   . VAL A 1 101 ? -1.785  -10.235 3.971   1.00 47.61  ? 99  VAL A N   1 
ATOM   703  C  CA  . VAL A 1 101 ? -2.941  -9.373  3.938   1.00 48.24  ? 99  VAL A CA  1 
ATOM   704  C  C   . VAL A 1 101 ? -3.745  -9.791  2.696   1.00 48.79  ? 99  VAL A C   1 
ATOM   705  O  O   . VAL A 1 101 ? -3.219  -9.801  1.581   1.00 49.15  ? 99  VAL A O   1 
ATOM   706  C  CB  . VAL A 1 101 ? -2.517  -7.886  3.845   1.00 47.87  ? 99  VAL A CB  1 
ATOM   707  C  CG1 . VAL A 1 101 ? -3.706  -6.973  3.944   1.00 47.79  ? 99  VAL A CG1 1 
ATOM   708  C  CG2 . VAL A 1 101 ? -1.551  -7.548  4.966   1.00 48.49  ? 99  VAL A CG2 1 
ATOM   709  N  N   . THR A 1 102 ? -5.001  -10.179 2.886   1.00 49.32  ? 100 THR A N   1 
ATOM   710  C  CA  . THR A 1 102 ? -5.816  -10.645 1.762   1.00 49.19  ? 100 THR A CA  1 
ATOM   711  C  C   . THR A 1 102 ? -6.842  -9.581  1.455   1.00 49.26  ? 100 THR A C   1 
ATOM   712  O  O   . THR A 1 102 ? -7.598  -9.161  2.325   1.00 49.70  ? 100 THR A O   1 
ATOM   713  C  CB  . THR A 1 102 ? -6.489  -11.998 2.060   1.00 49.82  ? 100 THR A CB  1 
ATOM   714  O  OG1 . THR A 1 102 ? -5.470  -12.997 2.193   1.00 49.98  ? 100 THR A OG1 1 
ATOM   715  C  CG2 . THR A 1 102 ? -7.497  -12.410 0.911   1.00 48.23  ? 100 THR A CG2 1 
ATOM   716  N  N   . ILE A 1 103 ? -6.849  -9.098  0.227   1.00 48.90  ? 101 ILE A N   1 
ATOM   717  C  CA  . ILE A 1 103 ? -7.716  -7.971  -0.083  1.00 49.33  ? 101 ILE A CA  1 
ATOM   718  C  C   . ILE A 1 103 ? -8.718  -8.419  -1.148  1.00 50.17  ? 101 ILE A C   1 
ATOM   719  O  O   . ILE A 1 103 ? -8.352  -8.528  -2.323  1.00 50.98  ? 101 ILE A O   1 
ATOM   720  C  CB  . ILE A 1 103 ? -6.901  -6.754  -0.537  1.00 49.15  ? 101 ILE A CB  1 
ATOM   721  C  CG1 . ILE A 1 103 ? -5.800  -6.447  0.513   1.00 49.61  ? 101 ILE A CG1 1 
ATOM   722  C  CG2 . ILE A 1 103 ? -7.835  -5.550  -0.885  1.00 48.29  ? 101 ILE A CG2 1 
ATOM   723  C  CD1 . ILE A 1 103 ? -4.762  -5.438  0.065   1.00 48.84  ? 101 ILE A CD1 1 
ATOM   724  N  N   . PRO A 1 104 ? -9.979  -8.709  -0.736  1.00 50.39  ? 102 PRO A N   1 
ATOM   725  C  CA  . PRO A 1 104 ? -10.971 -9.224  -1.700  1.00 50.48  ? 102 PRO A CA  1 
ATOM   726  C  C   . PRO A 1 104 ? -11.396 -8.127  -2.650  1.00 49.85  ? 102 PRO A C   1 
ATOM   727  O  O   . PRO A 1 104 ? -11.234 -6.953  -2.334  1.00 50.12  ? 102 PRO A O   1 
ATOM   728  C  CB  . PRO A 1 104 ? -12.156 -9.653  -0.805  1.00 50.68  ? 102 PRO A CB  1 
ATOM   729  C  CG  . PRO A 1 104 ? -11.627 -9.564  0.626   1.00 51.21  ? 102 PRO A CG  1 
ATOM   730  C  CD  . PRO A 1 104 ? -10.595 -8.484  0.581   1.00 49.52  ? 102 PRO A CD  1 
ATOM   731  N  N   . GLY A 1 105 ? -11.890 -8.503  -3.832  1.00 50.12  ? 103 GLY A N   1 
ATOM   732  C  CA  . GLY A 1 105 ? -12.406 -7.540  -4.777  1.00 48.66  ? 103 GLY A CA  1 
ATOM   733  C  C   . GLY A 1 105 ? -13.350 -6.538  -4.140  1.00 49.56  ? 103 GLY A C   1 
ATOM   734  O  O   . GLY A 1 105 ? -14.228 -6.889  -3.316  1.00 49.08  ? 103 GLY A O   1 
ATOM   735  N  N   . TRP A 1 106 ? -13.154 -5.282  -4.527  1.00 49.54  ? 104 TRP A N   1 
ATOM   736  C  CA  . TRP A 1 106 ? -13.946 -4.157  -4.058  1.00 50.87  ? 104 TRP A CA  1 
ATOM   737  C  C   . TRP A 1 106 ? -13.740 -3.671  -2.623  1.00 50.91  ? 104 TRP A C   1 
ATOM   738  O  O   . TRP A 1 106 ? -14.414 -2.743  -2.207  1.00 51.32  ? 104 TRP A O   1 
ATOM   739  C  CB  . TRP A 1 106 ? -15.454 -4.389  -4.348  1.00 51.55  ? 104 TRP A CB  1 
ATOM   740  C  CG  . TRP A 1 106 ? -15.725 -4.606  -5.832  1.00 52.99  ? 104 TRP A CG  1 
ATOM   741  C  CD1 . TRP A 1 106 ? -16.093 -5.770  -6.444  1.00 54.01  ? 104 TRP A CD1 1 
ATOM   742  C  CD2 . TRP A 1 106 ? -15.588 -3.634  -6.866  1.00 52.63  ? 104 TRP A CD2 1 
ATOM   743  N  NE1 . TRP A 1 106 ? -16.220 -5.567  -7.795  1.00 54.71  ? 104 TRP A NE1 1 
ATOM   744  C  CE2 . TRP A 1 106 ? -15.920 -4.262  -8.075  1.00 53.55  ? 104 TRP A CE2 1 
ATOM   745  C  CE3 . TRP A 1 106 ? -15.245 -2.278  -6.878  1.00 54.60  ? 104 TRP A CE3 1 
ATOM   746  C  CZ2 . TRP A 1 106 ? -15.929 -3.584  -9.291  1.00 55.16  ? 104 TRP A CZ2 1 
ATOM   747  C  CZ3 . TRP A 1 106 ? -15.232 -1.604  -8.094  1.00 55.29  ? 104 TRP A CZ3 1 
ATOM   748  C  CH2 . TRP A 1 106 ? -15.574 -2.262  -9.286  1.00 54.23  ? 104 TRP A CH2 1 
ATOM   749  N  N   . SER A 1 107 ? -12.847 -4.274  -1.847  1.00 50.67  ? 105 SER A N   1 
ATOM   750  C  CA  . SER A 1 107 ? -12.616 -3.701  -0.524  1.00 51.03  ? 105 SER A CA  1 
ATOM   751  C  C   . SER A 1 107 ? -11.803 -2.398  -0.627  1.00 50.82  ? 105 SER A C   1 
ATOM   752  O  O   . SER A 1 107 ? -10.918 -2.298  -1.440  1.00 50.69  ? 105 SER A O   1 
ATOM   753  C  CB  . SER A 1 107 ? -11.933 -4.706  0.391   1.00 50.44  ? 105 SER A CB  1 
ATOM   754  O  OG  . SER A 1 107 ? -12.873 -5.656  0.825   1.00 52.24  ? 105 SER A OG  1 
ATOM   755  N  N   . TRP A 1 108 ? -12.125 -1.397  0.179   1.00 51.63  ? 106 TRP A N   1 
ATOM   756  C  CA  . TRP A 1 108 ? -11.238 -0.246  0.288   1.00 52.43  ? 106 TRP A CA  1 
ATOM   757  C  C   . TRP A 1 108 ? -9.974  -0.712  0.974   1.00 52.20  ? 106 TRP A C   1 
ATOM   758  O  O   . TRP A 1 108 ? -10.023 -1.469  1.958   1.00 51.82  ? 106 TRP A O   1 
ATOM   759  C  CB  . TRP A 1 108 ? -11.859 0.885   1.107   1.00 52.47  ? 106 TRP A CB  1 
ATOM   760  C  CG  . TRP A 1 108 ? -13.051 1.545   0.468   1.00 55.17  ? 106 TRP A CG  1 
ATOM   761  C  CD1 . TRP A 1 108 ? -14.349 1.504   0.917   1.00 54.68  ? 106 TRP A CD1 1 
ATOM   762  C  CD2 . TRP A 1 108 ? -13.063 2.376   -0.705  1.00 56.85  ? 106 TRP A CD2 1 
ATOM   763  N  NE1 . TRP A 1 108 ? -15.155 2.251   0.098   1.00 56.18  ? 106 TRP A NE1 1 
ATOM   764  C  CE2 . TRP A 1 108 ? -14.401 2.792   -0.909  1.00 57.56  ? 106 TRP A CE2 1 
ATOM   765  C  CE3 . TRP A 1 108 ? -12.082 2.806   -1.604  1.00 58.04  ? 106 TRP A CE3 1 
ATOM   766  C  CZ2 . TRP A 1 108 ? -14.779 3.604   -1.985  1.00 58.84  ? 106 TRP A CZ2 1 
ATOM   767  C  CZ3 . TRP A 1 108 ? -12.457 3.618   -2.671  1.00 58.85  ? 106 TRP A CZ3 1 
ATOM   768  C  CH2 . TRP A 1 108 ? -13.795 4.003   -2.857  1.00 59.17  ? 106 TRP A CH2 1 
ATOM   769  N  N   . HIS A 1 109 ? -8.836  -0.269  0.461   1.00 52.33  ? 107 HIS A N   1 
ATOM   770  C  CA  . HIS A 1 109 ? -7.592  -0.629  1.106   1.00 52.68  ? 107 HIS A CA  1 
ATOM   771  C  C   . HIS A 1 109 ? -6.507  0.431   1.021   1.00 52.70  ? 107 HIS A C   1 
ATOM   772  O  O   . HIS A 1 109 ? -6.481  1.236   0.090   1.00 52.88  ? 107 HIS A O   1 
ATOM   773  C  CB  . HIS A 1 109 ? -7.105  -1.962  0.583   1.00 52.46  ? 107 HIS A CB  1 
ATOM   774  C  CG  . HIS A 1 109 ? -6.840  -1.973  -0.884  1.00 53.63  ? 107 HIS A CG  1 
ATOM   775  N  ND1 . HIS A 1 109 ? -7.826  -2.217  -1.817  1.00 52.73  ? 107 HIS A ND1 1 
ATOM   776  C  CD2 . HIS A 1 109 ? -5.691  -1.797  -1.583  1.00 54.16  ? 107 HIS A CD2 1 
ATOM   777  C  CE1 . HIS A 1 109 ? -7.295  -2.201  -3.024  1.00 54.06  ? 107 HIS A CE1 1 
ATOM   778  N  NE2 . HIS A 1 109 ? -6.002  -1.933  -2.910  1.00 55.94  ? 107 HIS A NE2 1 
ATOM   779  N  N   . GLN A 1 110 ? -5.636  0.422   2.024   1.00 52.42  ? 108 GLN A N   1 
ATOM   780  C  CA  . GLN A 1 110 ? -4.518  1.339   2.129   1.00 53.05  ? 108 GLN A CA  1 
ATOM   781  C  C   . GLN A 1 110 ? -3.454  0.786   3.093   1.00 53.58  ? 108 GLN A C   1 
ATOM   782  O  O   . GLN A 1 110 ? -3.772  0.132   4.099   1.00 53.06  ? 108 GLN A O   1 
ATOM   783  C  CB  . GLN A 1 110 ? -4.983  2.707   2.607   1.00 53.04  ? 108 GLN A CB  1 
ATOM   784  C  CG  . GLN A 1 110 ? -3.902  3.758   2.536   1.00 53.10  ? 108 GLN A CG  1 
ATOM   785  C  CD  . GLN A 1 110 ? -4.402  5.103   2.882   1.00 54.53  ? 108 GLN A CD  1 
ATOM   786  O  OE1 . GLN A 1 110 ? -4.963  5.293   3.953   1.00 56.61  ? 108 GLN A OE1 1 
ATOM   787  N  NE2 . GLN A 1 110 ? -4.216  6.066   1.977   1.00 54.94  ? 108 GLN A NE2 1 
ATOM   788  N  N   . PHE A 1 111 ? -2.190  1.041   2.740   1.00 54.09  ? 109 PHE A N   1 
ATOM   789  C  CA  . PHE A 1 111 ? -1.029  0.728   3.575   1.00 53.85  ? 109 PHE A CA  1 
ATOM   790  C  C   . PHE A 1 111 ? -0.398  2.015   4.038   1.00 54.69  ? 109 PHE A C   1 
ATOM   791  O  O   . PHE A 1 111 ? -0.275  2.983   3.267   1.00 55.77  ? 109 PHE A O   1 
ATOM   792  C  CB  . PHE A 1 111 ? -0.028  -0.121  2.802   1.00 52.96  ? 109 PHE A CB  1 
ATOM   793  C  CG  . PHE A 1 111 ? -0.548  -1.465  2.510   1.00 51.88  ? 109 PHE A CG  1 
ATOM   794  C  CD1 . PHE A 1 111 ? -0.324  -2.514  3.410   1.00 49.16  ? 109 PHE A CD1 1 
ATOM   795  C  CD2 . PHE A 1 111 ? -1.340  -1.676  1.380   1.00 47.80  ? 109 PHE A CD2 1 
ATOM   796  C  CE1 . PHE A 1 111 ? -0.867  -3.751  3.181   1.00 48.41  ? 109 PHE A CE1 1 
ATOM   797  C  CE2 . PHE A 1 111 ? -1.880  -2.907  1.139   1.00 48.30  ? 109 PHE A CE2 1 
ATOM   798  C  CZ  . PHE A 1 111 ? -1.658  -3.956  2.050   1.00 49.46  ? 109 PHE A CZ  1 
ATOM   799  N  N   . ARG A 1 112 ? -0.006  2.031   5.301   1.00 54.82  ? 110 ARG A N   1 
ATOM   800  C  CA  . ARG A 1 112 ? 0.557   3.231   5.876   1.00 55.83  ? 110 ARG A CA  1 
ATOM   801  C  C   . ARG A 1 112 ? 1.850   2.944   6.605   1.00 56.15  ? 110 ARG A C   1 
ATOM   802  O  O   . ARG A 1 112 ? 1.916   2.042   7.444   1.00 55.53  ? 110 ARG A O   1 
ATOM   803  C  CB  . ARG A 1 112 ? -0.446  3.920   6.806   1.00 55.67  ? 110 ARG A CB  1 
ATOM   804  C  CG  . ARG A 1 112 ? -1.494  4.710   6.056   1.00 55.89  ? 110 ARG A CG  1 
ATOM   805  C  CD  . ARG A 1 112 ? -2.362  5.591   6.967   1.00 54.77  ? 110 ARG A CD  1 
ATOM   806  N  NE  . ARG A 1 112 ? -3.307  6.223   6.075   1.00 55.54  ? 110 ARG A NE  1 
ATOM   807  C  CZ  . ARG A 1 112 ? -3.290  7.503   5.709   1.00 58.69  ? 110 ARG A CZ  1 
ATOM   808  N  NH1 . ARG A 1 112 ? -2.410  8.355   6.240   1.00 58.20  ? 110 ARG A NH1 1 
ATOM   809  N  NH2 . ARG A 1 112 ? -4.200  7.937   4.833   1.00 58.19  ? 110 ARG A NH2 1 
ATOM   810  N  N   . ALA A 1 113 ? 2.876   3.718   6.257   1.00 57.04  ? 111 ALA A N   1 
ATOM   811  C  CA  . ALA A 1 113 ? 4.178   3.601   6.911   1.00 58.59  ? 111 ALA A CA  1 
ATOM   812  C  C   . ALA A 1 113 ? 4.209   4.483   8.153   1.00 58.85  ? 111 ALA A C   1 
ATOM   813  O  O   . ALA A 1 113 ? 3.681   5.596   8.123   1.00 58.93  ? 111 ALA A O   1 
ATOM   814  C  CB  . ALA A 1 113 ? 5.307   3.979   5.941   1.00 58.57  ? 111 ALA A CB  1 
ATOM   815  N  N   . PRO A 1 114 ? 4.800   3.985   9.256   1.00 59.84  ? 112 PRO A N   1 
ATOM   816  C  CA  . PRO A 1 114 ? 5.011   4.832   10.436  1.00 60.87  ? 112 PRO A CA  1 
ATOM   817  C  C   . PRO A 1 114 ? 5.893   6.038   10.090  1.00 62.15  ? 112 PRO A C   1 
ATOM   818  O  O   . PRO A 1 114 ? 6.522   6.057   9.022   1.00 62.07  ? 112 PRO A O   1 
ATOM   819  C  CB  . PRO A 1 114 ? 5.698   3.897   11.438  1.00 60.77  ? 112 PRO A CB  1 
ATOM   820  C  CG  . PRO A 1 114 ? 6.194   2.736   10.642  1.00 60.19  ? 112 PRO A CG  1 
ATOM   821  C  CD  . PRO A 1 114 ? 5.278   2.610   9.467   1.00 59.96  ? 112 PRO A CD  1 
ATOM   822  N  N   . ALA A 1 115 ? 5.907   7.056   10.952  1.00 64.03  ? 113 ALA A N   1 
ATOM   823  C  CA  . ALA A 1 115 ? 6.740   8.264   10.723  1.00 65.24  ? 113 ALA A CA  1 
ATOM   824  C  C   . ALA A 1 115 ? 8.242   7.963   10.660  1.00 65.97  ? 113 ALA A C   1 
ATOM   825  O  O   . ALA A 1 115 ? 8.984   8.654   9.958   1.00 66.37  ? 113 ALA A O   1 
ATOM   826  C  CB  . ALA A 1 115 ? 6.430   9.361   11.768  1.00 65.18  ? 113 ALA A CB  1 
ATOM   827  N  N   . ASP A 1 116 ? 8.667   6.896   11.333  1.00 66.96  ? 114 ASP A N   1 
ATOM   828  C  CA  . ASP A 1 116 ? 10.087  6.580   11.486  1.00 68.17  ? 114 ASP A CA  1 
ATOM   829  C  C   . ASP A 1 116 ? 10.645  5.405   10.663  1.00 67.71  ? 114 ASP A C   1 
ATOM   830  O  O   . ASP A 1 116 ? 11.823  5.057   10.812  1.00 68.73  ? 114 ASP A O   1 
ATOM   831  C  CB  . ASP A 1 116 ? 10.385  6.302   12.967  1.00 69.55  ? 114 ASP A CB  1 
ATOM   832  C  CG  . ASP A 1 116 ? 9.750   4.989   13.466  1.00 72.71  ? 114 ASP A CG  1 
ATOM   833  O  OD1 . ASP A 1 116 ? 8.498   4.851   13.382  1.00 73.34  ? 114 ASP A OD1 1 
ATOM   834  O  OD2 . ASP A 1 116 ? 10.517  4.105   13.947  1.00 76.51  ? 114 ASP A OD2 1 
ATOM   835  N  N   . GLU A 1 117 ? 9.837   4.797   9.799   1.00 65.98  ? 115 GLU A N   1 
ATOM   836  C  CA  . GLU A 1 117 ? 10.248  3.564   9.118   1.00 63.67  ? 115 GLU A CA  1 
ATOM   837  C  C   . GLU A 1 117 ? 9.556   3.425   7.774   1.00 61.93  ? 115 GLU A C   1 
ATOM   838  O  O   . GLU A 1 117 ? 8.421   3.864   7.612   1.00 61.34  ? 115 GLU A O   1 
ATOM   839  C  CB  . GLU A 1 117 ? 9.878   2.362   9.981   1.00 63.60  ? 115 GLU A CB  1 
ATOM   840  C  CG  . GLU A 1 117 ? 10.552  1.078   9.602   1.00 64.75  ? 115 GLU A CG  1 
ATOM   841  C  CD  . GLU A 1 117 ? 10.567  0.127   10.767  1.00 67.53  ? 115 GLU A CD  1 
ATOM   842  O  OE1 . GLU A 1 117 ? 9.974   0.492   11.809  1.00 70.19  ? 115 GLU A OE1 1 
ATOM   843  O  OE2 . GLU A 1 117 ? 11.167  -0.970  10.662  1.00 67.53  ? 115 GLU A OE2 1 
ATOM   844  N  N   . ALA A 1 118 ? 10.252  2.817   6.816   1.00 59.85  ? 116 ALA A N   1 
ATOM   845  C  CA  . ALA A 1 118 ? 9.666   2.495   5.530   1.00 57.45  ? 116 ALA A CA  1 
ATOM   846  C  C   . ALA A 1 118 ? 8.854   1.196   5.680   1.00 55.77  ? 116 ALA A C   1 
ATOM   847  O  O   . ALA A 1 118 ? 9.151   0.392   6.562   1.00 56.48  ? 116 ALA A O   1 
ATOM   848  C  CB  . ALA A 1 118 ? 10.751  2.344   4.501   1.00 57.12  ? 116 ALA A CB  1 
ATOM   849  N  N   . LEU A 1 119 ? 7.812   1.026   4.860   1.00 53.48  ? 117 LEU A N   1 
ATOM   850  C  CA  . LEU A 1 119 ? 7.059   -0.248  4.739   1.00 50.77  ? 117 LEU A CA  1 
ATOM   851  C  C   . LEU A 1 119 ? 7.257   -0.818  3.347   1.00 49.33  ? 117 LEU A C   1 
ATOM   852  O  O   . LEU A 1 119 ? 6.985   -0.139  2.364   1.00 49.87  ? 117 LEU A O   1 
ATOM   853  C  CB  . LEU A 1 119 ? 5.553   -0.043  5.012   1.00 50.05  ? 117 LEU A CB  1 
ATOM   854  C  CG  . LEU A 1 119 ? 4.526   -1.193  4.850   1.00 49.48  ? 117 LEU A CG  1 
ATOM   855  C  CD1 . LEU A 1 119 ? 4.802   -2.376  5.746   1.00 46.87  ? 117 LEU A CD1 1 
ATOM   856  C  CD2 . LEU A 1 119 ? 3.113   -0.666  5.109   1.00 48.22  ? 117 LEU A CD2 1 
ATOM   857  N  N   . GLY A 1 120 ? 7.731   -2.056  3.276   1.00 47.65  ? 118 GLY A N   1 
ATOM   858  C  CA  . GLY A 1 120 ? 7.858   -2.794  2.035   1.00 46.29  ? 118 GLY A CA  1 
ATOM   859  C  C   . GLY A 1 120 ? 6.959   -4.031  2.003   1.00 45.86  ? 118 GLY A C   1 
ATOM   860  O  O   . GLY A 1 120 ? 6.835   -4.765  2.999   1.00 45.64  ? 118 GLY A O   1 
ATOM   861  N  N   . PHE A 1 121 ? 6.308   -4.272  0.869   1.00 45.03  ? 119 PHE A N   1 
ATOM   862  C  CA  . PHE A 1 121 ? 5.464   -5.456  0.749   1.00 44.69  ? 119 PHE A CA  1 
ATOM   863  C  C   . PHE A 1 121 ? 5.373   -5.928  -0.683  1.00 45.17  ? 119 PHE A C   1 
ATOM   864  O  O   . PHE A 1 121 ? 5.423   -5.121  -1.618  1.00 44.38  ? 119 PHE A O   1 
ATOM   865  C  CB  . PHE A 1 121 ? 4.067   -5.196  1.366   1.00 44.27  ? 119 PHE A CB  1 
ATOM   866  C  CG  . PHE A 1 121 ? 3.316   -4.029  0.743   1.00 44.63  ? 119 PHE A CG  1 
ATOM   867  C  CD1 . PHE A 1 121 ? 2.545   -4.205  -0.408  1.00 45.74  ? 119 PHE A CD1 1 
ATOM   868  C  CD2 . PHE A 1 121 ? 3.366   -2.779  1.304   1.00 44.44  ? 119 PHE A CD2 1 
ATOM   869  C  CE1 . PHE A 1 121 ? 1.834   -3.133  -0.990  1.00 46.69  ? 119 PHE A CE1 1 
ATOM   870  C  CE2 . PHE A 1 121 ? 2.698   -1.686  0.729   1.00 48.11  ? 119 PHE A CE2 1 
ATOM   871  C  CZ  . PHE A 1 121 ? 1.921   -1.866  -0.434  1.00 48.19  ? 119 PHE A CZ  1 
ATOM   872  N  N   . LEU A 1 122 ? 5.256   -7.243  -0.831  1.00 46.32  ? 120 LEU A N   1 
ATOM   873  C  CA  . LEU A 1 122 ? 4.912   -7.910  -2.082  1.00 46.64  ? 120 LEU A CA  1 
ATOM   874  C  C   . LEU A 1 122 ? 3.433   -7.865  -2.321  1.00 48.29  ? 120 LEU A C   1 
ATOM   875  O  O   . LEU A 1 122 ? 2.653   -7.944  -1.384  1.00 48.81  ? 120 LEU A O   1 
ATOM   876  C  CB  . LEU A 1 122 ? 5.309   -9.371  -2.055  1.00 46.10  ? 120 LEU A CB  1 
ATOM   877  C  CG  . LEU A 1 122 ? 6.769   -9.703  -1.828  1.00 45.87  ? 120 LEU A CG  1 
ATOM   878  C  CD1 . LEU A 1 122 ? 6.897   -11.210 -1.835  1.00 45.15  ? 120 LEU A CD1 1 
ATOM   879  C  CD2 . LEU A 1 122 ? 7.595   -9.041  -2.938  1.00 44.17  ? 120 LEU A CD2 1 
ATOM   880  N  N   . CYS A 1 123 ? 3.047   -7.759  -3.592  1.00 49.93  ? 121 CYS A N   1 
ATOM   881  C  CA  . CYS A 1 123 ? 1.642   -7.617  -3.966  1.00 51.37  ? 121 CYS A CA  1 
ATOM   882  C  C   . CYS A 1 123 ? 1.404   -8.418  -5.232  1.00 51.28  ? 121 CYS A C   1 
ATOM   883  O  O   . CYS A 1 123 ? 1.964   -8.100  -6.293  1.00 51.25  ? 121 CYS A O   1 
ATOM   884  C  CB  . CYS A 1 123 ? 1.291   -6.153  -4.168  1.00 51.66  ? 121 CYS A CB  1 
ATOM   885  S  SG  . CYS A 1 123 ? -0.458  -5.828  -4.585  1.00 57.15  ? 121 CYS A SG  1 
HETATM 886  N  N   . MSE A 1 124 ? 0.655   -9.505  -5.093  1.00 51.12  ? 122 MSE A N   1 
HETATM 887  C  CA  . MSE A 1 124 ? 0.299   -10.329 -6.216  1.00 52.21  ? 122 MSE A CA  1 
HETATM 888  C  C   . MSE A 1 124 ? -1.092  -9.938  -6.730  1.00 53.54  ? 122 MSE A C   1 
HETATM 889  O  O   . MSE A 1 124 ? -2.056  -9.914  -5.965  1.00 52.59  ? 122 MSE A O   1 
HETATM 890  C  CB  . MSE A 1 124 ? 0.348   -11.809 -5.852  1.00 52.37  ? 122 MSE A CB  1 
HETATM 891  C  CG  . MSE A 1 124 ? 0.079   -12.708 -7.040  1.00 53.58  ? 122 MSE A CG  1 
HETATM 892  SE SE  . MSE A 1 124 ? 0.128   -14.561 -6.573  1.00 59.73  ? 122 MSE A SE  1 
HETATM 893  C  CE  . MSE A 1 124 ? -1.624  -14.738 -5.738  1.00 57.73  ? 122 MSE A CE  1 
ATOM   894  N  N   . VAL A 1 125 ? -1.171  -9.602  -8.023  1.00 55.23  ? 123 VAL A N   1 
ATOM   895  C  CA  . VAL A 1 125 ? -2.450  -9.328  -8.715  1.00 56.43  ? 123 VAL A CA  1 
ATOM   896  C  C   . VAL A 1 125 ? -2.547  -10.110 -10.000 1.00 57.61  ? 123 VAL A C   1 
ATOM   897  O  O   . VAL A 1 125 ? -1.548  -10.646 -10.471 1.00 58.14  ? 123 VAL A O   1 
ATOM   898  C  CB  . VAL A 1 125 ? -2.581  -7.850  -9.116  1.00 56.71  ? 123 VAL A CB  1 
ATOM   899  C  CG1 . VAL A 1 125 ? -2.774  -6.971  -7.914  1.00 56.54  ? 123 VAL A CG1 1 
ATOM   900  C  CG2 . VAL A 1 125 ? -1.381  -7.391  -9.940  1.00 55.98  ? 123 VAL A CG2 1 
ATOM   901  N  N   . ASN A 1 126 ? -3.741  -10.158 -10.593 1.00 59.71  ? 124 ASN A N   1 
ATOM   902  C  CA  . ASN A 1 126 ? -3.917  -10.681 -11.966 1.00 61.36  ? 124 ASN A CA  1 
ATOM   903  C  C   . ASN A 1 126 ? -3.297  -9.751  -12.994 1.00 62.08  ? 124 ASN A C   1 
ATOM   904  O  O   . ASN A 1 126 ? -3.384  -8.532  -12.830 1.00 62.03  ? 124 ASN A O   1 
ATOM   905  C  CB  . ASN A 1 126 ? -5.409  -10.846 -12.291 1.00 61.99  ? 124 ASN A CB  1 
ATOM   906  C  CG  . ASN A 1 126 ? -6.076  -11.920 -11.454 1.00 62.80  ? 124 ASN A CG  1 
ATOM   907  O  OD1 . ASN A 1 126 ? -5.430  -12.877 -10.989 1.00 62.47  ? 124 ASN A OD1 1 
ATOM   908  N  ND2 . ASN A 1 126 ? -7.390  -11.781 -11.277 1.00 62.47  ? 124 ASN A ND2 1 
ATOM   909  N  N   . ALA A 1 127 ? -2.688  -10.307 -14.045 1.00 63.89  ? 125 ALA A N   1 
ATOM   910  C  CA  . ALA A 1 127 ? -2.098  -9.484  -15.133 1.00 66.22  ? 125 ALA A CA  1 
ATOM   911  C  C   . ALA A 1 127 ? -3.171  -8.642  -15.831 1.00 67.87  ? 125 ALA A C   1 
ATOM   912  O  O   . ALA A 1 127 ? -2.977  -7.440  -16.066 1.00 68.17  ? 125 ALA A O   1 
ATOM   913  C  CB  . ALA A 1 127 ? -1.329  -10.360 -16.159 1.00 66.07  ? 125 ALA A CB  1 
ATOM   914  N  N   . GLU A 1 128 ? -4.303  -9.287  -16.144 1.00 70.18  ? 126 GLU A N   1 
ATOM   915  C  CA  . GLU A 1 128 ? -5.488  -8.624  -16.720 1.00 72.24  ? 126 GLU A CA  1 
ATOM   916  C  C   . GLU A 1 128 ? -6.427  -8.217  -15.593 1.00 72.52  ? 126 GLU A C   1 
ATOM   917  O  O   . GLU A 1 128 ? -6.937  -9.076  -14.850 1.00 72.75  ? 126 GLU A O   1 
ATOM   918  C  CB  . GLU A 1 128 ? -6.208  -9.530  -17.742 1.00 72.43  ? 126 GLU A CB  1 
ATOM   919  C  CG  . GLU A 1 128 ? -5.407  -9.785  -19.031 1.00 76.52  ? 126 GLU A CG  1 
ATOM   920  C  CD  . GLU A 1 128 ? -4.839  -8.494  -19.660 1.00 81.56  ? 126 GLU A CD  1 
ATOM   921  O  OE1 . GLU A 1 128 ? -5.605  -7.499  -19.810 1.00 83.02  ? 126 GLU A OE1 1 
ATOM   922  O  OE2 . GLU A 1 128 ? -3.626  -8.479  -20.002 1.00 82.05  ? 126 GLU A OE2 1 
ATOM   923  N  N   . ARG A 1 129 ? -6.651  -6.907  -15.475 1.00 72.98  ? 127 ARG A N   1 
ATOM   924  C  CA  . ARG A 1 129 ? -7.348  -6.344  -14.316 1.00 73.44  ? 127 ARG A CA  1 
ATOM   925  C  C   . ARG A 1 129 ? -7.892  -4.925  -14.573 1.00 73.89  ? 127 ARG A C   1 
ATOM   926  O  O   . ARG A 1 129 ? -7.384  -4.207  -15.447 1.00 73.56  ? 127 ARG A O   1 
ATOM   927  C  CB  . ARG A 1 129 ? -6.392  -6.320  -13.114 1.00 73.35  ? 127 ARG A CB  1 
ATOM   928  C  CG  . ARG A 1 129 ? -5.187  -5.376  -13.291 1.00 73.04  ? 127 ARG A CG  1 
ATOM   929  C  CD  . ARG A 1 129 ? -4.261  -5.416  -12.067 1.00 73.85  ? 127 ARG A CD  1 
ATOM   930  N  NE  . ARG A 1 129 ? -3.130  -4.494  -12.177 1.00 72.57  ? 127 ARG A NE  1 
ATOM   931  C  CZ  . ARG A 1 129 ? -1.983  -4.780  -12.793 1.00 73.37  ? 127 ARG A CZ  1 
ATOM   932  N  NH1 . ARG A 1 129 ? -1.803  -5.963  -13.374 1.00 71.15  ? 127 ARG A NH1 1 
ATOM   933  N  NH2 . ARG A 1 129 ? -1.008  -3.873  -12.832 1.00 74.56  ? 127 ARG A NH2 1 
ATOM   934  N  N   . ASP A 1 130 ? -8.887  -4.519  -13.781 1.00 74.27  ? 128 ASP A N   1 
ATOM   935  C  CA  . ASP A 1 130 ? -9.524  -3.191  -13.923 1.00 75.10  ? 128 ASP A CA  1 
ATOM   936  C  C   . ASP A 1 130 ? -8.721  -2.027  -13.279 1.00 74.93  ? 128 ASP A C   1 
ATOM   937  O  O   . ASP A 1 130 ? -7.808  -2.269  -12.493 1.00 75.02  ? 128 ASP A O   1 
ATOM   938  C  CB  . ASP A 1 130 ? -10.997 -3.227  -13.432 1.00 75.14  ? 128 ASP A CB  1 
ATOM   939  C  CG  . ASP A 1 130 ? -11.130 -3.556  -11.935 1.00 75.94  ? 128 ASP A CG  1 
ATOM   940  O  OD1 . ASP A 1 130 ? -10.397 -4.436  -11.432 1.00 75.97  ? 128 ASP A OD1 1 
ATOM   941  O  OD2 . ASP A 1 130 ? -11.979 -2.932  -11.256 1.00 75.37  ? 128 ASP A OD2 1 
ATOM   942  N  N   . LYS A 1 131 ? -9.038  -0.781  -13.645 1.00 74.83  ? 129 LYS A N   1 
ATOM   943  C  CA  . LYS A 1 131 ? -8.365  0.390   -13.072 1.00 74.80  ? 129 LYS A CA  1 
ATOM   944  C  C   . LYS A 1 131 ? -8.917  0.654   -11.662 1.00 74.44  ? 129 LYS A C   1 
ATOM   945  O  O   . LYS A 1 131 ? -10.106 0.435   -11.427 1.00 74.28  ? 129 LYS A O   1 
ATOM   946  C  CB  . LYS A 1 131 ? -8.548  1.628   -13.961 1.00 74.91  ? 129 LYS A CB  1 
ATOM   947  C  CG  . LYS A 1 131 ? -7.822  1.560   -15.327 1.00 76.66  ? 129 LYS A CG  1 
ATOM   948  N  N   . PRO A 1 132 ? -8.046  1.075   -10.709 1.00 73.64  ? 130 PRO A N   1 
ATOM   949  C  CA  . PRO A 1 132 ? -8.452  1.477   -9.364  1.00 72.67  ? 130 PRO A CA  1 
ATOM   950  C  C   . PRO A 1 132 ? -9.428  2.634   -9.365  1.00 71.67  ? 130 PRO A C   1 
ATOM   951  O  O   . PRO A 1 132 ? -9.341  3.508   -10.236 1.00 72.03  ? 130 PRO A O   1 
ATOM   952  C  CB  . PRO A 1 132 ? -7.130  1.934   -8.732  1.00 72.75  ? 130 PRO A CB  1 
ATOM   953  C  CG  . PRO A 1 132 ? -6.114  1.046   -9.355  1.00 73.74  ? 130 PRO A CG  1 
ATOM   954  C  CD  . PRO A 1 132 ? -6.576  0.922   -10.801 1.00 73.90  ? 130 PRO A CD  1 
ATOM   955  N  N   . GLN A 1 133 ? -10.346 2.641   -8.402  1.00 70.47  ? 131 GLN A N   1 
ATOM   956  C  CA  . GLN A 1 133 ? -11.227 3.794   -8.172  1.00 69.82  ? 131 GLN A CA  1 
ATOM   957  C  C   . GLN A 1 133 ? -10.908 4.436   -6.838  1.00 69.08  ? 131 GLN A C   1 
ATOM   958  O  O   . GLN A 1 133 ? -10.642 3.753   -5.852  1.00 68.96  ? 131 GLN A O   1 
ATOM   959  C  CB  . GLN A 1 133 ? -12.709 3.407   -8.237  1.00 69.83  ? 131 GLN A CB  1 
ATOM   960  C  CG  . GLN A 1 133 ? -13.198 3.076   -9.652  1.00 71.45  ? 131 GLN A CG  1 
ATOM   961  C  CD  . GLN A 1 133 ? -14.546 2.353   -9.683  1.00 72.96  ? 131 GLN A CD  1 
ATOM   962  O  OE1 . GLN A 1 133 ? -14.664 1.269   -10.269 1.00 73.46  ? 131 GLN A OE1 1 
ATOM   963  N  NE2 . GLN A 1 133 ? -15.563 2.942   -9.050  1.00 72.39  ? 131 GLN A NE2 1 
ATOM   964  N  N   . LEU A 1 134 ? -10.926 5.758   -6.826  1.00 68.70  ? 132 LEU A N   1 
ATOM   965  C  CA  . LEU A 1 134 ? -10.630 6.543   -5.635  1.00 69.10  ? 132 LEU A CA  1 
ATOM   966  C  C   . LEU A 1 134 ? -11.947 6.941   -4.972  1.00 68.46  ? 132 LEU A C   1 
ATOM   967  O  O   . LEU A 1 134 ? -12.948 7.128   -5.654  1.00 68.72  ? 132 LEU A O   1 
ATOM   968  C  CB  . LEU A 1 134 ? -9.852  7.815   -6.023  1.00 69.48  ? 132 LEU A CB  1 
ATOM   969  C  CG  . LEU A 1 134 ? -8.858  7.757   -7.192  1.00 70.82  ? 132 LEU A CG  1 
ATOM   970  C  CD1 . LEU A 1 134 ? -8.444  9.171   -7.624  1.00 71.68  ? 132 LEU A CD1 1 
ATOM   971  C  CD2 . LEU A 1 134 ? -7.651  6.885   -6.832  1.00 71.81  ? 132 LEU A CD2 1 
ATOM   972  N  N   . PRO A 1 135 ? -11.948 7.101   -3.647  1.00 67.94  ? 133 PRO A N   1 
ATOM   973  C  CA  . PRO A 1 135 ? -13.185 7.451   -2.955  1.00 67.54  ? 133 PRO A CA  1 
ATOM   974  C  C   . PRO A 1 135 ? -13.714 8.867   -3.272  1.00 67.59  ? 133 PRO A C   1 
ATOM   975  O  O   . PRO A 1 135 ? -12.921 9.805   -3.453  1.00 67.41  ? 133 PRO A O   1 
ATOM   976  C  CB  . PRO A 1 135 ? -12.804 7.330   -1.473  1.00 67.20  ? 133 PRO A CB  1 
ATOM   977  C  CG  . PRO A 1 135 ? -11.332 7.486   -1.437  1.00 67.53  ? 133 PRO A CG  1 
ATOM   978  C  CD  . PRO A 1 135 ? -10.816 6.928   -2.719  1.00 67.88  ? 133 PRO A CD  1 
ATOM   979  N  N   . THR A 1 136 ? -15.046 8.989   -3.345  1.00 66.95  ? 134 THR A N   1 
ATOM   980  C  CA  . THR A 1 136 ? -15.746 10.276  -3.392  1.00 66.30  ? 134 THR A CA  1 
ATOM   981  C  C   . THR A 1 136 ? -15.834 10.794  -1.972  1.00 66.46  ? 134 THR A C   1 
ATOM   982  O  O   . THR A 1 136 ? -15.504 10.077  -1.018  1.00 66.08  ? 134 THR A O   1 
ATOM   983  C  CB  . THR A 1 136 ? -17.199 10.125  -3.897  1.00 66.27  ? 134 THR A CB  1 
ATOM   984  O  OG1 . THR A 1 136 ? -17.922 9.280   -2.989  1.00 65.05  ? 134 THR A OG1 1 
ATOM   985  C  CG2 . THR A 1 136 ? -17.244 9.534   -5.311  1.00 66.00  ? 134 THR A CG2 1 
ATOM   986  N  N   . GLU A 1 137 ? -16.304 12.026  -1.822  1.00 66.73  ? 135 GLU A N   1 
ATOM   987  C  CA  . GLU A 1 137 ? -16.529 12.580  -0.496  1.00 67.74  ? 135 GLU A CA  1 
ATOM   988  C  C   . GLU A 1 137 ? -17.524 11.724  0.336   1.00 66.90  ? 135 GLU A C   1 
ATOM   989  O  O   . GLU A 1 137 ? -17.376 11.573  1.564   1.00 67.18  ? 135 GLU A O   1 
ATOM   990  C  CB  . GLU A 1 137 ? -16.982 14.037  -0.606  1.00 68.37  ? 135 GLU A CB  1 
ATOM   991  C  CG  . GLU A 1 137 ? -16.757 14.845  0.686   1.00 74.45  ? 135 GLU A CG  1 
ATOM   992  C  CD  . GLU A 1 137 ? -15.263 15.102  0.988   1.00 80.15  ? 135 GLU A CD  1 
ATOM   993  O  OE1 . GLU A 1 137 ? -14.671 15.992  0.328   1.00 81.60  ? 135 GLU A OE1 1 
ATOM   994  O  OE2 . GLU A 1 137 ? -14.698 14.423  1.887   1.00 81.53  ? 135 GLU A OE2 1 
ATOM   995  N  N   . ALA A 1 138 ? -18.517 11.153  -0.344  1.00 65.85  ? 136 ALA A N   1 
ATOM   996  C  CA  . ALA A 1 138 ? -19.482 10.248  0.283   1.00 64.67  ? 136 ALA A CA  1 
ATOM   997  C  C   . ALA A 1 138 ? -18.813 8.984   0.819   1.00 63.71  ? 136 ALA A C   1 
ATOM   998  O  O   . ALA A 1 138 ? -19.059 8.573   1.953   1.00 63.41  ? 136 ALA A O   1 
ATOM   999  C  CB  . ALA A 1 138 ? -20.581 9.877   -0.724  1.00 64.67  ? 136 ALA A CB  1 
ATOM   1000 N  N   . ASP A 1 139 ? -17.994 8.369   -0.028  1.00 63.17  ? 137 ASP A N   1 
ATOM   1001 C  CA  . ASP A 1 139 ? -17.206 7.189   0.310   1.00 62.66  ? 137 ASP A CA  1 
ATOM   1002 C  C   . ASP A 1 139 ? -16.369 7.406   1.554   1.00 62.72  ? 137 ASP A C   1 
ATOM   1003 O  O   . ASP A 1 139 ? -16.418 6.585   2.472   1.00 61.70  ? 137 ASP A O   1 
ATOM   1004 C  CB  . ASP A 1 139 ? -16.277 6.833   -0.842  1.00 62.63  ? 137 ASP A CB  1 
ATOM   1005 C  CG  . ASP A 1 139 ? -17.021 6.296   -2.080  1.00 63.29  ? 137 ASP A CG  1 
ATOM   1006 O  OD1 . ASP A 1 139 ? -18.008 5.516   -1.924  1.00 64.05  ? 137 ASP A OD1 1 
ATOM   1007 O  OD2 . ASP A 1 139 ? -16.577 6.628   -3.210  1.00 61.76  ? 137 ASP A OD2 1 
ATOM   1008 N  N   . LEU A 1 140 ? -15.621 8.523   1.583   1.00 63.05  ? 138 LEU A N   1 
ATOM   1009 C  CA  . LEU A 1 140 ? -14.754 8.861   2.721   1.00 63.55  ? 138 LEU A CA  1 
ATOM   1010 C  C   . LEU A 1 140 ? -15.560 8.991   4.003   1.00 63.31  ? 138 LEU A C   1 
ATOM   1011 O  O   . LEU A 1 140 ? -15.167 8.484   5.053   1.00 62.99  ? 138 LEU A O   1 
ATOM   1012 C  CB  . LEU A 1 140 ? -13.923 10.136  2.464   1.00 64.31  ? 138 LEU A CB  1 
ATOM   1013 C  CG  . LEU A 1 140 ? -12.585 10.020  1.695   1.00 66.76  ? 138 LEU A CG  1 
ATOM   1014 C  CD1 . LEU A 1 140 ? -11.965 11.395  1.346   1.00 69.21  ? 138 LEU A CD1 1 
ATOM   1015 C  CD2 . LEU A 1 140 ? -11.574 9.182   2.456   1.00 67.73  ? 138 LEU A CD2 1 
ATOM   1016 N  N   . ALA A 1 141 ? -16.716 9.641   3.905   1.00 63.64  ? 139 ALA A N   1 
ATOM   1017 C  CA  . ALA A 1 141 ? -17.572 9.819   5.068   1.00 63.45  ? 139 ALA A CA  1 
ATOM   1018 C  C   . ALA A 1 141 ? -18.169 8.512   5.612   1.00 63.52  ? 139 ALA A C   1 
ATOM   1019 O  O   . ALA A 1 141 ? -18.315 8.395   6.823   1.00 63.80  ? 139 ALA A O   1 
ATOM   1020 C  CB  . ALA A 1 141 ? -18.633 10.846  4.801   1.00 63.99  ? 139 ALA A CB  1 
HETATM 1021 N  N   . MSE A 1 142 ? -18.486 7.545   4.739   1.00 63.70  ? 140 MSE A N   1 
HETATM 1022 C  CA  A MSE A 1 142 ? -18.966 6.225   5.186   0.70 63.81  ? 140 MSE A CA  1 
HETATM 1023 C  CA  B MSE A 1 142 ? -18.960 6.227   5.190   0.30 64.42  ? 140 MSE A CA  1 
HETATM 1024 C  C   . MSE A 1 142 ? -17.826 5.476   5.868   1.00 64.18  ? 140 MSE A C   1 
HETATM 1025 O  O   . MSE A 1 142 ? -18.030 4.815   6.891   1.00 64.04  ? 140 MSE A O   1 
HETATM 1026 C  CB  A MSE A 1 142 ? -19.541 5.391   4.021   0.70 63.48  ? 140 MSE A CB  1 
HETATM 1027 C  CB  B MSE A 1 142 ? -19.585 5.392   4.049   0.30 64.71  ? 140 MSE A CB  1 
HETATM 1028 C  CG  A MSE A 1 142 ? -20.235 4.076   4.444   0.70 63.09  ? 140 MSE A CG  1 
HETATM 1029 C  CG  B MSE A 1 142 ? -18.626 4.643   3.091   0.30 66.89  ? 140 MSE A CG  1 
HETATM 1030 SE SE  A MSE A 1 142 ? -21.393 3.239   3.054   0.70 62.81  ? 140 MSE A SE  1 
HETATM 1031 SE SE  B MSE A 1 142 ? -17.930 2.893   3.678   0.30 72.71  ? 140 MSE A SE  1 
HETATM 1032 C  CE  A MSE A 1 142 ? -20.006 2.199   2.193   0.70 60.13  ? 140 MSE A CE  1 
HETATM 1033 C  CE  B MSE A 1 142 ? -17.801 2.027   1.944   0.30 71.15  ? 140 MSE A CE  1 
ATOM   1034 N  N   . LEU A 1 143 ? -16.633 5.592   5.282   1.00 64.23  ? 141 LEU A N   1 
ATOM   1035 C  CA  . LEU A 1 143 ? -15.418 5.000   5.817   1.00 64.45  ? 141 LEU A CA  1 
ATOM   1036 C  C   . LEU A 1 143 ? -15.145 5.554   7.208   1.00 64.78  ? 141 LEU A C   1 
ATOM   1037 O  O   . LEU A 1 143 ? -14.964 4.807   8.163   1.00 64.39  ? 141 LEU A O   1 
ATOM   1038 C  CB  . LEU A 1 143 ? -14.256 5.319   4.871   1.00 64.53  ? 141 LEU A CB  1 
ATOM   1039 C  CG  . LEU A 1 143 ? -13.528 4.270   4.033   1.00 62.96  ? 141 LEU A CG  1 
ATOM   1040 C  CD1 . LEU A 1 143 ? -14.164 2.905   4.089   1.00 62.74  ? 141 LEU A CD1 1 
ATOM   1041 C  CD2 . LEU A 1 143 ? -13.353 4.766   2.618   1.00 62.04  ? 141 LEU A CD2 1 
ATOM   1042 N  N   . ARG A 1 144 ? -15.179 6.879   7.304   1.00 65.76  ? 142 ARG A N   1 
ATOM   1043 C  CA  . ARG A 1 144 ? -14.880 7.601   8.542   1.00 67.12  ? 142 ARG A CA  1 
ATOM   1044 C  C   . ARG A 1 144 ? -15.876 7.412   9.696   1.00 67.58  ? 142 ARG A C   1 
ATOM   1045 O  O   . ARG A 1 144 ? -15.557 7.764   10.850  1.00 67.60  ? 142 ARG A O   1 
ATOM   1046 C  CB  . ARG A 1 144 ? -14.687 9.089   8.238   1.00 67.33  ? 142 ARG A CB  1 
ATOM   1047 C  CG  . ARG A 1 144 ? -13.431 9.355   7.436   1.00 68.06  ? 142 ARG A CG  1 
ATOM   1048 C  CD  . ARG A 1 144 ? -13.065 10.829  7.423   1.00 71.01  ? 142 ARG A CD  1 
ATOM   1049 N  NE  . ARG A 1 144 ? -11.623 10.942  7.266   1.00 73.79  ? 142 ARG A NE  1 
ATOM   1050 C  CZ  . ARG A 1 144 ? -10.755 11.044  8.275   1.00 74.85  ? 142 ARG A CZ  1 
ATOM   1051 N  NH1 . ARG A 1 144 ? -11.178 11.095  9.545   1.00 71.83  ? 142 ARG A NH1 1 
ATOM   1052 N  NH2 . ARG A 1 144 ? -9.454  11.112  8.000   1.00 75.56  ? 142 ARG A NH2 1 
ATOM   1053 N  N   . ALA A 1 145 ? -17.065 6.878   9.382   1.00 67.60  ? 143 ALA A N   1 
ATOM   1054 C  CA  . ALA A 1 145 ? -18.064 6.504   10.393  1.00 68.29  ? 143 ALA A CA  1 
ATOM   1055 C  C   . ALA A 1 145 ? -17.562 5.415   11.345  1.00 68.58  ? 143 ALA A C   1 
ATOM   1056 O  O   . ALA A 1 145 ? -18.061 5.293   12.464  1.00 68.96  ? 143 ALA A O   1 
ATOM   1057 C  CB  . ALA A 1 145 ? -19.384 6.060   9.725   1.00 68.45  ? 143 ALA A CB  1 
ATOM   1058 N  N   . ASP A 1 146 ? -16.600 4.608   10.903  1.00 68.72  ? 144 ASP A N   1 
ATOM   1059 C  CA  . ASP A 1 146 ? -15.918 3.708   11.834  1.00 69.72  ? 144 ASP A CA  1 
ATOM   1060 C  C   . ASP A 1 146 ? -14.767 4.460   12.533  1.00 69.34  ? 144 ASP A C   1 
ATOM   1061 O  O   . ASP A 1 146 ? -14.066 5.255   11.911  1.00 69.22  ? 144 ASP A O   1 
ATOM   1062 C  CB  . ASP A 1 146 ? -15.422 2.436   11.137  1.00 70.00  ? 144 ASP A CB  1 
ATOM   1063 C  CG  . ASP A 1 146 ? -15.007 1.348   12.131  1.00 73.40  ? 144 ASP A CG  1 
ATOM   1064 O  OD1 . ASP A 1 146 ? -15.569 0.226   12.058  1.00 77.35  ? 144 ASP A OD1 1 
ATOM   1065 O  OD2 . ASP A 1 146 ? -14.128 1.602   12.997  1.00 76.11  ? 144 ASP A OD2 1 
ATOM   1066 N  N   . ASP A 1 147 ? -14.588 4.208   13.826  1.00 68.99  ? 145 ASP A N   1 
ATOM   1067 C  CA  . ASP A 1 147 ? -13.630 4.970   14.617  1.00 68.85  ? 145 ASP A CA  1 
ATOM   1068 C  C   . ASP A 1 147 ? -12.186 4.565   14.340  1.00 67.84  ? 145 ASP A C   1 
ATOM   1069 O  O   . ASP A 1 147 ? -11.326 5.426   14.216  1.00 67.72  ? 145 ASP A O   1 
ATOM   1070 C  CB  . ASP A 1 147 ? -13.945 4.856   16.108  1.00 69.47  ? 145 ASP A CB  1 
ATOM   1071 C  CG  . ASP A 1 147 ? -15.093 5.770   16.543  1.00 71.55  ? 145 ASP A CG  1 
ATOM   1072 O  OD1 . ASP A 1 147 ? -15.453 6.723   15.799  1.00 72.42  ? 145 ASP A OD1 1 
ATOM   1073 O  OD2 . ASP A 1 147 ? -15.619 5.531   17.653  1.00 73.36  ? 145 ASP A OD2 1 
ATOM   1074 N  N   . ALA A 1 148 ? -11.937 3.261   14.235  1.00 66.56  ? 146 ALA A N   1 
ATOM   1075 C  CA  . ALA A 1 148 ? -10.609 2.742   13.917  1.00 65.44  ? 146 ALA A CA  1 
ATOM   1076 C  C   . ALA A 1 148 ? -10.168 3.150   12.508  1.00 64.65  ? 146 ALA A C   1 
ATOM   1077 O  O   . ALA A 1 148 ? -9.001  3.433   12.288  1.00 64.29  ? 146 ALA A O   1 
ATOM   1078 C  CB  . ALA A 1 148 ? -10.555 1.224   14.096  1.00 65.33  ? 146 ALA A CB  1 
ATOM   1079 N  N   . VAL A 1 149 ? -11.116 3.213   11.570  1.00 63.81  ? 147 VAL A N   1 
ATOM   1080 C  CA  . VAL A 1 149 ? -10.834 3.618   10.187  1.00 62.56  ? 147 VAL A CA  1 
ATOM   1081 C  C   . VAL A 1 149 ? -10.452 5.092   10.095  1.00 62.24  ? 147 VAL A C   1 
ATOM   1082 O  O   . VAL A 1 149 ? -9.473  5.436   9.445   1.00 62.14  ? 147 VAL A O   1 
ATOM   1083 C  CB  . VAL A 1 149 ? -12.038 3.292   9.235   1.00 62.80  ? 147 VAL A CB  1 
ATOM   1084 C  CG1 . VAL A 1 149 ? -11.839 3.902   7.834   1.00 60.68  ? 147 VAL A CG1 1 
ATOM   1085 C  CG2 . VAL A 1 149 ? -12.254 1.788   9.153   1.00 62.23  ? 147 VAL A CG2 1 
ATOM   1086 N  N   . ALA A 1 150 ? -11.241 5.953   10.734  1.00 62.29  ? 148 ALA A N   1 
ATOM   1087 C  CA  . ALA A 1 150 ? -10.938 7.375   10.857  1.00 62.32  ? 148 ALA A CA  1 
ATOM   1088 C  C   . ALA A 1 150 ? -9.579  7.558   11.563  1.00 62.66  ? 148 ALA A C   1 
ATOM   1089 O  O   . ALA A 1 150 ? -8.760  8.350   11.116  1.00 63.00  ? 148 ALA A O   1 
ATOM   1090 C  CB  . ALA A 1 150 ? -12.066 8.114   11.612  1.00 61.89  ? 148 ALA A CB  1 
ATOM   1091 N  N   . ALA A 1 151 ? -9.337  6.804   12.639  1.00 62.75  ? 149 ALA A N   1 
ATOM   1092 C  CA  . ALA A 1 151 ? -8.059  6.851   13.353  1.00 63.18  ? 149 ALA A CA  1 
ATOM   1093 C  C   . ALA A 1 151 ? -6.898  6.480   12.411  1.00 63.60  ? 149 ALA A C   1 
ATOM   1094 O  O   . ALA A 1 151 ? -5.853  7.128   12.403  1.00 63.99  ? 149 ALA A O   1 
ATOM   1095 C  CB  . ALA A 1 151 ? -8.089  5.938   14.595  1.00 62.64  ? 149 ALA A CB  1 
ATOM   1096 N  N   . PHE A 1 152 ? -7.106  5.453   11.593  1.00 63.60  ? 150 PHE A N   1 
ATOM   1097 C  CA  . PHE A 1 152 ? -6.101  5.003   10.631  1.00 63.22  ? 150 PHE A CA  1 
ATOM   1098 C  C   . PHE A 1 152 ? -5.823  6.080   9.584   1.00 63.87  ? 150 PHE A C   1 
ATOM   1099 O  O   . PHE A 1 152 ? -4.668  6.341   9.272   1.00 64.22  ? 150 PHE A O   1 
ATOM   1100 C  CB  . PHE A 1 152 ? -6.565  3.696   9.972   1.00 62.40  ? 150 PHE A CB  1 
ATOM   1101 C  CG  . PHE A 1 152 ? -5.741  3.270   8.792   1.00 60.19  ? 150 PHE A CG  1 
ATOM   1102 C  CD1 . PHE A 1 152 ? -4.672  2.397   8.957   1.00 58.44  ? 150 PHE A CD1 1 
ATOM   1103 C  CD2 . PHE A 1 152 ? -6.054  3.716   7.516   1.00 58.10  ? 150 PHE A CD2 1 
ATOM   1104 C  CE1 . PHE A 1 152 ? -3.909  1.993   7.876   1.00 57.76  ? 150 PHE A CE1 1 
ATOM   1105 C  CE2 . PHE A 1 152 ? -5.297  3.327   6.423   1.00 58.47  ? 150 PHE A CE2 1 
ATOM   1106 C  CZ  . PHE A 1 152 ? -4.213  2.453   6.607   1.00 57.54  ? 150 PHE A CZ  1 
ATOM   1107 N  N   . LEU A 1 153 ? -6.880  6.703   9.062   1.00 64.72  ? 151 LEU A N   1 
ATOM   1108 C  CA  . LEU A 1 153 ? -6.768  7.677   7.981   1.00 65.57  ? 151 LEU A CA  1 
ATOM   1109 C  C   . LEU A 1 153 ? -6.213  9.010   8.470   1.00 66.78  ? 151 LEU A C   1 
ATOM   1110 O  O   . LEU A 1 153 ? -5.726  9.814   7.682   1.00 66.62  ? 151 LEU A O   1 
ATOM   1111 C  CB  . LEU A 1 153 ? -8.115  7.883   7.292   1.00 64.89  ? 151 LEU A CB  1 
ATOM   1112 C  CG  . LEU A 1 153 ? -8.712  6.689   6.541   1.00 64.88  ? 151 LEU A CG  1 
ATOM   1113 C  CD1 . LEU A 1 153 ? -10.148 6.981   6.149   1.00 61.41  ? 151 LEU A CD1 1 
ATOM   1114 C  CD2 . LEU A 1 153 ? -7.883  6.310   5.307   1.00 63.05  ? 151 LEU A CD2 1 
ATOM   1115 N  N   . ASP A 1 154 ? -6.306  9.228   9.778   1.00 68.60  ? 152 ASP A N   1 
ATOM   1116 C  CA  . ASP A 1 154 ? -5.756  10.414  10.432  1.00 70.40  ? 152 ASP A CA  1 
ATOM   1117 C  C   . ASP A 1 154 ? -4.271  10.229  10.798  1.00 71.00  ? 152 ASP A C   1 
ATOM   1118 O  O   . ASP A 1 154 ? -3.628  11.159  11.268  1.00 71.38  ? 152 ASP A O   1 
ATOM   1119 C  CB  . ASP A 1 154 ? -6.589  10.763  11.687  1.00 70.70  ? 152 ASP A CB  1 
ATOM   1120 C  CG  . ASP A 1 154 ? -7.949  11.417  11.355  1.00 71.47  ? 152 ASP A CG  1 
ATOM   1121 O  OD1 . ASP A 1 154 ? -8.077  12.062  10.294  1.00 71.31  ? 152 ASP A OD1 1 
ATOM   1122 O  OD2 . ASP A 1 154 ? -8.891  11.299  12.180  1.00 72.92  ? 152 ASP A OD2 1 
ATOM   1123 N  N   . GLY A 1 155 ? -3.735  9.032   10.573  1.00 71.72  ? 153 GLY A N   1 
ATOM   1124 C  CA  . GLY A 1 155 ? -2.330  8.733   10.861  1.00 72.07  ? 153 GLY A CA  1 
ATOM   1125 C  C   . GLY A 1 155 ? -2.102  8.252   12.286  1.00 72.61  ? 153 GLY A C   1 
ATOM   1126 O  O   . GLY A 1 155 ? -0.969  8.212   12.763  1.00 72.68  ? 153 GLY A O   1 
ATOM   1127 N  N   . LEU A 1 156 ? -3.168  7.846   12.964  1.00 72.67  ? 154 LEU A N   1 
ATOM   1128 C  CA  . LEU A 1 156 ? -3.086  7.599   14.395  1.00 73.20  ? 154 LEU A CA  1 
ATOM   1129 C  C   . LEU A 1 156 ? -3.256  6.145   14.802  1.00 73.45  ? 154 LEU A C   1 
ATOM   1130 O  O   . LEU A 1 156 ? -3.572  5.861   15.967  1.00 74.03  ? 154 LEU A O   1 
ATOM   1131 C  CB  . LEU A 1 156 ? -4.126  8.456   15.124  1.00 73.29  ? 154 LEU A CB  1 
ATOM   1132 C  CG  . LEU A 1 156 ? -3.893  9.967   15.176  1.00 74.54  ? 154 LEU A CG  1 
ATOM   1133 C  CD1 . LEU A 1 156 ? -5.235  10.691  15.205  1.00 74.87  ? 154 LEU A CD1 1 
ATOM   1134 C  CD2 . LEU A 1 156 ? -3.002  10.362  16.390  1.00 75.70  ? 154 LEU A CD2 1 
ATOM   1135 N  N   . ALA A 1 157 ? -3.038  5.212   13.882  1.00 73.49  ? 155 ALA A N   1 
ATOM   1136 C  CA  . ALA A 1 157 ? -3.312  3.806   14.214  1.00 73.91  ? 155 ALA A CA  1 
ATOM   1137 C  C   . ALA A 1 157 ? -2.340  3.160   15.238  1.00 74.38  ? 155 ALA A C   1 
ATOM   1138 O  O   . ALA A 1 157 ? -2.699  2.166   15.877  1.00 74.33  ? 155 ALA A O   1 
ATOM   1139 C  CB  . ALA A 1 157 ? -3.481  2.952   12.945  1.00 73.37  ? 155 ALA A CB  1 
ATOM   1140 N  N   . GLY A 1 158 ? -1.147  3.745   15.413  1.00 74.99  ? 156 GLY A N   1 
ATOM   1141 C  CA  . GLY A 1 158 ? -0.130  3.250   16.373  1.00 76.04  ? 156 GLY A CA  1 
ATOM   1142 C  C   . GLY A 1 158 ? -0.357  3.571   17.851  1.00 76.48  ? 156 GLY A C   1 
ATOM   1143 O  O   . GLY A 1 158 ? -1.039  4.554   18.205  1.00 77.26  ? 156 GLY A O   1 
HETATM 1144 MN MN  . MN  B 2 .   ? -5.272  -1.764  -5.298  1.00 78.47  ? 200 MN  A MN  1 
HETATM 1145 O  O   . HOH C 3 .   ? -0.151  3.504   -4.676  1.00 62.84  ? 165 HOH A O   1 
HETATM 1146 O  O   . HOH C 3 .   ? -9.213  -5.473  -3.981  1.00 53.40  ? 166 HOH A O   1 
HETATM 1147 O  O   . HOH C 3 .   ? 9.808   -0.742  -4.881  1.00 48.15  ? 167 HOH A O   1 
HETATM 1148 O  O   . HOH C 3 .   ? 9.719   -2.823  -12.408 1.00 49.97  ? 168 HOH A O   1 
HETATM 1149 O  O   . HOH C 3 .   ? 15.284  0.990   6.960   1.00 50.96  ? 169 HOH A O   1 
HETATM 1150 O  O   . HOH C 3 .   ? 13.038  -8.074  5.531   1.00 48.34  ? 170 HOH A O   1 
HETATM 1151 O  O   . HOH C 3 .   ? 16.001  15.394  7.493   1.00 65.63  ? 171 HOH A O   1 
HETATM 1152 O  O   . HOH C 3 .   ? -5.230  7.974   -0.600  1.00 49.73  ? 172 HOH A O   1 
HETATM 1153 O  O   . HOH C 3 .   ? 11.518  2.980   -2.187  1.00 58.49  ? 173 HOH A O   1 
HETATM 1154 O  O   . HOH C 3 .   ? -14.566 -1.856  1.878   1.00 52.18  ? 174 HOH A O   1 
HETATM 1155 O  O   . HOH C 3 .   ? 10.897  -7.833  -13.711 1.00 60.98  ? 175 HOH A O   1 
HETATM 1156 O  O   . HOH C 3 .   ? 11.786  -4.858  -15.015 1.00 67.73  ? 176 HOH A O   1 
# 
